data_8U4I
#
_entry.id   8U4I
#
loop_
_entity.id
_entity.type
_entity.pdbx_description
1 polymer 'Receptor tyrosine-protein kinase erbB-4'
2 polymer 'Isoform 6 of Pro-neuregulin-1, membrane-bound isoform'
3 branched beta-D-mannopyranose-(1-4)-2-acetamido-2-deoxy-beta-D-glucopyranose-(1-4)-2-acetamido-2-deoxy-beta-D-glucopyranose
4 branched alpha-D-mannopyranose-(1-3)-[alpha-D-mannopyranose-(1-6)]beta-D-mannopyranose-(1-4)-2-acetamido-2-deoxy-beta-D-glucopyranose-(1-4)-2-acetamido-2-deoxy-beta-D-glucopyranose
5 branched 2-acetamido-2-deoxy-beta-D-glucopyranose-(1-4)-2-acetamido-2-deoxy-beta-D-glucopyranose
6 branched alpha-D-mannopyranose-(1-6)-beta-D-mannopyranose-(1-4)-2-acetamido-2-deoxy-beta-D-glucopyranose-(1-4)-2-acetamido-2-deoxy-beta-D-glucopyranose
7 non-polymer 2-acetamido-2-deoxy-beta-D-glucopyranose
#
loop_
_entity_poly.entity_id
_entity_poly.type
_entity_poly.pdbx_seq_one_letter_code
_entity_poly.pdbx_strand_id
1 'polypeptide(L)'
;QSVCAGTENKLSSLSDLEQQYRALRKYYENCEVVMGNLEITSIEHNRDLSFLRSVREVTGYVLVALNQFRYLPLENLRII
RGTKLYEDRYALAIFLNYRKDGNFGLQELGLKNLTEILNGGVYVDQNKFLCYADTIHWQDIVRNPWPSNLTLVSTNGSSG
CGRCHKSCTGRCWGPTENHCQTLTRTVCAEQCDGRCYGPYVSDCCHRECAGGCSGPKDTDCFACMNFNDSGACVTQCPQT
FVYNPTTFQLEHNFNAKYTYGAFCVKKCPHNFVVDSSSCVRACPSSKMEVEENGIKMCKPCTDICPKACDGIGTGSLMSA
QTVDSSNIDKFINCTKINGNLIFLVTGIHGDPYNAIEAIDPEKLNVFRTVREITGFLNIQSWPPNMTDFSVFSNLVTIGG
RVLYSGLSLLILKQQGITSLQFQSLKEISAGNIYITDNSNLCYYHTINWTTLFSTINQRIVIRDNRKAENCTAEGMVCNH
LCSSDGCWGPGPDQCLSCRRFSRGRICIESCNLYDGEFREFENGSICVECDPQCEKMEDGLLTCHGPGPDNCTKCSHFKD
GPNCVEKCPDGLQGANSFIFKYADPDRECHPCHPNCTQGCNGPTSHDCIY
;
A,B
2 'polypeptide(L)' SHLVKCAEKEKTFCVNGGECFMVKDLSNPSRYLCKCPNEFTGDRCQNYVMAS C,D
#
loop_
_chem_comp.id
_chem_comp.type
_chem_comp.name
_chem_comp.formula
BMA D-saccharide, beta linking beta-D-mannopyranose 'C6 H12 O6'
MAN D-saccharide, alpha linking alpha-D-mannopyranose 'C6 H12 O6'
NAG D-saccharide, beta linking 2-acetamido-2-deoxy-beta-D-glucopyranose 'C8 H15 N O6'
#
# COMPACT_ATOMS: atom_id res chain seq x y z
N GLN A 1 -1.65 27.79 14.82
CA GLN A 1 -2.60 28.77 14.31
C GLN A 1 -4.02 28.53 14.88
N SER A 2 -4.73 29.59 15.28
CA SER A 2 -6.07 29.48 15.88
C SER A 2 -7.14 29.06 14.85
N VAL A 3 -7.85 27.96 15.14
CA VAL A 3 -8.87 27.35 14.28
C VAL A 3 -10.24 27.35 14.98
N CYS A 4 -11.29 27.68 14.25
CA CYS A 4 -12.68 27.64 14.73
C CYS A 4 -13.57 26.85 13.76
N ALA A 5 -14.60 26.19 14.26
CA ALA A 5 -15.41 25.24 13.50
C ALA A 5 -16.54 25.86 12.64
N GLY A 6 -16.82 27.16 12.78
CA GLY A 6 -17.82 27.85 11.97
C GLY A 6 -19.24 27.36 12.21
N THR A 7 -20.16 27.58 11.27
CA THR A 7 -21.57 27.19 11.39
C THR A 7 -22.12 26.59 10.11
N GLU A 8 -23.31 25.99 10.19
CA GLU A 8 -24.03 25.40 9.05
C GLU A 8 -25.55 25.59 9.20
N ASN A 9 -26.03 26.84 9.32
CA ASN A 9 -27.45 27.16 9.47
C ASN A 9 -28.03 28.09 8.40
N LYS A 10 -27.31 28.32 7.32
CA LYS A 10 -27.80 29.11 6.17
C LYS A 10 -28.47 30.39 6.66
N LEU A 11 -29.63 30.77 6.15
CA LEU A 11 -30.25 32.06 6.47
C LEU A 11 -30.99 32.11 7.83
N SER A 12 -31.12 31.00 8.56
CA SER A 12 -31.84 30.97 9.84
C SER A 12 -31.10 31.75 10.93
N SER A 13 -31.80 32.19 11.98
CA SER A 13 -31.22 33.01 13.05
C SER A 13 -31.95 32.84 14.37
N LEU A 14 -31.39 33.37 15.45
CA LEU A 14 -32.13 33.50 16.71
C LEU A 14 -33.12 34.67 16.59
N SER A 15 -34.30 34.57 17.20
CA SER A 15 -35.32 35.62 17.15
C SER A 15 -34.88 36.89 17.86
N ASP A 16 -33.99 36.79 18.85
CA ASP A 16 -33.46 37.91 19.62
C ASP A 16 -32.18 38.46 18.97
N LEU A 17 -32.23 39.70 18.46
CA LEU A 17 -31.10 40.27 17.72
C LEU A 17 -29.84 40.51 18.57
N GLU A 18 -29.98 40.66 19.89
CA GLU A 18 -28.82 40.76 20.79
C GLU A 18 -28.11 39.41 20.94
N GLN A 19 -28.87 38.31 21.02
CA GLN A 19 -28.30 36.98 21.09
C GLN A 19 -27.67 36.55 19.77
N GLN A 20 -28.21 36.99 18.63
CA GLN A 20 -27.59 36.71 17.33
C GLN A 20 -26.24 37.43 17.20
N TYR A 21 -26.10 38.68 17.64
CA TYR A 21 -24.79 39.32 17.70
C TYR A 21 -23.82 38.63 18.66
N ARG A 22 -24.25 38.28 19.88
CA ARG A 22 -23.37 37.57 20.83
C ARG A 22 -22.92 36.21 20.31
N ALA A 23 -23.79 35.45 19.64
CA ALA A 23 -23.41 34.18 19.03
C ALA A 23 -22.35 34.37 17.95
N LEU A 24 -22.46 35.40 17.10
CA LEU A 24 -21.45 35.68 16.09
C LEU A 24 -20.06 35.91 16.72
N ARG A 25 -19.98 36.66 17.84
CA ARG A 25 -18.73 36.82 18.57
C ARG A 25 -18.20 35.48 19.07
N LYS A 26 -19.04 34.65 19.70
CA LYS A 26 -18.61 33.36 20.27
C LYS A 26 -18.07 32.37 19.24
N TYR A 27 -18.55 32.36 18.00
CA TYR A 27 -18.09 31.43 16.97
C TYR A 27 -16.79 31.87 16.30
N TYR A 28 -16.67 33.16 15.94
CA TYR A 28 -15.63 33.62 15.02
C TYR A 28 -14.61 34.59 15.62
N GLU A 29 -14.72 34.98 16.88
CA GLU A 29 -13.75 35.87 17.52
C GLU A 29 -12.40 35.16 17.80
N ASN A 30 -11.28 35.82 17.49
CA ASN A 30 -9.91 35.32 17.74
C ASN A 30 -9.57 33.97 17.06
N CYS A 31 -10.04 33.77 15.83
CA CYS A 31 -9.62 32.64 14.99
C CYS A 31 -9.24 33.11 13.58
N GLU A 32 -8.39 32.32 12.90
CA GLU A 32 -7.83 32.67 11.61
C GLU A 32 -8.24 31.75 10.49
N VAL A 33 -8.39 30.45 10.78
CA VAL A 33 -8.84 29.46 9.81
C VAL A 33 -10.22 28.99 10.23
N VAL A 34 -11.22 29.31 9.41
CA VAL A 34 -12.62 28.95 9.69
C VAL A 34 -12.89 27.63 9.01
N MET A 35 -12.99 26.54 9.76
CA MET A 35 -13.54 25.30 9.18
C MET A 35 -15.06 25.40 9.09
N GLY A 36 -15.70 24.62 8.22
CA GLY A 36 -17.12 24.85 7.92
C GLY A 36 -17.32 26.19 7.20
N ASN A 37 -18.43 26.87 7.43
CA ASN A 37 -18.77 28.12 6.74
C ASN A 37 -18.66 29.36 7.62
N LEU A 38 -18.42 30.50 6.98
CA LEU A 38 -18.53 31.81 7.59
C LEU A 38 -19.83 32.43 7.11
N GLU A 39 -20.76 32.73 8.00
CA GLU A 39 -22.06 33.24 7.59
C GLU A 39 -22.61 34.25 8.59
N ILE A 40 -22.84 35.47 8.12
CA ILE A 40 -23.22 36.65 8.89
C ILE A 40 -24.63 37.07 8.46
N THR A 41 -25.64 36.92 9.30
CA THR A 41 -27.02 37.29 8.96
C THR A 41 -27.71 38.11 10.03
N SER A 42 -28.61 38.98 9.58
CA SER A 42 -29.48 39.82 10.41
C SER A 42 -28.80 40.70 11.46
N ILE A 43 -27.55 41.10 11.27
CA ILE A 43 -26.82 41.98 12.21
C ILE A 43 -27.27 43.45 12.07
N GLU A 44 -27.53 44.11 13.20
CA GLU A 44 -27.98 45.51 13.28
C GLU A 44 -26.90 46.55 12.95
N HIS A 45 -27.33 47.74 12.55
CA HIS A 45 -26.46 48.90 12.31
C HIS A 45 -25.78 49.39 13.59
N ASN A 46 -24.60 50.00 13.44
CA ASN A 46 -23.75 50.51 14.54
C ASN A 46 -23.20 49.44 15.52
N ARG A 47 -23.18 48.16 15.15
CA ARG A 47 -22.52 47.08 15.90
C ARG A 47 -21.02 47.00 15.57
N ASP A 48 -20.20 46.61 16.55
CA ASP A 48 -18.76 46.43 16.36
C ASP A 48 -18.43 45.06 15.73
N LEU A 49 -18.02 45.04 14.45
CA LEU A 49 -17.59 43.83 13.75
C LEU A 49 -16.07 43.75 13.51
N SER A 50 -15.27 44.56 14.20
CA SER A 50 -13.82 44.60 14.01
C SER A 50 -13.11 43.29 14.36
N PHE A 51 -13.72 42.43 15.18
CA PHE A 51 -13.17 41.10 15.50
C PHE A 51 -13.08 40.15 14.29
N LEU A 52 -13.83 40.38 13.21
CA LEU A 52 -13.78 39.53 12.01
C LEU A 52 -12.48 39.71 11.21
N ARG A 53 -11.69 40.75 11.48
CA ARG A 53 -10.42 40.99 10.79
C ARG A 53 -9.36 39.89 11.01
N SER A 54 -9.50 39.03 12.01
CA SER A 54 -8.55 37.94 12.23
C SER A 54 -8.69 36.81 11.21
N VAL A 55 -9.79 36.73 10.45
CA VAL A 55 -10.03 35.61 9.51
C VAL A 55 -9.15 35.75 8.27
N ARG A 56 -8.44 34.69 7.90
CA ARG A 56 -7.59 34.62 6.69
C ARG A 56 -8.00 33.52 5.72
N GLU A 57 -8.55 32.41 6.20
CA GLU A 57 -8.97 31.30 5.37
C GLU A 57 -10.34 30.77 5.78
N VAL A 58 -11.22 30.53 4.81
CA VAL A 58 -12.53 29.91 5.01
C VAL A 58 -12.60 28.62 4.21
N THR A 59 -12.93 27.49 4.82
CA THR A 59 -12.95 26.19 4.13
C THR A 59 -14.15 26.01 3.21
N GLY A 60 -15.36 26.33 3.67
CA GLY A 60 -16.60 26.23 2.90
C GLY A 60 -16.93 27.51 2.14
N TYR A 61 -18.15 28.01 2.26
CA TYR A 61 -18.58 29.25 1.63
C TYR A 61 -18.65 30.41 2.63
N VAL A 62 -18.68 31.64 2.11
CA VAL A 62 -18.92 32.88 2.85
C VAL A 62 -20.29 33.40 2.46
N LEU A 63 -21.18 33.64 3.42
CA LEU A 63 -22.54 34.13 3.19
C LEU A 63 -22.79 35.39 4.01
N VAL A 64 -23.21 36.48 3.38
CA VAL A 64 -23.57 37.74 4.05
C VAL A 64 -24.94 38.16 3.54
N ALA A 65 -25.97 38.07 4.37
CA ALA A 65 -27.33 38.36 3.92
C ALA A 65 -28.21 39.04 4.96
N LEU A 66 -29.09 39.93 4.50
CA LEU A 66 -30.08 40.65 5.31
C LEU A 66 -29.51 41.54 6.44
N ASN A 67 -28.25 41.98 6.39
CA ASN A 67 -27.63 42.79 7.43
C ASN A 67 -27.81 44.30 7.24
N GLN A 68 -27.67 45.08 8.32
CA GLN A 68 -27.85 46.53 8.30
C GLN A 68 -26.55 47.35 8.41
N PHE A 69 -25.40 46.74 8.69
CA PHE A 69 -24.12 47.44 8.93
C PHE A 69 -23.49 48.03 7.66
N ARG A 70 -22.73 49.13 7.80
CA ARG A 70 -22.16 49.89 6.67
C ARG A 70 -20.96 49.24 5.98
N TYR A 71 -20.06 48.64 6.75
CA TYR A 71 -18.77 48.11 6.31
C TYR A 71 -18.60 46.64 6.73
N LEU A 72 -18.11 45.79 5.82
CA LEU A 72 -17.80 44.38 6.09
C LEU A 72 -16.28 44.18 6.36
N PRO A 73 -15.78 44.18 7.60
CA PRO A 73 -14.36 44.24 7.91
C PRO A 73 -13.61 42.89 7.81
N LEU A 74 -13.65 42.21 6.66
CA LEU A 74 -12.83 41.02 6.40
C LEU A 74 -11.51 41.34 5.71
N GLU A 75 -10.73 42.29 6.25
CA GLU A 75 -9.58 42.90 5.55
C GLU A 75 -8.41 41.94 5.31
N ASN A 76 -8.26 40.90 6.13
CA ASN A 76 -7.21 39.89 5.99
C ASN A 76 -7.66 38.60 5.28
N LEU A 77 -8.89 38.46 4.82
CA LEU A 77 -9.33 37.24 4.15
C LEU A 77 -8.56 37.06 2.84
N ARG A 78 -7.91 35.92 2.63
CA ARG A 78 -7.05 35.66 1.46
C ARG A 78 -7.66 34.65 0.49
N ILE A 79 -8.25 33.58 1.00
CA ILE A 79 -8.73 32.45 0.21
C ILE A 79 -10.05 31.88 0.76
N ILE A 80 -10.96 31.51 -0.14
CA ILE A 80 -12.15 30.71 0.17
C ILE A 80 -12.01 29.38 -0.56
N ARG A 81 -11.98 28.25 0.15
CA ARG A 81 -11.72 26.95 -0.50
C ARG A 81 -12.93 26.38 -1.20
N GLY A 82 -14.15 26.69 -0.78
CA GLY A 82 -15.37 26.26 -1.45
C GLY A 82 -15.64 24.75 -1.36
N THR A 83 -15.30 24.09 -0.26
CA THR A 83 -15.57 22.63 -0.11
C THR A 83 -17.05 22.29 -0.02
N LYS A 84 -17.88 23.27 0.35
CA LYS A 84 -19.35 23.28 0.33
C LYS A 84 -19.79 24.62 -0.26
N LEU A 85 -20.86 24.68 -1.02
CA LEU A 85 -21.31 25.92 -1.68
C LEU A 85 -22.73 26.29 -1.24
N TYR A 86 -23.02 27.59 -1.14
CA TYR A 86 -24.38 28.07 -0.89
C TYR A 86 -25.26 27.77 -2.10
N GLU A 87 -26.42 27.15 -1.89
CA GLU A 87 -27.29 26.58 -2.93
C GLU A 87 -26.59 25.56 -3.85
N ASP A 88 -25.48 24.94 -3.43
CA ASP A 88 -24.63 24.10 -4.29
C ASP A 88 -24.00 24.82 -5.49
N ARG A 89 -23.97 26.17 -5.52
CA ARG A 89 -23.44 26.97 -6.64
C ARG A 89 -22.40 28.00 -6.23
N TYR A 90 -22.59 28.69 -5.12
CA TYR A 90 -21.83 29.90 -4.80
C TYR A 90 -20.89 29.71 -3.61
N ALA A 91 -19.62 30.08 -3.78
CA ALA A 91 -18.65 30.11 -2.69
C ALA A 91 -18.73 31.42 -1.92
N LEU A 92 -19.06 32.54 -2.56
CA LEU A 92 -19.27 33.82 -1.91
C LEU A 92 -20.63 34.38 -2.30
N ALA A 93 -21.54 34.59 -1.34
CA ALA A 93 -22.88 35.07 -1.58
C ALA A 93 -23.20 36.28 -0.70
N ILE A 94 -23.44 37.45 -1.29
CA ILE A 94 -23.75 38.70 -0.58
C ILE A 94 -25.06 39.25 -1.13
N PHE A 95 -26.13 39.33 -0.34
CA PHE A 95 -27.41 39.82 -0.85
C PHE A 95 -28.38 40.44 0.16
N LEU A 96 -29.27 41.31 -0.33
CA LEU A 96 -30.33 41.96 0.44
C LEU A 96 -29.87 42.75 1.68
N ASN A 97 -28.63 43.25 1.74
CA ASN A 97 -28.09 43.89 2.95
C ASN A 97 -28.46 45.37 3.11
N TYR A 98 -29.75 45.69 3.22
CA TYR A 98 -30.26 47.05 3.42
C TYR A 98 -31.69 47.06 3.99
N ARG A 99 -32.15 48.20 4.53
CA ARG A 99 -33.54 48.42 4.97
C ARG A 99 -34.30 49.23 3.93
N LYS A 100 -35.32 48.65 3.25
CA LYS A 100 -36.07 49.35 2.19
C LYS A 100 -36.96 50.48 2.70
N ASP A 101 -37.25 50.49 4.00
CA ASP A 101 -38.06 51.49 4.71
C ASP A 101 -37.23 52.67 5.29
N GLY A 102 -35.94 52.75 5.00
CA GLY A 102 -35.03 53.79 5.49
C GLY A 102 -33.76 53.89 4.66
N ASN A 103 -32.65 54.29 5.28
CA ASN A 103 -31.36 54.52 4.61
C ASN A 103 -30.18 53.69 5.16
N PHE A 104 -30.41 52.64 5.94
CA PHE A 104 -29.34 51.75 6.41
C PHE A 104 -29.01 50.67 5.37
N GLY A 105 -27.75 50.25 5.31
CA GLY A 105 -27.33 49.12 4.49
C GLY A 105 -25.82 49.03 4.28
N LEU A 106 -25.38 47.96 3.64
CA LEU A 106 -23.97 47.69 3.34
C LEU A 106 -23.47 48.49 2.15
N GLN A 107 -22.37 49.24 2.32
CA GLN A 107 -21.84 50.19 1.33
C GLN A 107 -20.49 49.78 0.75
N GLU A 108 -19.59 49.28 1.59
CA GLU A 108 -18.21 48.96 1.23
C GLU A 108 -17.83 47.57 1.70
N LEU A 109 -17.14 46.79 0.87
CA LEU A 109 -16.64 45.46 1.24
C LEU A 109 -15.14 45.53 1.55
N GLY A 110 -14.74 45.20 2.77
CA GLY A 110 -13.34 45.17 3.18
C GLY A 110 -12.67 43.89 2.73
N LEU A 111 -12.71 43.59 1.43
CA LEU A 111 -12.22 42.34 0.86
C LEU A 111 -10.93 42.48 0.02
N LYS A 112 -10.15 43.56 0.13
CA LYS A 112 -8.97 43.78 -0.74
C LYS A 112 -7.84 42.74 -0.72
N ASN A 113 -7.76 41.86 0.28
CA ASN A 113 -6.83 40.72 0.27
C ASN A 113 -7.41 39.44 -0.34
N LEU A 114 -8.67 39.38 -0.76
CA LEU A 114 -9.26 38.16 -1.30
C LEU A 114 -8.82 38.01 -2.75
N THR A 115 -8.01 37.00 -3.04
CA THR A 115 -7.46 36.77 -4.39
C THR A 115 -7.65 35.35 -4.90
N GLU A 116 -8.39 34.49 -4.20
CA GLU A 116 -8.56 33.10 -4.63
C GLU A 116 -9.89 32.51 -4.14
N ILE A 117 -10.71 32.01 -5.06
CA ILE A 117 -11.87 31.16 -4.75
C ILE A 117 -11.71 29.87 -5.55
N LEU A 118 -11.44 28.74 -4.89
CA LEU A 118 -11.05 27.50 -5.57
C LEU A 118 -12.21 26.71 -6.20
N ASN A 119 -13.45 26.89 -5.77
CA ASN A 119 -14.60 26.13 -6.24
C ASN A 119 -15.88 26.99 -6.22
N GLY A 120 -16.91 26.61 -7.00
CA GLY A 120 -18.14 27.38 -7.09
C GLY A 120 -17.95 28.74 -7.78
N GLY A 121 -18.92 29.63 -7.61
CA GLY A 121 -18.90 30.99 -8.17
C GLY A 121 -19.22 32.07 -7.15
N VAL A 122 -19.52 33.29 -7.60
CA VAL A 122 -19.75 34.46 -6.75
C VAL A 122 -21.11 35.09 -7.02
N TYR A 123 -21.87 35.41 -5.98
CA TYR A 123 -23.20 35.99 -6.09
C TYR A 123 -23.30 37.28 -5.27
N VAL A 124 -23.27 38.44 -5.93
CA VAL A 124 -23.42 39.76 -5.30
C VAL A 124 -24.62 40.47 -5.90
N ASP A 125 -25.73 40.53 -5.18
CA ASP A 125 -27.02 40.89 -5.77
C ASP A 125 -27.96 41.62 -4.80
N GLN A 126 -28.84 42.45 -5.34
CA GLN A 126 -29.89 43.15 -4.60
C GLN A 126 -29.42 43.93 -3.35
N ASN A 127 -28.17 44.37 -3.29
CA ASN A 127 -27.65 45.21 -2.21
C ASN A 127 -27.78 46.68 -2.61
N LYS A 128 -28.72 47.44 -2.05
CA LYS A 128 -29.08 48.77 -2.58
C LYS A 128 -27.91 49.76 -2.58
N PHE A 129 -27.07 49.73 -1.54
CA PHE A 129 -26.12 50.81 -1.26
C PHE A 129 -24.64 50.50 -1.56
N LEU A 130 -24.27 49.36 -2.16
CA LEU A 130 -22.87 49.06 -2.49
C LEU A 130 -22.34 50.04 -3.54
N CYS A 131 -21.13 50.56 -3.31
CA CYS A 131 -20.46 51.48 -4.23
C CYS A 131 -19.52 50.77 -5.22
N TYR A 132 -18.59 49.94 -4.74
CA TYR A 132 -17.44 49.50 -5.56
C TYR A 132 -17.43 48.02 -5.95
N ALA A 133 -18.24 47.16 -5.32
CA ALA A 133 -18.25 45.72 -5.59
C ALA A 133 -18.57 45.35 -7.06
N ASP A 134 -19.23 46.25 -7.79
CA ASP A 134 -19.60 46.12 -9.20
C ASP A 134 -18.43 46.39 -10.17
N THR A 135 -17.33 46.99 -9.72
CA THR A 135 -16.16 47.31 -10.56
C THR A 135 -15.09 46.22 -10.57
N ILE A 136 -15.18 45.25 -9.68
CA ILE A 136 -14.15 44.22 -9.46
C ILE A 136 -14.11 43.19 -10.60
N HIS A 137 -12.91 42.87 -11.07
CA HIS A 137 -12.66 41.89 -12.12
C HIS A 137 -12.67 40.48 -11.52
N TRP A 138 -13.87 39.97 -11.21
CA TRP A 138 -14.01 38.75 -10.41
C TRP A 138 -13.41 37.51 -11.08
N GLN A 139 -13.20 37.49 -12.40
CA GLN A 139 -12.49 36.42 -13.10
C GLN A 139 -11.01 36.25 -12.68
N ASP A 140 -10.37 37.24 -12.06
CA ASP A 140 -9.01 37.05 -11.53
C ASP A 140 -9.02 36.25 -10.22
N ILE A 141 -10.14 36.23 -9.51
CA ILE A 141 -10.29 35.61 -8.18
C ILE A 141 -10.77 34.16 -8.28
N VAL A 142 -11.77 33.86 -9.11
CA VAL A 142 -12.36 32.50 -9.19
C VAL A 142 -11.52 31.57 -10.08
N ARG A 143 -11.43 30.27 -9.78
CA ARG A 143 -10.80 29.25 -10.65
C ARG A 143 -11.63 28.79 -11.87
N ASN A 144 -12.82 29.34 -12.05
CA ASN A 144 -13.73 29.09 -13.17
C ASN A 144 -14.12 30.42 -13.90
N PRO A 145 -13.19 31.11 -14.57
CA PRO A 145 -13.35 32.51 -14.99
C PRO A 145 -14.24 32.69 -16.24
N TRP A 146 -15.53 32.34 -16.15
CA TRP A 146 -16.52 32.53 -17.21
C TRP A 146 -17.81 33.19 -16.68
N PRO A 147 -18.43 34.17 -17.39
CA PRO A 147 -19.62 34.86 -16.88
C PRO A 147 -20.81 33.91 -16.65
N SER A 148 -20.91 32.84 -17.43
CA SER A 148 -21.99 31.86 -17.32
C SER A 148 -21.79 30.82 -16.21
N ASN A 149 -20.61 30.71 -15.61
CA ASN A 149 -20.31 29.65 -14.66
C ASN A 149 -20.65 30.02 -13.21
N LEU A 150 -21.89 29.77 -12.81
CA LEU A 150 -22.37 29.91 -11.42
C LEU A 150 -22.06 31.28 -10.81
N THR A 151 -22.07 32.36 -11.62
CA THR A 151 -21.63 33.70 -11.20
C THR A 151 -22.63 34.79 -11.61
N LEU A 152 -22.95 35.71 -10.68
CA LEU A 152 -23.72 36.93 -10.96
C LEU A 152 -23.21 38.10 -10.11
N VAL A 153 -22.91 39.23 -10.75
CA VAL A 153 -22.45 40.47 -10.11
C VAL A 153 -23.33 41.62 -10.60
N SER A 154 -24.18 42.15 -9.73
CA SER A 154 -25.16 43.19 -10.07
C SER A 154 -24.51 44.55 -10.35
N GLY A 157 -25.40 47.41 -7.34
CA GLY A 157 -25.95 48.44 -6.45
C GLY A 157 -26.50 49.68 -7.16
N SER A 158 -26.98 50.65 -6.38
CA SER A 158 -27.52 51.93 -6.87
C SER A 158 -26.45 52.88 -7.44
N SER A 159 -26.85 53.75 -8.36
CA SER A 159 -26.04 54.81 -8.95
C SER A 159 -25.85 56.02 -8.02
N GLY A 160 -24.92 56.90 -8.35
CA GLY A 160 -24.67 58.15 -7.61
C GLY A 160 -23.48 58.12 -6.64
N CYS A 161 -22.89 56.97 -6.34
CA CYS A 161 -21.70 56.90 -5.49
C CYS A 161 -20.43 57.24 -6.30
N GLY A 162 -19.45 57.90 -5.68
CA GLY A 162 -18.23 58.37 -6.34
C GLY A 162 -17.39 57.26 -6.98
N ARG A 163 -16.66 57.59 -8.05
CA ARG A 163 -15.81 56.66 -8.83
C ARG A 163 -14.49 56.30 -8.13
N CYS A 164 -13.79 55.30 -8.66
CA CYS A 164 -12.50 54.84 -8.14
C CYS A 164 -11.42 55.94 -8.19
N HIS A 165 -10.42 55.81 -7.31
CA HIS A 165 -9.27 56.72 -7.25
C HIS A 165 -8.51 56.79 -8.58
N LYS A 166 -8.03 57.98 -8.94
CA LYS A 166 -7.38 58.31 -10.22
C LYS A 166 -6.15 57.45 -10.58
N SER A 167 -5.49 56.82 -9.61
CA SER A 167 -4.37 55.91 -9.84
C SER A 167 -4.78 54.53 -10.37
N CYS A 168 -6.07 54.18 -10.32
CA CYS A 168 -6.58 52.85 -10.66
C CYS A 168 -7.52 52.89 -11.87
N THR A 169 -7.37 51.91 -12.76
CA THR A 169 -8.20 51.74 -13.98
C THR A 169 -9.56 51.13 -13.63
N GLY A 170 -10.39 51.83 -12.86
CA GLY A 170 -11.53 51.22 -12.19
C GLY A 170 -11.06 50.13 -11.22
N ARG A 171 -11.74 48.99 -11.19
CA ARG A 171 -11.35 47.78 -10.43
C ARG A 171 -10.87 48.11 -9.00
N CYS A 172 -11.74 48.68 -8.18
CA CYS A 172 -11.40 49.07 -6.82
C CYS A 172 -12.39 48.52 -5.78
N TRP A 173 -11.94 48.44 -4.52
CA TRP A 173 -12.76 48.08 -3.35
C TRP A 173 -13.23 49.31 -2.56
N GLY A 174 -12.57 50.47 -2.70
CA GLY A 174 -12.91 51.68 -1.95
C GLY A 174 -12.73 52.99 -2.71
N PRO A 175 -13.04 54.13 -2.07
CA PRO A 175 -13.12 55.45 -2.70
C PRO A 175 -11.76 56.13 -2.93
N THR A 176 -10.67 55.60 -2.37
CA THR A 176 -9.36 56.27 -2.33
C THR A 176 -8.20 55.29 -2.55
N GLU A 177 -6.97 55.79 -2.50
CA GLU A 177 -5.76 55.00 -2.69
C GLU A 177 -5.59 53.94 -1.58
N ASN A 178 -4.88 52.86 -1.89
CA ASN A 178 -4.73 51.66 -1.04
C ASN A 178 -6.02 50.82 -0.89
N HIS A 179 -7.06 51.09 -1.69
CA HIS A 179 -8.28 50.29 -1.78
C HIS A 179 -8.54 49.82 -3.22
N CYS A 180 -7.50 49.43 -3.97
CA CYS A 180 -7.62 48.92 -5.34
C CYS A 180 -7.42 47.41 -5.43
N GLN A 181 -8.03 46.77 -6.44
CA GLN A 181 -7.88 45.33 -6.68
C GLN A 181 -6.47 44.97 -7.15
N THR A 182 -5.86 43.93 -6.56
CA THR A 182 -4.55 43.42 -6.98
C THR A 182 -4.74 42.19 -7.87
N LEU A 183 -4.48 42.29 -9.16
CA LEU A 183 -4.64 41.18 -10.10
C LEU A 183 -3.42 40.25 -10.05
N THR A 184 -3.61 38.94 -9.90
CA THR A 184 -2.51 37.95 -9.86
C THR A 184 -2.62 36.82 -10.87
N ARG A 185 -3.69 36.73 -11.67
CA ARG A 185 -3.84 35.70 -12.71
C ARG A 185 -3.93 36.29 -14.11
N THR A 186 -4.63 37.40 -14.31
CA THR A 186 -4.83 37.97 -15.66
C THR A 186 -3.64 38.74 -16.20
N VAL A 187 -2.67 39.10 -15.34
CA VAL A 187 -1.48 39.89 -15.72
C VAL A 187 -0.21 39.06 -16.02
N CYS A 188 -0.25 37.74 -15.86
CA CYS A 188 0.93 36.87 -15.96
C CYS A 188 1.42 36.65 -17.41
N ALA A 189 2.73 36.42 -17.57
CA ALA A 189 3.32 36.05 -18.85
C ALA A 189 2.75 34.73 -19.37
N GLU A 190 2.64 34.58 -20.70
CA GLU A 190 2.03 33.41 -21.33
C GLU A 190 2.76 32.08 -21.06
N GLN A 191 4.01 32.11 -20.58
CA GLN A 191 4.79 30.93 -20.21
C GLN A 191 4.49 30.42 -18.79
N CYS A 192 3.73 31.17 -17.98
CA CYS A 192 3.56 30.89 -16.56
C CYS A 192 2.35 30.01 -16.23
N ASP A 193 2.54 29.08 -15.30
CA ASP A 193 1.47 28.28 -14.72
C ASP A 193 0.88 29.01 -13.49
N GLY A 194 -0.38 28.76 -13.13
CA GLY A 194 -0.98 29.30 -11.90
C GLY A 194 -1.03 30.82 -11.84
N ARG A 195 -0.46 31.42 -10.78
CA ARG A 195 -0.47 32.87 -10.49
C ARG A 195 0.92 33.47 -10.43
N CYS A 196 1.00 34.80 -10.41
CA CYS A 196 2.25 35.57 -10.40
C CYS A 196 2.16 36.83 -9.53
N TYR A 197 3.31 37.44 -9.24
CA TYR A 197 3.42 38.69 -8.49
C TYR A 197 4.04 39.84 -9.31
N GLY A 198 4.03 39.72 -10.64
CA GLY A 198 4.51 40.72 -11.59
C GLY A 198 4.15 40.33 -13.04
N PRO A 199 4.20 41.27 -14.00
CA PRO A 199 3.84 41.01 -15.39
C PRO A 199 4.88 40.18 -16.18
N TYR A 200 6.09 40.01 -15.64
CA TYR A 200 7.21 39.31 -16.29
C TYR A 200 7.26 37.81 -15.95
N VAL A 201 7.77 36.98 -16.87
CA VAL A 201 7.95 35.53 -16.65
C VAL A 201 8.92 35.22 -15.49
N SER A 202 9.83 36.15 -15.18
CA SER A 202 10.74 36.07 -14.02
C SER A 202 10.04 36.29 -12.66
N ASP A 203 8.81 36.82 -12.64
CA ASP A 203 8.03 37.13 -11.43
C ASP A 203 6.82 36.20 -11.21
N CYS A 204 6.83 35.03 -11.85
CA CYS A 204 5.79 34.03 -11.70
C CYS A 204 6.06 33.08 -10.52
N CYS A 205 4.99 32.57 -9.89
CA CYS A 205 5.08 31.77 -8.67
C CYS A 205 5.01 30.26 -8.93
N HIS A 206 5.39 29.47 -7.92
CA HIS A 206 5.32 28.01 -7.92
C HIS A 206 3.89 27.50 -8.20
N ARG A 207 3.74 26.36 -8.90
CA ARG A 207 2.43 25.79 -9.24
C ARG A 207 1.46 25.67 -8.06
N GLU A 208 1.95 25.29 -6.88
CA GLU A 208 1.09 24.87 -5.76
C GLU A 208 0.57 26.03 -4.89
N CYS A 209 1.03 27.25 -5.11
CA CYS A 209 0.60 28.38 -4.31
C CYS A 209 -0.69 29.03 -4.83
N ALA A 210 -1.57 29.39 -3.89
CA ALA A 210 -2.88 29.98 -4.09
C ALA A 210 -2.86 31.50 -3.85
N GLY A 211 -3.68 32.23 -4.61
CA GLY A 211 -3.92 33.66 -4.42
C GLY A 211 -2.76 34.57 -4.81
N GLY A 212 -1.60 34.42 -4.17
CA GLY A 212 -0.45 35.29 -4.41
C GLY A 212 0.82 34.86 -3.67
N CYS A 213 1.92 35.49 -4.05
CA CYS A 213 3.26 35.04 -3.69
C CYS A 213 4.25 36.20 -3.50
N SER A 214 5.41 35.94 -2.89
CA SER A 214 6.54 36.89 -2.84
C SER A 214 7.80 36.43 -3.59
N GLY A 215 7.83 35.19 -4.09
CA GLY A 215 8.97 34.62 -4.80
C GLY A 215 8.63 33.28 -5.46
N PRO A 216 9.51 32.71 -6.29
CA PRO A 216 9.24 31.49 -7.05
C PRO A 216 9.32 30.17 -6.24
N LYS A 217 9.73 30.22 -4.97
CA LYS A 217 9.91 29.07 -4.08
C LYS A 217 8.55 28.56 -3.55
N ASP A 218 8.46 27.26 -3.30
CA ASP A 218 7.29 26.61 -2.67
C ASP A 218 7.14 26.92 -1.17
N THR A 219 8.07 27.64 -0.55
CA THR A 219 8.01 28.08 0.86
C THR A 219 7.78 29.60 1.02
N ASP A 220 7.49 30.34 -0.06
CA ASP A 220 7.42 31.81 -0.04
C ASP A 220 6.17 32.39 -0.71
N CYS A 221 5.00 31.92 -0.25
CA CYS A 221 3.69 32.33 -0.75
C CYS A 221 2.61 32.41 0.33
N PHE A 222 1.47 33.02 0.00
CA PHE A 222 0.46 33.40 0.99
C PHE A 222 -0.49 32.28 1.42
N ALA A 223 -0.90 31.43 0.48
CA ALA A 223 -1.82 30.33 0.74
C ALA A 223 -1.47 29.11 -0.10
N CYS A 224 -1.80 27.92 0.38
CA CYS A 224 -1.35 26.67 -0.23
C CYS A 224 -2.50 25.82 -0.77
N MET A 225 -2.36 25.26 -1.98
CA MET A 225 -3.27 24.23 -2.51
C MET A 225 -2.79 22.84 -2.09
N ASN A 226 -3.68 21.84 -2.07
CA ASN A 226 -3.33 20.48 -1.72
C ASN A 226 -2.76 20.35 -0.29
N PHE A 227 -1.47 20.07 -0.09
CA PHE A 227 -0.90 19.77 1.23
C PHE A 227 0.26 20.69 1.60
N ASN A 228 0.41 20.99 2.89
CA ASN A 228 1.50 21.81 3.43
C ASN A 228 2.49 20.93 4.22
N ASP A 229 3.65 20.68 3.62
CA ASP A 229 4.76 19.90 4.17
C ASP A 229 5.75 20.82 4.93
N SER A 230 5.44 21.11 6.19
CA SER A 230 6.26 21.96 7.10
C SER A 230 6.75 23.29 6.50
N GLY A 231 5.89 24.03 5.80
CA GLY A 231 6.19 25.29 5.14
C GLY A 231 6.28 25.20 3.62
N ALA A 232 6.52 24.00 3.08
CA ALA A 232 6.58 23.74 1.64
C ALA A 232 5.21 23.30 1.10
N CYS A 233 4.73 23.95 0.05
CA CYS A 233 3.44 23.63 -0.55
C CYS A 233 3.58 22.56 -1.66
N VAL A 234 2.97 21.38 -1.52
CA VAL A 234 3.20 20.20 -2.39
C VAL A 234 1.92 19.51 -2.86
N THR A 235 2.00 18.72 -3.94
CA THR A 235 0.90 17.86 -4.42
C THR A 235 0.65 16.63 -3.55
N GLN A 236 1.69 16.08 -2.92
CA GLN A 236 1.65 14.96 -1.97
C GLN A 236 2.97 14.90 -1.19
N CYS A 237 2.99 14.25 -0.03
CA CYS A 237 4.20 14.14 0.80
C CYS A 237 5.02 12.84 0.58
N PRO A 238 6.31 12.82 0.94
CA PRO A 238 7.16 11.63 0.83
C PRO A 238 6.55 10.40 1.52
N GLN A 239 6.53 9.26 0.82
CA GLN A 239 5.88 8.05 1.31
C GLN A 239 6.85 7.08 1.99
N THR A 240 6.30 6.01 2.58
CA THR A 240 7.07 4.98 3.32
C THR A 240 8.11 4.27 2.45
N PHE A 241 7.81 4.03 1.17
CA PHE A 241 8.71 3.38 0.22
C PHE A 241 8.92 4.25 -1.03
N VAL A 242 10.10 4.18 -1.62
CA VAL A 242 10.43 4.83 -2.89
C VAL A 242 10.84 3.78 -3.92
N TYR A 243 10.25 3.82 -5.11
CA TYR A 243 10.58 2.87 -6.16
C TYR A 243 11.98 3.15 -6.71
N ASN A 244 12.82 2.12 -6.82
CA ASN A 244 14.16 2.23 -7.38
C ASN A 244 14.14 1.88 -8.89
N PRO A 245 14.39 2.85 -9.79
CA PRO A 245 14.23 2.66 -11.23
C PRO A 245 15.25 1.70 -11.87
N THR A 246 16.29 1.27 -11.17
CA THR A 246 17.32 0.37 -11.71
C THR A 246 17.31 -1.02 -11.08
N THR A 247 16.78 -1.18 -9.85
CA THR A 247 16.67 -2.50 -9.20
C THR A 247 15.27 -3.10 -9.35
N PHE A 248 14.27 -2.31 -9.78
CA PHE A 248 12.87 -2.74 -9.97
C PHE A 248 12.27 -3.28 -8.66
N GLN A 249 12.38 -2.51 -7.59
CA GLN A 249 11.87 -2.87 -6.27
C GLN A 249 11.48 -1.63 -5.46
N LEU A 250 10.59 -1.78 -4.48
CA LEU A 250 10.23 -0.75 -3.52
C LEU A 250 11.21 -0.77 -2.33
N GLU A 251 11.93 0.31 -2.11
CA GLU A 251 12.95 0.42 -1.07
C GLU A 251 12.53 1.42 0.00
N HIS A 252 12.83 1.13 1.26
CA HIS A 252 12.32 1.90 2.40
C HIS A 252 12.84 3.34 2.36
N ASN A 253 11.96 4.32 2.61
CA ASN A 253 12.30 5.74 2.62
C ASN A 253 12.90 6.16 3.97
N PHE A 254 13.63 7.27 4.02
CA PHE A 254 14.20 7.83 5.25
C PHE A 254 13.49 9.10 5.74
N ASN A 255 12.73 9.78 4.88
CA ASN A 255 12.03 11.04 5.18
C ASN A 255 10.50 10.95 5.05
N ALA A 256 9.93 9.75 5.14
CA ALA A 256 8.50 9.51 4.98
C ALA A 256 7.64 10.24 6.01
N LYS A 257 6.48 10.75 5.59
CA LYS A 257 5.48 11.41 6.44
C LYS A 257 4.07 10.92 6.13
N TYR A 258 3.21 10.89 7.13
CA TYR A 258 1.82 10.50 6.98
C TYR A 258 0.97 11.72 6.62
N THR A 259 0.09 11.58 5.64
CA THR A 259 -0.85 12.64 5.27
C THR A 259 -1.99 12.68 6.29
N TYR A 260 -2.29 13.83 6.86
CA TYR A 260 -3.33 14.03 7.87
C TYR A 260 -4.14 15.30 7.57
N GLY A 261 -5.26 15.16 6.87
CA GLY A 261 -5.99 16.32 6.35
C GLY A 261 -5.12 17.10 5.37
N ALA A 262 -4.98 18.41 5.55
CA ALA A 262 -4.14 19.26 4.69
C ALA A 262 -2.65 19.30 5.09
N PHE A 263 -2.23 18.65 6.18
CA PHE A 263 -0.85 18.68 6.65
C PHE A 263 -0.22 17.29 6.63
N CYS A 264 1.10 17.23 6.68
CA CYS A 264 1.87 15.99 6.78
C CYS A 264 2.59 15.91 8.12
N VAL A 265 2.52 14.75 8.76
CA VAL A 265 2.99 14.55 10.15
C VAL A 265 3.91 13.33 10.25
N LYS A 266 4.78 13.30 11.26
CA LYS A 266 5.69 12.16 11.50
C LYS A 266 4.97 10.89 11.97
N LYS A 267 3.84 11.03 12.68
CA LYS A 267 2.99 9.94 13.21
C LYS A 267 1.50 10.29 13.11
N CYS A 268 0.62 9.29 12.95
CA CYS A 268 -0.82 9.48 13.03
C CYS A 268 -1.30 9.58 14.50
N PRO A 269 -2.43 10.25 14.79
CA PRO A 269 -3.03 10.23 16.12
C PRO A 269 -3.36 8.82 16.61
N HIS A 270 -3.35 8.58 17.92
CA HIS A 270 -3.53 7.26 18.54
C HIS A 270 -4.86 6.55 18.21
N ASN A 271 -5.91 7.30 17.87
CA ASN A 271 -7.23 6.77 17.53
C ASN A 271 -7.51 6.62 16.02
N PHE A 272 -6.56 7.01 15.15
CA PHE A 272 -6.67 6.83 13.69
C PHE A 272 -6.01 5.54 13.20
N VAL A 273 -6.42 5.06 12.01
CA VAL A 273 -5.87 3.86 11.38
C VAL A 273 -5.05 4.23 10.14
N VAL A 274 -3.90 3.57 9.97
CA VAL A 274 -2.91 3.89 8.93
C VAL A 274 -3.15 3.06 7.67
N ASP A 275 -3.18 3.72 6.51
CA ASP A 275 -3.37 3.09 5.21
C ASP A 275 -2.60 3.83 4.11
N SER A 276 -1.66 3.15 3.43
CA SER A 276 -0.90 3.71 2.29
C SER A 276 -0.18 5.02 2.61
N SER A 277 0.55 5.06 3.72
CA SER A 277 1.27 6.25 4.22
C SER A 277 0.36 7.48 4.46
N SER A 278 -0.85 7.26 4.98
CA SER A 278 -1.81 8.31 5.30
C SER A 278 -2.66 7.97 6.53
N CYS A 279 -3.21 8.98 7.21
CA CYS A 279 -4.08 8.81 8.37
C CYS A 279 -5.54 9.00 7.93
N VAL A 280 -6.38 7.97 8.07
CA VAL A 280 -7.78 8.01 7.63
C VAL A 280 -8.72 7.71 8.80
N ARG A 281 -9.99 8.16 8.70
CA ARG A 281 -10.97 7.97 9.78
C ARG A 281 -11.52 6.54 9.83
N ALA A 282 -11.63 5.85 8.70
CA ALA A 282 -12.15 4.48 8.62
C ALA A 282 -11.56 3.69 7.45
N CYS A 283 -11.46 2.37 7.57
CA CYS A 283 -10.98 1.49 6.50
C CYS A 283 -12.11 0.90 5.63
N PRO A 284 -11.88 0.71 4.32
CA PRO A 284 -12.84 0.07 3.41
C PRO A 284 -13.34 -1.29 3.90
N SER A 285 -14.58 -1.63 3.57
CA SER A 285 -15.29 -2.80 4.12
C SER A 285 -14.67 -4.16 3.78
N SER A 286 -13.82 -4.26 2.76
CA SER A 286 -13.11 -5.48 2.38
C SER A 286 -11.94 -5.85 3.31
N LYS A 287 -11.53 -4.95 4.22
CA LYS A 287 -10.37 -5.12 5.10
C LYS A 287 -10.73 -4.94 6.58
N MET A 288 -10.01 -5.62 7.46
CA MET A 288 -10.12 -5.47 8.91
C MET A 288 -9.17 -4.41 9.42
N GLU A 289 -9.56 -3.65 10.44
CA GLU A 289 -8.59 -2.89 11.22
C GLU A 289 -7.98 -3.80 12.30
N VAL A 290 -6.66 -3.77 12.45
CA VAL A 290 -5.90 -4.54 13.45
C VAL A 290 -4.92 -3.62 14.16
N GLU A 291 -4.50 -4.00 15.37
CA GLU A 291 -3.48 -3.27 16.13
C GLU A 291 -2.23 -4.15 16.30
N GLU A 292 -1.08 -3.67 15.81
CA GLU A 292 0.20 -4.37 15.89
C GLU A 292 1.26 -3.40 16.43
N ASN A 293 1.98 -3.76 17.50
CA ASN A 293 2.97 -2.88 18.15
C ASN A 293 2.40 -1.53 18.61
N GLY A 294 1.11 -1.47 18.98
CA GLY A 294 0.42 -0.25 19.40
C GLY A 294 -0.04 0.67 18.24
N ILE A 295 0.19 0.29 16.98
CA ILE A 295 -0.15 1.07 15.78
C ILE A 295 -1.38 0.43 15.12
N LYS A 296 -2.41 1.22 14.84
CA LYS A 296 -3.62 0.74 14.16
C LYS A 296 -3.38 0.71 12.65
N MET A 297 -3.59 -0.42 12.00
CA MET A 297 -3.39 -0.61 10.56
C MET A 297 -4.49 -1.49 9.96
N CYS A 298 -4.67 -1.49 8.63
CA CYS A 298 -5.72 -2.25 7.98
C CYS A 298 -5.25 -3.21 6.89
N LYS A 299 -5.79 -4.44 6.94
CA LYS A 299 -5.39 -5.63 6.15
C LYS A 299 -6.63 -6.39 5.66
N PRO A 300 -6.57 -7.14 4.54
CA PRO A 300 -7.73 -7.89 4.01
C PRO A 300 -8.35 -8.85 5.04
N CYS A 301 -9.68 -8.97 5.02
CA CYS A 301 -10.39 -9.85 5.95
C CYS A 301 -10.41 -11.31 5.51
N THR A 302 -10.67 -12.23 6.44
CA THR A 302 -10.91 -13.65 6.15
C THR A 302 -12.33 -13.89 5.59
N ASP A 303 -12.65 -15.11 5.17
CA ASP A 303 -13.93 -15.44 4.51
C ASP A 303 -15.20 -15.04 5.30
N ILE A 304 -15.17 -15.09 6.63
CA ILE A 304 -16.22 -14.54 7.51
C ILE A 304 -15.60 -13.47 8.40
N CYS A 305 -16.09 -12.23 8.34
CA CYS A 305 -15.49 -11.10 9.05
C CYS A 305 -16.53 -10.09 9.62
N PRO A 306 -16.14 -9.21 10.56
CA PRO A 306 -17.07 -8.33 11.29
C PRO A 306 -17.94 -7.40 10.43
N LYS A 307 -19.18 -7.14 10.89
CA LYS A 307 -20.15 -6.28 10.21
C LYS A 307 -19.91 -4.79 10.48
N ALA A 308 -19.05 -4.18 9.66
CA ALA A 308 -18.90 -2.73 9.62
C ALA A 308 -20.19 -2.08 9.07
N CYS A 309 -20.56 -0.93 9.62
CA CYS A 309 -21.85 -0.31 9.35
C CYS A 309 -21.77 1.22 9.23
N ASP A 310 -22.44 1.84 8.25
CA ASP A 310 -22.40 3.30 8.08
C ASP A 310 -23.07 4.06 9.22
N GLY A 311 -22.43 5.10 9.74
CA GLY A 311 -23.00 6.02 10.72
C GLY A 311 -23.76 7.18 10.08
N ILE A 312 -24.26 8.09 10.91
CA ILE A 312 -24.99 9.28 10.44
C ILE A 312 -24.01 10.32 9.87
N GLY A 313 -24.25 10.80 8.65
CA GLY A 313 -23.39 11.78 8.00
C GLY A 313 -22.27 11.21 7.11
N THR A 314 -22.21 9.89 6.92
CA THR A 314 -21.23 9.23 6.05
C THR A 314 -21.83 8.06 5.25
N GLY A 315 -21.21 7.70 4.12
CA GLY A 315 -21.60 6.53 3.32
C GLY A 315 -23.04 6.59 2.83
N SER A 316 -23.77 5.48 3.00
CA SER A 316 -25.18 5.37 2.59
C SER A 316 -26.14 6.27 3.38
N LEU A 317 -25.69 6.84 4.51
CA LEU A 317 -26.44 7.77 5.36
C LEU A 317 -25.88 9.19 5.34
N MET A 318 -25.11 9.55 4.30
CA MET A 318 -24.47 10.87 4.19
C MET A 318 -25.46 12.05 4.23
N SER A 319 -26.67 11.86 3.71
CA SER A 319 -27.75 12.86 3.71
C SER A 319 -28.56 12.93 5.02
N ALA A 320 -28.36 12.01 5.96
CA ALA A 320 -29.09 11.97 7.22
C ALA A 320 -28.48 12.90 8.29
N GLN A 321 -29.33 13.45 9.17
CA GLN A 321 -28.91 14.24 10.34
C GLN A 321 -29.18 13.55 11.68
N THR A 322 -30.00 12.50 11.73
CA THR A 322 -30.37 11.79 12.95
C THR A 322 -30.75 10.36 12.65
N VAL A 323 -30.63 9.46 13.62
CA VAL A 323 -31.34 8.19 13.56
C VAL A 323 -32.84 8.48 13.61
N ASP A 324 -33.65 7.83 12.77
CA ASP A 324 -35.10 8.06 12.69
C ASP A 324 -35.86 6.79 12.28
N SER A 325 -37.17 6.87 12.14
CA SER A 325 -38.00 5.72 11.74
C SER A 325 -37.76 5.21 10.31
N SER A 326 -37.08 5.96 9.43
CA SER A 326 -36.79 5.51 8.06
C SER A 326 -35.46 4.76 8.00
N ASN A 327 -34.43 5.20 8.71
CA ASN A 327 -33.10 4.58 8.62
C ASN A 327 -32.76 3.60 9.74
N ILE A 328 -33.58 3.48 10.80
CA ILE A 328 -33.29 2.58 11.93
C ILE A 328 -33.18 1.11 11.55
N ASP A 329 -33.89 0.66 10.51
CA ASP A 329 -33.80 -0.70 9.97
C ASP A 329 -32.44 -1.05 9.36
N LYS A 330 -31.58 -0.07 9.07
CA LYS A 330 -30.27 -0.33 8.46
C LYS A 330 -29.19 -0.70 9.47
N PHE A 331 -29.49 -0.66 10.76
CA PHE A 331 -28.56 -0.96 11.85
C PHE A 331 -28.75 -2.35 12.50
N ILE A 332 -29.59 -3.24 11.94
CA ILE A 332 -30.08 -4.48 12.60
C ILE A 332 -28.99 -5.48 13.05
N ASN A 333 -27.97 -5.76 12.24
CA ASN A 333 -26.87 -6.66 12.63
C ASN A 333 -25.50 -5.96 12.78
N CYS A 334 -25.47 -4.65 12.97
CA CYS A 334 -24.23 -3.89 13.06
C CYS A 334 -23.49 -4.14 14.38
N THR A 335 -22.17 -4.30 14.31
CA THR A 335 -21.30 -4.43 15.49
C THR A 335 -20.29 -3.29 15.60
N LYS A 336 -19.90 -2.67 14.50
CA LYS A 336 -18.98 -1.53 14.48
C LYS A 336 -19.51 -0.45 13.56
N ILE A 337 -19.81 0.73 14.09
CA ILE A 337 -20.35 1.83 13.29
C ILE A 337 -19.20 2.76 12.92
N ASN A 338 -18.96 2.87 11.62
CA ASN A 338 -18.01 3.79 11.03
C ASN A 338 -18.70 5.13 10.78
N GLY A 339 -18.66 6.02 11.76
CA GLY A 339 -19.36 7.31 11.75
C GLY A 339 -19.97 7.68 13.08
N ASN A 340 -20.80 8.73 13.08
CA ASN A 340 -21.46 9.26 14.25
C ASN A 340 -22.78 8.55 14.53
N LEU A 341 -23.24 8.58 15.78
CA LEU A 341 -24.57 8.11 16.13
C LEU A 341 -25.33 9.23 16.85
N ILE A 342 -26.35 9.79 16.20
CA ILE A 342 -26.98 11.06 16.61
C ILE A 342 -28.49 10.86 16.78
N PHE A 343 -29.07 11.39 17.86
CA PHE A 343 -30.51 11.33 18.12
C PHE A 343 -31.09 12.72 18.35
N LEU A 344 -31.69 13.31 17.33
CA LEU A 344 -32.33 14.64 17.44
C LEU A 344 -33.84 14.52 17.66
N VAL A 345 -34.49 15.61 18.07
CA VAL A 345 -35.93 15.67 18.31
C VAL A 345 -36.75 15.20 17.11
N THR A 346 -36.33 15.54 15.89
CA THR A 346 -37.00 15.14 14.64
C THR A 346 -36.92 13.65 14.35
N GLY A 347 -35.90 12.95 14.87
CA GLY A 347 -35.75 11.52 14.65
C GLY A 347 -36.62 10.71 15.59
N ILE A 348 -36.70 11.14 16.84
CA ILE A 348 -37.46 10.46 17.88
C ILE A 348 -38.96 10.78 17.83
N HIS A 349 -39.34 12.05 17.73
CA HIS A 349 -40.76 12.45 17.77
C HIS A 349 -41.42 12.66 16.38
N GLY A 350 -40.71 12.36 15.29
CA GLY A 350 -41.24 12.44 13.92
C GLY A 350 -40.98 13.79 13.23
N ASP A 351 -41.27 13.85 11.94
CA ASP A 351 -41.02 15.04 11.10
C ASP A 351 -42.08 15.17 9.99
N PRO A 352 -43.30 15.65 10.31
CA PRO A 352 -44.41 15.71 9.37
C PRO A 352 -44.10 16.42 8.05
N TYR A 353 -43.21 17.43 8.03
CA TYR A 353 -42.86 18.15 6.80
C TYR A 353 -42.34 17.22 5.70
N ASN A 354 -41.57 16.20 6.08
CA ASN A 354 -41.00 15.19 5.17
C ASN A 354 -41.75 13.84 5.24
N ALA A 355 -42.94 13.82 5.83
CA ALA A 355 -43.79 12.63 5.99
C ALA A 355 -43.10 11.46 6.72
N ILE A 356 -42.32 11.74 7.76
CA ILE A 356 -41.61 10.72 8.56
C ILE A 356 -42.29 10.58 9.93
N GLU A 357 -42.75 9.37 10.26
CA GLU A 357 -43.43 9.06 11.52
C GLU A 357 -42.45 8.98 12.72
N ALA A 358 -42.94 9.18 13.93
CA ALA A 358 -42.15 9.01 15.15
C ALA A 358 -41.61 7.58 15.29
N ILE A 359 -40.45 7.39 15.93
CA ILE A 359 -39.84 6.06 16.03
C ILE A 359 -40.53 5.23 17.10
N ASP A 360 -40.81 3.97 16.81
CA ASP A 360 -41.32 3.02 17.81
C ASP A 360 -40.18 2.67 18.80
N PRO A 361 -40.31 2.91 20.11
CA PRO A 361 -39.25 2.62 21.06
C PRO A 361 -38.67 1.21 20.93
N GLU A 362 -39.42 0.22 20.46
CA GLU A 362 -38.87 -1.13 20.28
C GLU A 362 -37.87 -1.23 19.12
N LYS A 363 -37.94 -0.35 18.11
CA LYS A 363 -36.97 -0.35 17.00
C LYS A 363 -35.56 -0.02 17.46
N LEU A 364 -35.41 0.75 18.53
CA LEU A 364 -34.10 1.14 19.06
C LEU A 364 -33.29 -0.07 19.56
N ASN A 365 -33.91 -1.24 19.78
CA ASN A 365 -33.17 -2.43 20.24
C ASN A 365 -32.16 -2.97 19.21
N VAL A 366 -32.15 -2.47 17.98
CA VAL A 366 -31.13 -2.82 16.98
C VAL A 366 -29.72 -2.41 17.41
N PHE A 367 -29.57 -1.48 18.36
CA PHE A 367 -28.27 -1.03 18.84
C PHE A 367 -27.66 -1.90 19.96
N ARG A 368 -28.36 -2.93 20.46
CA ARG A 368 -27.82 -3.81 21.52
C ARG A 368 -26.65 -4.69 21.08
N THR A 369 -26.39 -4.86 19.78
CA THR A 369 -25.22 -5.61 19.28
C THR A 369 -23.98 -4.76 19.03
N VAL A 370 -24.04 -3.43 19.11
CA VAL A 370 -22.93 -2.55 18.78
C VAL A 370 -21.85 -2.56 19.87
N ARG A 371 -20.59 -2.79 19.49
CA ARG A 371 -19.41 -2.77 20.36
C ARG A 371 -18.58 -1.49 20.24
N GLU A 372 -18.45 -0.89 19.07
CA GLU A 372 -17.66 0.32 18.89
C GLU A 372 -18.36 1.33 18.00
N ILE A 373 -18.31 2.60 18.39
CA ILE A 373 -18.71 3.74 17.56
C ILE A 373 -17.44 4.52 17.25
N THR A 374 -17.08 4.73 15.99
CA THR A 374 -15.81 5.40 15.66
C THR A 374 -15.86 6.92 15.77
N GLY A 375 -17.04 7.54 15.67
CA GLY A 375 -17.22 8.97 15.84
C GLY A 375 -17.61 9.34 17.27
N PHE A 376 -18.60 10.23 17.41
CA PHE A 376 -19.16 10.66 18.70
C PHE A 376 -20.61 10.20 18.88
N LEU A 377 -21.06 10.10 20.12
CA LEU A 377 -22.45 9.79 20.49
C LEU A 377 -23.17 11.05 20.97
N ASN A 378 -24.19 11.53 20.26
CA ASN A 378 -24.89 12.79 20.55
C ASN A 378 -26.38 12.56 20.76
N ILE A 379 -26.89 12.62 21.99
CA ILE A 379 -28.27 12.31 22.33
C ILE A 379 -28.97 13.56 22.84
N GLN A 380 -29.88 14.14 22.06
CA GLN A 380 -30.66 15.34 22.42
C GLN A 380 -32.14 15.07 22.60
N SER A 381 -32.61 13.86 22.28
CA SER A 381 -33.98 13.40 22.50
C SER A 381 -33.99 11.90 22.71
N TRP A 382 -34.91 11.41 23.52
CA TRP A 382 -35.06 10.00 23.86
C TRP A 382 -36.54 9.72 24.14
N PRO A 383 -37.13 8.56 23.80
CA PRO A 383 -38.54 8.31 24.06
C PRO A 383 -38.91 8.63 25.51
N PRO A 384 -40.03 9.33 25.80
CA PRO A 384 -40.38 9.76 27.18
C PRO A 384 -40.54 8.65 28.22
N ASN A 385 -40.86 7.43 27.80
CA ASN A 385 -41.06 6.31 28.72
C ASN A 385 -39.77 5.49 28.99
N MET A 386 -38.62 5.80 28.39
CA MET A 386 -37.36 5.12 28.69
C MET A 386 -36.54 5.89 29.73
N THR A 387 -36.25 5.25 30.85
CA THR A 387 -35.54 5.84 32.00
C THR A 387 -34.02 5.76 31.96
N ASP A 388 -33.43 5.09 30.97
CA ASP A 388 -31.99 4.85 30.91
C ASP A 388 -31.52 4.61 29.46
N PHE A 389 -30.23 4.38 29.29
CA PHE A 389 -29.62 4.02 28.00
C PHE A 389 -29.23 2.54 27.92
N SER A 390 -29.92 1.63 28.60
CA SER A 390 -29.55 0.21 28.63
C SER A 390 -29.54 -0.46 27.25
N VAL A 391 -30.17 0.14 26.24
CA VAL A 391 -30.06 -0.31 24.85
C VAL A 391 -28.63 -0.30 24.30
N PHE A 392 -27.71 0.44 24.92
CA PHE A 392 -26.27 0.47 24.63
C PHE A 392 -25.41 -0.32 25.62
N SER A 393 -25.95 -1.25 26.41
CA SER A 393 -25.17 -1.97 27.43
C SER A 393 -23.98 -2.79 26.90
N ASN A 394 -23.98 -3.17 25.61
CA ASN A 394 -22.86 -3.84 24.97
C ASN A 394 -21.82 -2.91 24.31
N LEU A 395 -22.00 -1.59 24.35
CA LEU A 395 -21.01 -0.65 23.80
C LEU A 395 -19.74 -0.66 24.66
N VAL A 396 -18.57 -0.83 24.04
CA VAL A 396 -17.27 -0.90 24.74
C VAL A 396 -16.42 0.35 24.50
N THR A 397 -16.33 0.86 23.27
CA THR A 397 -15.47 2.00 22.97
C THR A 397 -16.16 3.08 22.15
N ILE A 398 -15.93 4.34 22.51
CA ILE A 398 -16.25 5.50 21.68
C ILE A 398 -14.94 6.03 21.12
N GLY A 399 -14.74 5.94 19.81
CA GLY A 399 -13.46 6.20 19.15
C GLY A 399 -13.06 7.66 19.08
N GLY A 400 -14.02 8.58 18.92
CA GLY A 400 -13.73 10.01 18.88
C GLY A 400 -12.92 10.49 17.66
N ARG A 401 -12.97 9.79 16.52
CA ARG A 401 -12.26 10.19 15.29
C ARG A 401 -12.92 11.39 14.59
N VAL A 402 -14.18 11.65 14.91
CA VAL A 402 -14.96 12.85 14.57
C VAL A 402 -15.57 13.39 15.86
N LEU A 403 -15.45 14.69 16.12
CA LEU A 403 -15.93 15.34 17.34
C LEU A 403 -16.99 16.40 17.04
N TYR A 404 -17.94 16.57 17.94
CA TYR A 404 -18.95 17.62 17.87
C TYR A 404 -18.45 18.85 18.63
N SER A 405 -17.81 19.80 17.95
CA SER A 405 -17.15 20.97 18.56
C SER A 405 -16.22 20.59 19.73
N GLY A 406 -15.45 19.51 19.57
CA GLY A 406 -14.53 18.97 20.58
C GLY A 406 -15.13 17.91 21.51
N LEU A 407 -16.44 17.65 21.47
CA LEU A 407 -17.11 16.67 22.32
C LEU A 407 -17.20 15.28 21.65
N SER A 408 -17.06 14.21 22.43
CA SER A 408 -17.27 12.83 21.95
C SER A 408 -18.44 12.12 22.60
N LEU A 409 -18.93 12.56 23.76
CA LEU A 409 -20.14 12.06 24.39
C LEU A 409 -20.96 13.25 24.89
N LEU A 410 -22.16 13.43 24.36
CA LEU A 410 -22.99 14.61 24.62
C LEU A 410 -24.43 14.22 24.98
N ILE A 411 -24.92 14.60 26.15
CA ILE A 411 -26.29 14.32 26.62
C ILE A 411 -26.94 15.60 27.16
N LEU A 412 -28.01 16.09 26.51
CA LEU A 412 -28.65 17.38 26.82
C LEU A 412 -30.14 17.28 27.21
N LYS A 413 -30.53 17.92 28.32
CA LYS A 413 -31.92 18.31 28.62
C LYS A 413 -32.97 17.19 28.56
N GLN A 414 -32.73 16.00 29.12
CA GLN A 414 -33.71 14.90 29.12
C GLN A 414 -34.25 14.58 30.51
N GLN A 415 -35.51 14.92 30.76
CA GLN A 415 -36.15 14.79 32.07
C GLN A 415 -36.66 13.36 32.36
N GLY A 416 -36.82 12.51 31.34
CA GLY A 416 -37.29 11.14 31.51
C GLY A 416 -36.25 10.14 32.05
N ILE A 417 -34.97 10.52 32.15
CA ILE A 417 -33.88 9.62 32.54
C ILE A 417 -33.62 9.69 34.04
N THR A 418 -33.53 8.55 34.75
CA THR A 418 -33.11 8.50 36.16
C THR A 418 -31.72 7.93 36.36
N SER A 419 -31.21 7.14 35.41
CA SER A 419 -29.89 6.53 35.47
C SER A 419 -29.30 6.32 34.07
N LEU A 420 -27.98 6.30 33.92
CA LEU A 420 -27.39 6.09 32.59
C LEU A 420 -27.40 4.62 32.17
N GLN A 421 -26.95 3.72 33.04
CA GLN A 421 -26.94 2.26 32.83
C GLN A 421 -26.12 1.74 31.64
N PHE A 422 -25.05 2.43 31.23
CA PHE A 422 -24.06 1.77 30.36
C PHE A 422 -23.42 0.61 31.15
N GLN A 423 -22.95 -0.44 30.49
CA GLN A 423 -22.41 -1.60 31.23
C GLN A 423 -21.05 -2.05 30.71
N SER A 424 -20.92 -2.21 29.40
CA SER A 424 -19.67 -2.68 28.78
C SER A 424 -18.67 -1.56 28.48
N LEU A 425 -19.04 -0.28 28.62
CA LEU A 425 -18.19 0.85 28.21
C LEU A 425 -16.92 0.92 29.06
N LYS A 426 -15.76 0.86 28.41
CA LYS A 426 -14.42 0.89 29.04
C LYS A 426 -13.54 2.04 28.61
N GLU A 427 -13.63 2.51 27.36
CA GLU A 427 -12.76 3.57 26.85
C GLU A 427 -13.51 4.62 26.01
N ILE A 428 -13.17 5.89 26.19
CA ILE A 428 -13.56 7.00 25.34
C ILE A 428 -12.26 7.62 24.81
N SER A 429 -11.86 7.25 23.60
CA SER A 429 -10.46 7.41 23.13
C SER A 429 -10.02 8.84 22.87
N ALA A 430 -10.94 9.76 22.56
CA ALA A 430 -10.68 11.16 22.29
C ALA A 430 -11.91 12.03 22.57
N GLY A 431 -11.70 13.32 22.82
CA GLY A 431 -12.76 14.30 23.03
C GLY A 431 -13.25 14.43 24.47
N ASN A 432 -14.01 15.48 24.73
CA ASN A 432 -14.59 15.80 26.03
C ASN A 432 -16.01 15.25 26.21
N ILE A 433 -16.46 15.13 27.46
CA ILE A 433 -17.79 14.64 27.83
C ILE A 433 -18.63 15.79 28.36
N TYR A 434 -19.87 15.93 27.90
CA TYR A 434 -20.78 17.00 28.30
C TYR A 434 -22.14 16.43 28.70
N ILE A 435 -22.50 16.44 29.97
CA ILE A 435 -23.77 15.87 30.47
C ILE A 435 -24.48 16.92 31.32
N THR A 436 -25.51 17.58 30.81
CA THR A 436 -26.16 18.69 31.54
C THR A 436 -27.68 18.72 31.42
N ASP A 437 -28.32 19.44 32.33
CA ASP A 437 -29.76 19.71 32.37
C ASP A 437 -30.69 18.49 32.56
N ASN A 438 -30.14 17.32 32.90
CA ASN A 438 -30.90 16.08 33.02
C ASN A 438 -31.52 15.96 34.42
N SER A 439 -32.56 16.73 34.70
CA SER A 439 -32.97 17.06 36.07
C SER A 439 -33.42 15.91 36.99
N ASN A 440 -33.68 14.71 36.48
CA ASN A 440 -34.01 13.53 37.29
C ASN A 440 -32.86 12.49 37.35
N LEU A 441 -31.70 12.77 36.74
CA LEU A 441 -30.56 11.86 36.62
C LEU A 441 -29.67 11.89 37.87
N CYS A 442 -29.46 10.76 38.57
CA CYS A 442 -28.64 10.72 39.79
C CYS A 442 -27.19 10.28 39.60
N TYR A 443 -26.93 9.07 39.09
CA TYR A 443 -25.64 8.39 39.31
C TYR A 443 -24.41 9.00 38.63
N TYR A 444 -24.58 10.03 37.79
CA TYR A 444 -23.52 10.82 37.16
C TYR A 444 -22.42 11.28 38.12
N HIS A 445 -22.76 11.58 39.39
CA HIS A 445 -21.83 12.17 40.35
C HIS A 445 -20.91 11.15 41.04
N THR A 446 -21.15 9.84 40.90
CA THR A 446 -20.35 8.79 41.57
C THR A 446 -19.21 8.26 40.70
N ILE A 447 -19.27 8.48 39.39
CA ILE A 447 -18.39 7.87 38.39
C ILE A 447 -17.01 8.55 38.34
N ASN A 448 -15.93 7.76 38.39
CA ASN A 448 -14.55 8.25 38.26
C ASN A 448 -14.17 8.44 36.79
N TRP A 449 -14.73 9.50 36.17
CA TRP A 449 -14.69 9.75 34.73
C TRP A 449 -13.31 9.82 34.09
N THR A 450 -12.27 10.16 34.85
CA THR A 450 -10.89 10.21 34.31
C THR A 450 -10.33 8.83 33.96
N THR A 451 -10.92 7.75 34.49
CA THR A 451 -10.50 6.38 34.17
C THR A 451 -10.88 5.92 32.76
N LEU A 452 -11.80 6.61 32.06
CA LEU A 452 -12.22 6.25 30.71
C LEU A 452 -11.36 6.93 29.62
N PHE A 453 -10.50 7.87 29.99
CA PHE A 453 -9.75 8.69 29.06
C PHE A 453 -8.43 8.06 28.60
N SER A 454 -7.97 8.43 27.40
CA SER A 454 -6.71 7.94 26.79
C SER A 454 -5.65 9.04 26.62
N THR A 455 -5.86 10.23 27.18
CA THR A 455 -4.89 11.34 27.20
C THR A 455 -5.23 12.31 28.34
N ILE A 456 -4.24 13.04 28.87
CA ILE A 456 -4.45 14.06 29.93
C ILE A 456 -5.25 15.29 29.46
N ASN A 457 -5.47 15.44 28.16
CA ASN A 457 -6.20 16.58 27.60
C ASN A 457 -7.73 16.47 27.70
N GLN A 458 -8.28 15.32 28.08
CA GLN A 458 -9.72 15.10 28.16
C GLN A 458 -10.32 15.54 29.51
N ARG A 459 -11.49 16.18 29.47
CA ARG A 459 -12.25 16.73 30.61
C ARG A 459 -13.73 16.39 30.49
N ILE A 460 -14.47 16.43 31.60
CA ILE A 460 -15.93 16.32 31.61
C ILE A 460 -16.65 17.55 32.18
N VAL A 461 -17.71 18.00 31.51
CA VAL A 461 -18.55 19.14 31.89
C VAL A 461 -19.84 18.65 32.55
N ILE A 462 -19.94 18.82 33.86
CA ILE A 462 -21.15 18.58 34.65
C ILE A 462 -21.61 19.95 35.17
N ARG A 463 -22.88 20.32 34.92
CA ARG A 463 -23.37 21.67 35.27
C ARG A 463 -24.67 21.71 36.05
N ASP A 464 -25.74 21.10 35.52
CA ASP A 464 -27.09 21.32 36.07
C ASP A 464 -27.97 20.06 36.09
N ASN A 465 -27.40 18.92 36.48
CA ASN A 465 -28.13 17.67 36.65
C ASN A 465 -28.74 17.60 38.07
N ARG A 466 -29.46 16.53 38.42
CA ARG A 466 -30.12 16.43 39.73
C ARG A 466 -29.09 16.53 40.87
N LYS A 467 -29.35 17.37 41.88
CA LYS A 467 -28.43 17.64 43.01
C LYS A 467 -27.99 16.35 43.70
N ALA A 468 -26.68 16.14 43.83
CA ALA A 468 -26.12 14.91 44.40
C ALA A 468 -26.56 14.65 45.85
N GLU A 469 -26.68 15.68 46.69
CA GLU A 469 -27.12 15.54 48.08
C GLU A 469 -28.58 15.05 48.18
N ASN A 470 -29.44 15.45 47.25
CA ASN A 470 -30.84 15.02 47.20
C ASN A 470 -30.95 13.56 46.73
N CYS A 471 -30.15 13.15 45.73
CA CYS A 471 -30.05 11.74 45.32
C CYS A 471 -29.54 10.86 46.47
N THR A 472 -28.58 11.33 47.25
CA THR A 472 -28.11 10.61 48.45
C THR A 472 -29.22 10.48 49.50
N ALA A 473 -29.96 11.54 49.80
CA ALA A 473 -31.08 11.52 50.74
C ALA A 473 -32.19 10.54 50.35
N GLU A 474 -32.44 10.34 49.05
CA GLU A 474 -33.42 9.37 48.54
C GLU A 474 -32.87 7.93 48.40
N GLY A 475 -31.60 7.68 48.70
CA GLY A 475 -30.99 6.36 48.62
C GLY A 475 -30.57 5.94 47.21
N MET A 476 -30.41 6.88 46.28
CA MET A 476 -30.02 6.67 44.89
C MET A 476 -28.49 6.46 44.77
N VAL A 477 -27.99 5.41 45.42
CA VAL A 477 -26.57 5.06 45.54
C VAL A 477 -26.32 3.61 45.10
N CYS A 478 -25.07 3.28 44.79
CA CYS A 478 -24.72 1.96 44.28
C CYS A 478 -24.41 0.90 45.34
N ASN A 479 -24.33 -0.33 44.84
CA ASN A 479 -24.10 -1.56 45.59
C ASN A 479 -22.87 -1.43 46.50
N HIS A 480 -23.00 -1.90 47.75
CA HIS A 480 -21.96 -1.84 48.78
C HIS A 480 -20.61 -2.41 48.34
N LEU A 481 -20.60 -3.35 47.40
CA LEU A 481 -19.44 -4.08 46.93
C LEU A 481 -18.62 -3.37 45.85
N CYS A 482 -19.17 -2.33 45.22
CA CYS A 482 -18.49 -1.61 44.16
C CYS A 482 -17.37 -0.72 44.69
N SER A 483 -16.32 -0.53 43.88
CA SER A 483 -15.12 0.21 44.29
C SER A 483 -15.33 1.73 44.25
N SER A 484 -14.35 2.48 44.73
CA SER A 484 -14.36 3.94 44.67
C SER A 484 -14.41 4.51 43.24
N ASP A 485 -14.23 3.70 42.19
CA ASP A 485 -14.34 4.16 40.79
C ASP A 485 -15.77 4.50 40.35
N GLY A 486 -16.78 4.14 41.13
CA GLY A 486 -18.16 4.49 40.85
C GLY A 486 -18.91 3.50 39.95
N CYS A 487 -20.09 3.90 39.48
CA CYS A 487 -21.04 3.02 38.84
C CYS A 487 -21.99 3.74 37.86
N TRP A 488 -22.66 2.97 37.01
CA TRP A 488 -23.62 3.45 36.02
C TRP A 488 -25.09 3.38 36.46
N GLY A 489 -25.40 2.65 37.52
CA GLY A 489 -26.76 2.40 37.98
C GLY A 489 -26.80 1.53 39.25
N PRO A 490 -27.96 1.28 39.88
CA PRO A 490 -27.98 0.62 41.20
C PRO A 490 -27.57 -0.86 41.25
N GLY A 491 -27.51 -1.57 40.12
CA GLY A 491 -27.29 -3.02 40.14
C GLY A 491 -25.89 -3.49 40.58
N PRO A 492 -25.74 -4.79 40.92
CA PRO A 492 -24.46 -5.43 41.26
C PRO A 492 -23.55 -5.65 40.04
N ASP A 493 -24.07 -5.47 38.83
CA ASP A 493 -23.40 -5.70 37.54
C ASP A 493 -23.28 -4.41 36.71
N GLN A 494 -23.42 -3.24 37.34
CA GLN A 494 -23.40 -1.92 36.68
C GLN A 494 -22.33 -0.99 37.26
N CYS A 495 -21.22 -1.55 37.74
CA CYS A 495 -20.11 -0.80 38.33
C CYS A 495 -18.90 -0.73 37.40
N LEU A 496 -18.11 0.35 37.49
CA LEU A 496 -16.90 0.50 36.67
C LEU A 496 -15.84 -0.54 37.07
N SER A 497 -15.70 -0.79 38.37
CA SER A 497 -14.84 -1.83 38.95
C SER A 497 -15.38 -2.18 40.33
N CYS A 498 -15.04 -3.35 40.85
CA CYS A 498 -15.46 -3.79 42.19
C CYS A 498 -14.35 -4.52 42.92
N ARG A 499 -14.42 -4.53 44.25
CA ARG A 499 -13.47 -5.25 45.09
C ARG A 499 -13.90 -6.70 45.27
N ARG A 500 -13.05 -7.54 45.88
CA ARG A 500 -13.28 -8.98 46.02
C ARG A 500 -13.31 -9.65 44.63
N PHE A 501 -14.40 -10.27 44.19
CA PHE A 501 -14.45 -11.05 42.94
C PHE A 501 -15.68 -10.78 42.09
N SER A 502 -15.62 -11.11 40.80
CA SER A 502 -16.76 -11.11 39.88
C SER A 502 -17.01 -12.48 39.25
N ARG A 503 -18.25 -12.72 38.81
CA ARG A 503 -18.69 -13.97 38.16
C ARG A 503 -19.35 -13.64 36.82
N GLY A 504 -18.54 -13.39 35.81
CA GLY A 504 -18.96 -12.68 34.60
C GLY A 504 -19.11 -11.19 34.90
N ARG A 505 -20.23 -10.57 34.52
CA ARG A 505 -20.47 -9.13 34.75
C ARG A 505 -20.94 -8.80 36.17
N ILE A 506 -21.51 -9.75 36.90
CA ILE A 506 -21.97 -9.57 38.29
C ILE A 506 -20.84 -9.68 39.33
N CYS A 507 -20.72 -8.69 40.22
CA CYS A 507 -19.77 -8.67 41.32
C CYS A 507 -20.28 -9.48 42.54
N ILE A 508 -19.38 -10.19 43.24
CA ILE A 508 -19.68 -11.03 44.41
C ILE A 508 -18.57 -10.96 45.47
N GLU A 509 -18.92 -11.16 46.74
CA GLU A 509 -17.94 -11.21 47.85
C GLU A 509 -17.03 -12.45 47.84
N SER A 510 -17.54 -13.62 47.47
CA SER A 510 -16.77 -14.88 47.43
C SER A 510 -17.37 -15.90 46.45
N CYS A 511 -16.60 -16.91 46.07
CA CYS A 511 -16.98 -17.89 45.04
C CYS A 511 -17.12 -19.34 45.53
N ASN A 512 -17.40 -19.55 46.82
CA ASN A 512 -17.72 -20.88 47.39
C ASN A 512 -16.76 -22.02 47.01
N LEU A 513 -15.44 -21.84 47.19
CA LEU A 513 -14.41 -22.80 46.75
C LEU A 513 -14.55 -24.22 47.35
N TYR A 514 -15.18 -24.32 48.52
CA TYR A 514 -15.36 -25.52 49.33
C TYR A 514 -16.84 -25.72 49.77
N ASP A 515 -17.79 -25.06 49.11
CA ASP A 515 -19.20 -25.06 49.50
C ASP A 515 -20.20 -24.88 48.32
N GLY A 516 -21.50 -24.97 48.59
CA GLY A 516 -22.57 -24.68 47.64
C GLY A 516 -22.89 -25.78 46.62
N GLU A 517 -23.71 -25.43 45.63
CA GLU A 517 -24.20 -26.30 44.55
C GLU A 517 -23.27 -26.40 43.32
N PHE A 518 -22.18 -25.61 43.31
CA PHE A 518 -21.20 -25.51 42.23
C PHE A 518 -19.78 -25.48 42.83
N ARG A 519 -18.76 -25.81 42.02
CA ARG A 519 -17.35 -25.61 42.39
C ARG A 519 -16.60 -24.93 41.27
N GLU A 520 -15.81 -23.94 41.64
CA GLU A 520 -15.06 -23.09 40.72
C GLU A 520 -13.74 -22.65 41.36
N PHE A 521 -12.83 -22.10 40.58
CA PHE A 521 -11.54 -21.57 41.03
C PHE A 521 -11.47 -20.06 40.80
N GLU A 522 -10.68 -19.36 41.59
CA GLU A 522 -10.62 -17.89 41.58
C GLU A 522 -9.18 -17.37 41.60
N ASN A 523 -8.93 -16.27 40.89
CA ASN A 523 -7.68 -15.49 40.94
C ASN A 523 -7.91 -14.11 40.30
N GLY A 524 -7.19 -13.08 40.73
CA GLY A 524 -7.20 -11.75 40.09
C GLY A 524 -8.57 -11.05 40.10
N SER A 525 -9.39 -11.29 41.13
CA SER A 525 -10.78 -10.81 41.24
C SER A 525 -11.76 -11.37 40.20
N ILE A 526 -11.46 -12.50 39.55
CA ILE A 526 -12.31 -13.18 38.58
C ILE A 526 -12.49 -14.65 39.01
N CYS A 527 -13.70 -15.19 38.90
CA CYS A 527 -14.00 -16.59 39.17
C CYS A 527 -14.52 -17.35 37.95
N VAL A 528 -14.03 -18.58 37.73
CA VAL A 528 -14.36 -19.41 36.55
C VAL A 528 -14.69 -20.85 36.95
N GLU A 529 -15.73 -21.42 36.36
CA GLU A 529 -16.22 -22.77 36.68
C GLU A 529 -15.14 -23.83 36.47
N CYS A 530 -15.11 -24.84 37.34
CA CYS A 530 -14.22 -26.00 37.22
C CYS A 530 -14.79 -27.07 36.28
N ASP A 531 -13.95 -27.96 35.74
CA ASP A 531 -14.39 -29.09 34.90
C ASP A 531 -15.50 -29.91 35.60
N PRO A 532 -16.70 -30.05 35.01
CA PRO A 532 -17.84 -30.69 35.67
C PRO A 532 -17.64 -32.17 36.04
N GLN A 533 -16.66 -32.88 35.47
CA GLN A 533 -16.36 -34.28 35.84
C GLN A 533 -15.66 -34.43 37.21
N CYS A 534 -15.15 -33.33 37.78
CA CYS A 534 -14.51 -33.34 39.09
C CYS A 534 -15.55 -33.51 40.21
N GLU A 535 -15.22 -34.29 41.23
CA GLU A 535 -16.09 -34.49 42.40
C GLU A 535 -16.10 -33.23 43.26
N LYS A 536 -17.23 -32.91 43.90
CA LYS A 536 -17.32 -31.78 44.83
C LYS A 536 -16.71 -32.17 46.18
N MET A 537 -15.77 -31.37 46.69
CA MET A 537 -15.20 -31.61 48.03
C MET A 537 -16.02 -30.89 49.12
N GLU A 538 -15.99 -31.46 50.32
CA GLU A 538 -16.80 -31.07 51.48
C GLU A 538 -15.92 -30.86 52.73
N ASP A 539 -16.54 -30.49 53.86
CA ASP A 539 -15.87 -30.30 55.16
C ASP A 539 -14.72 -29.29 55.12
N GLY A 540 -14.91 -28.20 54.35
CA GLY A 540 -13.95 -27.11 54.22
C GLY A 540 -12.83 -27.35 53.20
N LEU A 541 -12.78 -28.50 52.54
CA LEU A 541 -11.72 -28.81 51.58
C LEU A 541 -11.98 -28.16 50.21
N LEU A 542 -10.97 -27.47 49.67
CA LEU A 542 -10.99 -26.83 48.36
C LEU A 542 -11.00 -27.87 47.22
N THR A 543 -11.90 -27.71 46.25
CA THR A 543 -12.13 -28.73 45.21
C THR A 543 -11.21 -28.56 44.00
N CYS A 544 -11.06 -27.35 43.46
CA CYS A 544 -10.37 -27.10 42.19
C CYS A 544 -9.33 -25.97 42.31
N HIS A 545 -8.14 -26.20 41.76
CA HIS A 545 -7.03 -25.25 41.68
C HIS A 545 -6.91 -24.53 40.32
N GLY A 546 -7.73 -24.94 39.34
CA GLY A 546 -7.70 -24.47 37.95
C GLY A 546 -8.76 -25.17 37.10
N PRO A 547 -8.84 -24.87 35.80
CA PRO A 547 -9.91 -25.35 34.93
C PRO A 547 -9.79 -26.83 34.51
N GLY A 548 -8.63 -27.47 34.68
CA GLY A 548 -8.36 -28.80 34.14
C GLY A 548 -8.81 -29.97 35.03
N PRO A 549 -9.04 -31.16 34.47
CA PRO A 549 -9.37 -32.35 35.27
C PRO A 549 -8.20 -32.82 36.14
N ASP A 550 -6.97 -32.39 35.82
CA ASP A 550 -5.76 -32.56 36.62
C ASP A 550 -5.62 -31.47 37.70
N ASN A 551 -6.51 -30.48 37.77
CA ASN A 551 -6.48 -29.38 38.72
C ASN A 551 -7.41 -29.59 39.93
N CYS A 552 -8.09 -30.73 40.05
CA CYS A 552 -9.07 -30.98 41.11
C CYS A 552 -8.70 -32.19 41.97
N THR A 553 -9.20 -32.24 43.21
CA THR A 553 -8.83 -33.27 44.20
C THR A 553 -9.15 -34.70 43.74
N LYS A 554 -10.34 -34.89 43.14
CA LYS A 554 -10.83 -36.18 42.61
C LYS A 554 -11.89 -35.95 41.54
N CYS A 555 -12.10 -36.92 40.65
CA CYS A 555 -13.13 -36.95 39.61
C CYS A 555 -13.93 -38.27 39.62
N SER A 556 -15.21 -38.23 39.25
CA SER A 556 -16.08 -39.42 39.18
C SER A 556 -15.70 -40.31 37.99
N HIS A 557 -15.16 -39.71 36.94
CA HIS A 557 -14.57 -40.38 35.79
C HIS A 557 -13.27 -41.11 36.15
N PHE A 558 -12.81 -42.02 35.29
CA PHE A 558 -11.58 -42.77 35.54
C PHE A 558 -10.35 -41.87 35.44
N LYS A 559 -9.35 -42.06 36.30
CA LYS A 559 -8.02 -41.44 36.15
C LYS A 559 -7.29 -42.07 34.97
N ASP A 560 -6.62 -41.27 34.16
CA ASP A 560 -5.79 -41.73 33.04
C ASP A 560 -4.55 -40.85 32.95
N GLY A 561 -3.49 -41.22 33.68
CA GLY A 561 -2.41 -40.29 34.02
C GLY A 561 -2.94 -39.17 34.93
N PRO A 562 -2.53 -37.90 34.73
CA PRO A 562 -3.05 -36.78 35.52
C PRO A 562 -4.52 -36.45 35.19
N ASN A 563 -4.98 -36.79 33.98
CA ASN A 563 -6.30 -36.45 33.46
C ASN A 563 -7.43 -37.39 33.95
N CYS A 564 -8.66 -37.07 33.58
CA CYS A 564 -9.87 -37.88 33.85
C CYS A 564 -10.59 -38.22 32.53
N VAL A 565 -11.15 -39.43 32.43
CA VAL A 565 -11.72 -40.01 31.20
C VAL A 565 -13.02 -40.75 31.50
N GLU A 566 -14.02 -40.58 30.63
CA GLU A 566 -15.38 -41.14 30.78
C GLU A 566 -15.38 -42.67 30.87
N LYS A 567 -14.65 -43.33 29.96
CA LYS A 567 -14.54 -44.79 29.85
C LYS A 567 -13.34 -45.14 28.96
N CYS A 568 -12.18 -45.45 29.54
CA CYS A 568 -10.99 -45.81 28.77
C CYS A 568 -11.15 -47.07 27.87
N PRO A 569 -11.99 -48.07 28.22
CA PRO A 569 -12.31 -49.18 27.31
C PRO A 569 -13.12 -48.81 26.04
N ASP A 570 -13.61 -47.59 25.90
CA ASP A 570 -14.32 -47.15 24.68
C ASP A 570 -13.33 -46.82 23.53
N GLY A 571 -13.51 -47.43 22.36
CA GLY A 571 -12.70 -47.11 21.16
C GLY A 571 -11.24 -47.56 21.27
N LEU A 572 -10.31 -46.62 21.09
CA LEU A 572 -8.85 -46.86 21.03
C LEU A 572 -8.47 -48.01 20.09
N ILE A 579 -3.81 -49.81 20.25
CA ILE A 579 -3.98 -49.21 21.57
C ILE A 579 -5.30 -49.66 22.20
N PHE A 580 -5.27 -50.13 23.45
CA PHE A 580 -6.48 -50.44 24.23
C PHE A 580 -6.20 -50.42 25.74
N LYS A 581 -7.24 -50.28 26.57
CA LYS A 581 -7.12 -50.12 28.03
C LYS A 581 -8.22 -50.84 28.81
N TYR A 582 -7.90 -51.23 30.05
CA TYR A 582 -8.85 -51.57 31.11
C TYR A 582 -8.78 -50.48 32.20
N ALA A 583 -9.59 -50.61 33.26
CA ALA A 583 -9.45 -49.78 34.46
C ALA A 583 -9.69 -50.58 35.74
N ASP A 584 -9.02 -50.18 36.83
CA ASP A 584 -8.94 -50.94 38.08
C ASP A 584 -10.05 -50.56 39.11
N PRO A 585 -10.14 -51.27 40.26
CA PRO A 585 -11.11 -50.95 41.32
C PRO A 585 -10.94 -49.58 41.99
N ASP A 586 -9.81 -48.91 41.82
CA ASP A 586 -9.58 -47.53 42.27
C ASP A 586 -9.95 -46.51 41.17
N ARG A 587 -10.55 -46.98 40.06
CA ARG A 587 -10.96 -46.22 38.87
C ARG A 587 -9.76 -45.56 38.15
N GLU A 588 -8.61 -46.20 38.12
CA GLU A 588 -7.48 -45.78 37.29
C GLU A 588 -7.32 -46.71 36.07
N CYS A 589 -7.17 -46.10 34.89
CA CYS A 589 -6.99 -46.81 33.62
C CYS A 589 -5.57 -47.31 33.41
N HIS A 590 -5.43 -48.45 32.72
CA HIS A 590 -4.17 -49.15 32.45
C HIS A 590 -4.20 -49.82 31.08
N PRO A 591 -3.06 -49.99 30.39
CA PRO A 591 -3.00 -50.59 29.06
C PRO A 591 -3.31 -52.09 29.06
N CYS A 592 -4.05 -52.54 28.05
CA CYS A 592 -4.18 -53.96 27.69
C CYS A 592 -3.17 -54.34 26.58
N HIS A 593 -2.98 -55.64 26.35
CA HIS A 593 -2.17 -56.14 25.24
C HIS A 593 -2.77 -55.73 23.87
N PRO A 594 -1.98 -55.43 22.82
CA PRO A 594 -2.51 -55.18 21.48
C PRO A 594 -3.42 -56.29 20.94
N ASN A 595 -4.33 -55.93 20.01
CA ASN A 595 -5.36 -56.81 19.44
C ASN A 595 -6.42 -57.30 20.47
N CYS A 596 -6.70 -56.45 21.46
CA CYS A 596 -7.72 -56.67 22.49
C CYS A 596 -8.89 -55.66 22.45
N THR A 597 -9.08 -54.91 21.35
CA THR A 597 -10.10 -53.83 21.26
C THR A 597 -11.55 -54.30 21.36
N GLN A 598 -11.78 -55.61 21.22
CA GLN A 598 -13.06 -56.27 21.47
C GLN A 598 -13.45 -56.38 22.96
N GLY A 599 -12.48 -56.22 23.87
CA GLY A 599 -12.62 -56.37 25.33
C GLY A 599 -11.45 -57.10 26.01
N CYS A 600 -11.08 -56.63 27.20
CA CYS A 600 -9.98 -57.14 28.04
C CYS A 600 -10.25 -56.89 29.54
N ASN A 601 -9.54 -57.61 30.41
CA ASN A 601 -9.67 -57.51 31.87
C ASN A 601 -8.37 -57.08 32.59
N GLY A 602 -7.22 -57.12 31.93
CA GLY A 602 -5.93 -56.77 32.53
C GLY A 602 -4.78 -56.58 31.52
N PRO A 603 -3.54 -56.37 32.01
CA PRO A 603 -2.37 -56.01 31.19
C PRO A 603 -1.77 -57.21 30.44
N THR A 604 -2.59 -57.92 29.67
CA THR A 604 -2.26 -59.22 29.05
C THR A 604 -3.21 -59.55 27.89
N SER A 605 -2.79 -60.47 27.02
CA SER A 605 -3.64 -61.11 26.01
C SER A 605 -4.47 -62.28 26.59
N HIS A 606 -4.07 -62.87 27.72
CA HIS A 606 -4.71 -64.09 28.25
C HIS A 606 -6.10 -63.89 28.85
N ASP A 607 -6.52 -62.66 29.10
CA ASP A 607 -7.87 -62.31 29.57
C ASP A 607 -8.69 -61.49 28.56
N CYS A 608 -8.22 -61.43 27.30
CA CYS A 608 -8.95 -60.79 26.21
C CYS A 608 -9.92 -61.77 25.51
N ILE A 609 -11.03 -61.25 24.98
CA ILE A 609 -12.05 -62.03 24.26
C ILE A 609 -11.57 -62.43 22.85
N GLN B 1 13.55 5.45 -28.37
CA GLN B 1 15.01 5.46 -28.36
C GLN B 1 15.60 4.06 -28.55
N SER B 2 16.73 3.94 -29.26
CA SER B 2 17.44 2.67 -29.40
C SER B 2 18.27 2.36 -28.16
N VAL B 3 17.99 1.23 -27.52
CA VAL B 3 18.56 0.83 -26.23
C VAL B 3 19.42 -0.42 -26.39
N CYS B 4 20.66 -0.33 -25.92
CA CYS B 4 21.62 -1.44 -25.86
C CYS B 4 21.96 -1.75 -24.40
N ALA B 5 22.98 -2.58 -24.15
CA ALA B 5 23.42 -2.94 -22.80
C ALA B 5 24.94 -2.90 -22.72
N GLY B 6 25.48 -2.44 -21.58
CA GLY B 6 26.92 -2.28 -21.40
C GLY B 6 27.63 -3.57 -20.99
N THR B 7 28.94 -3.63 -21.23
CA THR B 7 29.80 -4.75 -20.81
C THR B 7 30.32 -4.57 -19.38
N GLU B 8 30.90 -5.65 -18.83
CA GLU B 8 31.50 -5.67 -17.48
C GLU B 8 32.94 -6.24 -17.54
N ASN B 9 33.71 -5.85 -18.56
CA ASN B 9 35.09 -6.29 -18.78
C ASN B 9 36.11 -5.33 -18.16
N LYS B 10 35.72 -4.11 -17.87
CA LYS B 10 36.68 -3.10 -17.37
C LYS B 10 37.91 -3.13 -18.28
N LEU B 11 39.13 -3.21 -17.75
CA LEU B 11 40.41 -3.20 -18.43
C LEU B 11 40.75 -4.51 -19.20
N SER B 12 40.01 -5.60 -18.99
CA SER B 12 40.30 -6.89 -19.64
C SER B 12 39.91 -6.87 -21.12
N SER B 13 40.46 -7.78 -21.94
CA SER B 13 40.23 -7.83 -23.39
C SER B 13 40.45 -9.22 -23.99
N LEU B 14 40.00 -9.41 -25.23
CA LEU B 14 40.36 -10.59 -26.02
C LEU B 14 41.79 -10.43 -26.56
N SER B 15 42.56 -11.53 -26.65
CA SER B 15 43.96 -11.48 -27.08
C SER B 15 44.17 -11.04 -28.53
N ASP B 16 43.15 -11.13 -29.37
CA ASP B 16 43.18 -10.62 -30.74
C ASP B 16 42.55 -9.22 -30.78
N LEU B 17 43.37 -8.19 -31.02
CA LEU B 17 42.90 -6.81 -30.97
C LEU B 17 41.81 -6.51 -32.01
N GLU B 18 41.72 -7.25 -33.11
CA GLU B 18 40.60 -7.07 -34.05
C GLU B 18 39.30 -7.64 -33.49
N GLN B 19 39.33 -8.73 -32.72
CA GLN B 19 38.13 -9.27 -32.09
C GLN B 19 37.65 -8.34 -30.96
N GLN B 20 38.57 -7.64 -30.28
CA GLN B 20 38.19 -6.63 -29.28
C GLN B 20 37.46 -5.44 -29.92
N TYR B 21 37.92 -4.94 -31.07
CA TYR B 21 37.19 -3.92 -31.82
C TYR B 21 35.85 -4.41 -32.37
N ARG B 22 35.78 -5.60 -32.99
CA ARG B 22 34.52 -6.18 -33.49
C ARG B 22 33.49 -6.36 -32.38
N ALA B 23 33.91 -6.77 -31.19
CA ALA B 23 33.03 -6.83 -30.02
C ALA B 23 32.52 -5.44 -29.63
N LEU B 24 33.39 -4.41 -29.61
CA LEU B 24 32.97 -3.05 -29.31
C LEU B 24 31.87 -2.56 -30.28
N ARG B 25 31.99 -2.87 -31.58
CA ARG B 25 30.93 -2.58 -32.57
C ARG B 25 29.62 -3.29 -32.23
N LYS B 26 29.65 -4.60 -31.96
CA LYS B 26 28.44 -5.38 -31.66
C LYS B 26 27.73 -4.94 -30.38
N TYR B 27 28.41 -4.40 -29.37
CA TYR B 27 27.77 -3.93 -28.14
C TYR B 27 27.18 -2.51 -28.26
N TYR B 28 27.91 -1.57 -28.88
CA TYR B 28 27.56 -0.14 -28.80
C TYR B 28 27.12 0.50 -30.12
N GLU B 29 27.14 -0.22 -31.24
CA GLU B 29 26.73 0.35 -32.54
C GLU B 29 25.21 0.53 -32.65
N ASN B 30 24.77 1.68 -33.19
CA ASN B 30 23.36 2.03 -33.45
C ASN B 30 22.43 1.98 -32.23
N CYS B 31 22.91 2.47 -31.09
CA CYS B 31 22.11 2.70 -29.88
C CYS B 31 22.43 4.06 -29.25
N GLU B 32 21.50 4.61 -28.47
CA GLU B 32 21.66 5.94 -27.85
C GLU B 32 21.52 5.96 -26.34
N VAL B 33 20.86 4.97 -25.72
CA VAL B 33 20.83 4.79 -24.27
C VAL B 33 21.50 3.48 -23.92
N VAL B 34 22.53 3.50 -23.06
CA VAL B 34 23.38 2.32 -22.83
C VAL B 34 22.89 1.34 -21.74
N MET B 35 22.06 1.76 -20.79
CA MET B 35 21.54 0.91 -19.68
C MET B 35 22.60 0.12 -18.88
N GLY B 36 23.84 0.60 -18.85
CA GLY B 36 24.97 -0.04 -18.19
C GLY B 36 26.23 0.78 -18.41
N ASN B 37 27.39 0.15 -18.28
CA ASN B 37 28.66 0.85 -18.40
C ASN B 37 29.05 1.05 -19.87
N LEU B 38 29.70 2.16 -20.18
CA LEU B 38 30.33 2.38 -21.48
C LEU B 38 31.83 2.28 -21.26
N GLU B 39 32.52 1.36 -21.92
CA GLU B 39 33.94 1.16 -21.66
C GLU B 39 34.68 0.78 -22.93
N ILE B 40 35.74 1.54 -23.23
CA ILE B 40 36.55 1.43 -24.44
C ILE B 40 37.97 1.04 -24.03
N THR B 41 38.37 -0.18 -24.34
CA THR B 41 39.64 -0.74 -23.87
C THR B 41 40.45 -1.30 -25.03
N SER B 42 41.73 -0.94 -25.07
CA SER B 42 42.76 -1.44 -25.99
C SER B 42 42.47 -1.29 -27.48
N ILE B 43 41.84 -0.20 -27.92
CA ILE B 43 41.59 0.07 -29.35
C ILE B 43 42.80 0.74 -30.01
N GLU B 44 43.21 0.24 -31.18
CA GLU B 44 44.35 0.72 -31.97
C GLU B 44 44.10 2.07 -32.66
N HIS B 45 45.16 2.83 -32.94
CA HIS B 45 45.06 4.19 -33.53
C HIS B 45 44.51 4.24 -34.97
N ASN B 46 44.51 3.13 -35.70
CA ASN B 46 44.02 3.08 -37.09
C ASN B 46 42.53 2.75 -37.23
N ARG B 47 41.83 2.42 -36.14
CA ARG B 47 40.45 1.91 -36.20
C ARG B 47 39.40 3.01 -36.13
N ASP B 48 38.28 2.83 -36.82
CA ASP B 48 37.19 3.80 -36.95
C ASP B 48 36.17 3.65 -35.81
N LEU B 49 36.13 4.62 -34.88
CA LEU B 49 35.20 4.66 -33.75
C LEU B 49 34.01 5.61 -33.95
N SER B 50 33.77 6.13 -35.16
CA SER B 50 32.72 7.12 -35.42
C SER B 50 31.29 6.62 -35.17
N PHE B 51 31.08 5.31 -35.07
CA PHE B 51 29.79 4.71 -34.69
C PHE B 51 29.32 5.08 -33.28
N LEU B 52 30.22 5.47 -32.37
CA LEU B 52 29.87 5.87 -30.99
C LEU B 52 29.12 7.22 -30.91
N ARG B 53 29.06 8.00 -31.99
CA ARG B 53 28.33 9.27 -32.05
C ARG B 53 26.82 9.15 -31.84
N SER B 54 26.21 7.96 -31.90
CA SER B 54 24.79 7.79 -31.57
C SER B 54 24.53 7.77 -30.06
N VAL B 55 25.54 7.67 -29.19
CA VAL B 55 25.35 7.58 -27.75
C VAL B 55 24.99 8.94 -27.14
N ARG B 56 23.86 9.02 -26.42
CA ARG B 56 23.37 10.24 -25.76
C ARG B 56 23.28 10.13 -24.25
N GLU B 57 23.11 8.93 -23.70
CA GLU B 57 22.93 8.73 -22.26
C GLU B 57 23.59 7.43 -21.78
N VAL B 58 24.35 7.51 -20.68
CA VAL B 58 25.01 6.36 -20.06
C VAL B 58 24.50 6.21 -18.64
N THR B 59 24.00 5.04 -18.24
CA THR B 59 23.51 4.85 -16.87
C THR B 59 24.55 4.37 -15.86
N GLY B 60 25.64 3.74 -16.29
CA GLY B 60 26.80 3.40 -15.47
C GLY B 60 27.94 4.40 -15.64
N TYR B 61 29.17 3.93 -15.50
CA TYR B 61 30.38 4.74 -15.69
C TYR B 61 30.88 4.69 -17.13
N VAL B 62 31.65 5.70 -17.53
CA VAL B 62 32.39 5.76 -18.79
C VAL B 62 33.88 5.56 -18.51
N LEU B 63 34.50 4.57 -19.14
CA LEU B 63 35.91 4.23 -18.96
C LEU B 63 36.65 4.24 -20.30
N VAL B 64 37.71 5.01 -20.44
CA VAL B 64 38.55 5.08 -21.66
C VAL B 64 39.99 4.93 -21.21
N ALA B 65 40.55 3.70 -21.22
CA ALA B 65 41.73 3.45 -20.40
C ALA B 65 43.05 2.99 -21.03
N LEU B 66 43.13 2.45 -22.25
CA LEU B 66 44.43 1.97 -22.81
C LEU B 66 44.56 2.16 -24.33
N ASN B 67 43.78 3.06 -24.90
CA ASN B 67 43.57 3.22 -26.33
C ASN B 67 44.59 4.14 -26.98
N GLN B 68 44.77 4.02 -28.30
CA GLN B 68 45.77 4.79 -29.05
C GLN B 68 45.17 5.77 -30.07
N PHE B 69 43.85 5.97 -30.07
CA PHE B 69 43.13 6.87 -31.00
C PHE B 69 43.24 8.36 -30.63
N ARG B 70 43.19 9.24 -31.63
CA ARG B 70 43.40 10.70 -31.48
C ARG B 70 42.20 11.48 -30.94
N TYR B 71 40.99 11.12 -31.33
CA TYR B 71 39.75 11.84 -31.02
C TYR B 71 38.69 10.88 -30.46
N LEU B 72 38.05 11.26 -29.35
CA LEU B 72 36.97 10.48 -28.70
C LEU B 72 35.59 10.95 -29.22
N PRO B 73 34.90 10.22 -30.12
CA PRO B 73 33.69 10.71 -30.79
C PRO B 73 32.41 10.51 -29.94
N LEU B 74 32.26 11.29 -28.87
CA LEU B 74 31.08 11.31 -28.00
C LEU B 74 30.46 12.72 -27.87
N GLU B 75 30.56 13.57 -28.90
CA GLU B 75 30.20 14.99 -28.77
C GLU B 75 28.74 15.27 -28.41
N ASN B 76 27.82 14.32 -28.65
CA ASN B 76 26.41 14.39 -28.27
C ASN B 76 26.04 13.58 -27.00
N LEU B 77 27.00 13.14 -26.19
CA LEU B 77 26.73 12.54 -24.88
C LEU B 77 26.32 13.65 -23.91
N ARG B 78 25.09 13.66 -23.38
CA ARG B 78 24.58 14.76 -22.55
C ARG B 78 24.74 14.51 -21.05
N ILE B 79 24.43 13.31 -20.60
CA ILE B 79 24.32 12.97 -19.18
C ILE B 79 24.95 11.62 -18.86
N ILE B 80 25.64 11.51 -17.73
CA ILE B 80 26.10 10.25 -17.14
C ILE B 80 25.45 10.12 -15.76
N ARG B 81 24.76 9.01 -15.46
CA ARG B 81 24.07 8.86 -14.17
C ARG B 81 24.89 8.24 -13.04
N GLY B 82 25.94 7.49 -13.33
CA GLY B 82 26.79 6.94 -12.28
C GLY B 82 26.15 5.85 -11.41
N THR B 83 25.24 5.03 -11.96
CA THR B 83 24.54 3.96 -11.21
C THR B 83 25.54 3.03 -10.51
N LYS B 84 26.59 2.66 -11.25
CA LYS B 84 27.78 1.95 -10.81
C LYS B 84 28.97 2.83 -11.18
N LEU B 85 29.99 2.89 -10.35
CA LEU B 85 31.16 3.74 -10.58
C LEU B 85 32.43 2.91 -10.76
N TYR B 86 33.36 3.39 -11.59
CA TYR B 86 34.66 2.74 -11.73
C TYR B 86 35.46 2.82 -10.43
N GLU B 87 35.99 1.71 -9.93
CA GLU B 87 36.60 1.59 -8.59
C GLU B 87 35.68 1.99 -7.42
N ASP B 88 34.36 2.06 -7.61
CA ASP B 88 33.41 2.72 -6.68
C ASP B 88 33.71 4.22 -6.42
N ARG B 89 34.43 4.89 -7.32
CA ARG B 89 34.92 6.27 -7.17
C ARG B 89 34.45 7.19 -8.29
N TYR B 90 34.58 6.76 -9.54
CA TYR B 90 34.48 7.63 -10.72
C TYR B 90 33.35 7.29 -11.68
N ALA B 91 32.67 8.30 -12.19
CA ALA B 91 31.69 8.16 -13.25
C ALA B 91 32.30 8.37 -14.65
N LEU B 92 33.41 9.08 -14.77
CA LEU B 92 34.13 9.30 -16.01
C LEU B 92 35.62 9.18 -15.73
N ALA B 93 36.28 8.16 -16.26
CA ALA B 93 37.69 7.94 -16.05
C ALA B 93 38.44 7.80 -17.37
N ILE B 94 39.33 8.73 -17.70
CA ILE B 94 40.09 8.74 -18.95
C ILE B 94 41.57 8.73 -18.61
N PHE B 95 42.30 7.65 -18.90
CA PHE B 95 43.72 7.59 -18.53
C PHE B 95 44.59 6.69 -19.41
N LEU B 96 45.91 6.89 -19.38
CA LEU B 96 46.92 6.10 -20.08
C LEU B 96 46.77 5.97 -21.62
N ASN B 97 45.97 6.81 -22.28
CA ASN B 97 45.67 6.67 -23.71
C ASN B 97 46.75 7.24 -24.65
N TYR B 98 47.96 6.69 -24.62
CA TYR B 98 49.07 7.06 -25.51
C TYR B 98 50.05 5.91 -25.74
N ARG B 99 50.83 5.96 -26.82
CA ARG B 99 51.89 4.98 -27.13
C ARG B 99 53.24 5.50 -26.66
N LYS B 100 53.84 4.89 -25.62
CA LYS B 100 55.06 5.41 -24.99
C LYS B 100 56.29 5.49 -25.92
N ASP B 101 56.28 4.69 -26.98
CA ASP B 101 57.38 4.56 -27.95
C ASP B 101 57.29 5.55 -29.13
N GLY B 102 56.30 6.44 -29.17
CA GLY B 102 56.11 7.39 -30.27
C GLY B 102 55.23 8.60 -29.89
N ASN B 103 54.50 9.13 -30.86
CA ASN B 103 53.63 10.30 -30.73
C ASN B 103 52.12 10.01 -30.87
N PHE B 104 51.70 8.73 -30.85
CA PHE B 104 50.29 8.33 -30.97
C PHE B 104 49.58 8.42 -29.62
N GLY B 105 48.33 8.86 -29.61
CA GLY B 105 47.52 8.92 -28.39
C GLY B 105 46.33 9.86 -28.49
N LEU B 106 45.56 9.94 -27.41
CA LEU B 106 44.35 10.74 -27.33
C LEU B 106 44.68 12.22 -27.13
N GLN B 107 44.28 13.05 -28.07
CA GLN B 107 44.62 14.47 -28.14
C GLN B 107 43.44 15.39 -27.81
N GLU B 108 42.24 15.06 -28.29
CA GLU B 108 41.03 15.89 -28.13
C GLU B 108 39.84 15.04 -27.67
N LEU B 109 39.04 15.57 -26.73
CA LEU B 109 37.85 14.88 -26.23
C LEU B 109 36.60 15.42 -26.92
N GLY B 110 35.89 14.58 -27.68
CA GLY B 110 34.62 14.96 -28.27
C GLY B 110 33.51 14.86 -27.23
N LEU B 111 33.44 15.80 -26.28
CA LEU B 111 32.44 15.79 -25.19
C LEU B 111 31.73 17.15 -25.03
N LYS B 112 31.50 17.90 -26.13
CA LYS B 112 30.83 19.22 -26.12
C LYS B 112 29.51 19.23 -25.36
N ASN B 113 28.67 18.20 -25.53
CA ASN B 113 27.38 18.13 -24.85
C ASN B 113 27.43 17.55 -23.42
N LEU B 114 28.54 17.03 -22.91
CA LEU B 114 28.53 16.42 -21.58
C LEU B 114 28.32 17.51 -20.53
N THR B 115 27.12 17.59 -19.97
CA THR B 115 26.69 18.73 -19.16
C THR B 115 26.33 18.34 -17.74
N GLU B 116 25.91 17.10 -17.51
CA GLU B 116 25.48 16.65 -16.20
C GLU B 116 26.09 15.31 -15.85
N ILE B 117 26.73 15.22 -14.68
CA ILE B 117 27.12 13.95 -14.08
C ILE B 117 26.47 13.90 -12.70
N LEU B 118 25.52 12.99 -12.50
CA LEU B 118 24.69 12.99 -11.29
C LEU B 118 25.33 12.33 -10.07
N ASN B 119 26.34 11.48 -10.23
CA ASN B 119 27.01 10.79 -9.12
C ASN B 119 28.47 10.48 -9.45
N GLY B 120 29.32 10.25 -8.45
CA GLY B 120 30.74 9.91 -8.64
C GLY B 120 31.66 11.07 -9.04
N GLY B 121 32.95 10.78 -9.15
CA GLY B 121 34.00 11.72 -9.54
C GLY B 121 34.35 11.73 -11.02
N VAL B 122 35.33 12.56 -11.41
CA VAL B 122 35.88 12.68 -12.77
C VAL B 122 37.39 12.62 -12.73
N TYR B 123 38.00 11.74 -13.52
CA TYR B 123 39.43 11.49 -13.48
C TYR B 123 40.01 11.58 -14.89
N VAL B 124 40.90 12.53 -15.13
CA VAL B 124 41.66 12.63 -16.39
C VAL B 124 43.15 12.69 -16.07
N ASP B 125 43.91 11.69 -16.47
CA ASP B 125 45.30 11.55 -16.01
C ASP B 125 46.18 10.76 -16.97
N GLN B 126 47.49 11.01 -16.96
CA GLN B 126 48.47 10.24 -17.72
C GLN B 126 48.23 10.17 -19.25
N ASN B 127 47.34 10.98 -19.83
CA ASN B 127 47.08 11.00 -21.26
C ASN B 127 48.11 11.94 -21.92
N LYS B 128 49.34 11.47 -22.11
CA LYS B 128 50.51 12.35 -22.34
C LYS B 128 50.31 13.44 -23.40
N PHE B 129 49.57 13.16 -24.48
CA PHE B 129 49.39 14.05 -25.62
C PHE B 129 48.08 14.87 -25.62
N LEU B 130 47.28 14.78 -24.55
CA LEU B 130 45.97 15.43 -24.39
C LEU B 130 46.08 16.95 -24.26
N CYS B 131 45.32 17.70 -25.05
CA CYS B 131 45.54 19.14 -25.22
C CYS B 131 44.78 20.06 -24.25
N TYR B 132 43.43 20.00 -24.16
CA TYR B 132 42.63 21.02 -23.44
C TYR B 132 41.90 20.60 -22.15
N ALA B 133 42.04 19.36 -21.68
CA ALA B 133 41.25 18.85 -20.57
C ALA B 133 41.32 19.65 -19.26
N ASP B 134 42.46 20.26 -18.89
CA ASP B 134 42.57 21.08 -17.68
C ASP B 134 41.81 22.43 -17.80
N THR B 135 41.32 22.80 -19.01
CA THR B 135 40.49 23.99 -19.23
C THR B 135 38.98 23.68 -19.13
N ILE B 136 38.57 22.44 -18.89
CA ILE B 136 37.16 22.11 -18.78
C ILE B 136 36.68 22.43 -17.37
N HIS B 137 35.56 23.13 -17.31
CA HIS B 137 34.96 23.64 -16.08
C HIS B 137 34.13 22.56 -15.40
N TRP B 138 34.80 21.52 -14.86
CA TRP B 138 34.18 20.29 -14.40
C TRP B 138 33.24 20.48 -13.20
N GLN B 139 33.40 21.53 -12.40
CA GLN B 139 32.47 21.92 -11.35
C GLN B 139 31.13 22.51 -11.81
N ASP B 140 30.95 22.86 -13.09
CA ASP B 140 29.61 23.14 -13.65
C ASP B 140 28.93 21.83 -14.11
N ILE B 141 29.72 20.90 -14.67
CA ILE B 141 29.25 19.61 -15.20
C ILE B 141 28.91 18.63 -14.07
N VAL B 142 29.78 18.50 -13.07
CA VAL B 142 29.63 17.52 -11.99
C VAL B 142 28.70 18.04 -10.91
N ARG B 143 27.69 17.28 -10.51
CA ARG B 143 26.85 17.59 -9.33
C ARG B 143 27.64 17.29 -8.04
N ASN B 144 27.64 18.23 -7.09
CA ASN B 144 28.45 18.20 -5.85
C ASN B 144 29.97 18.04 -6.09
N PRO B 145 30.63 18.99 -6.78
CA PRO B 145 31.99 18.84 -7.33
C PRO B 145 33.20 19.00 -6.39
N TRP B 146 33.01 19.30 -5.10
CA TRP B 146 34.13 19.63 -4.18
C TRP B 146 35.18 18.52 -4.03
N PRO B 147 36.45 18.81 -3.68
CA PRO B 147 37.56 17.84 -3.74
C PRO B 147 37.30 16.48 -3.09
N SER B 148 36.50 16.40 -2.02
CA SER B 148 36.17 15.15 -1.33
C SER B 148 35.33 14.18 -2.18
N ASN B 149 34.76 14.65 -3.30
CA ASN B 149 34.02 13.89 -4.31
C ASN B 149 34.86 13.62 -5.58
N LEU B 150 36.18 13.79 -5.51
CA LEU B 150 37.16 13.34 -6.51
C LEU B 150 36.99 13.92 -7.92
N THR B 151 36.94 15.25 -8.06
CA THR B 151 36.98 15.89 -9.39
C THR B 151 38.41 16.35 -9.67
N LEU B 152 39.13 15.73 -10.61
CA LEU B 152 40.54 16.04 -10.89
C LEU B 152 40.99 15.82 -12.34
N VAL B 153 41.80 16.75 -12.83
CA VAL B 153 42.48 16.69 -14.12
C VAL B 153 43.98 16.97 -13.89
N SER B 154 44.87 16.13 -14.41
CA SER B 154 46.32 16.36 -14.30
C SER B 154 46.83 17.31 -15.39
N GLY B 157 46.94 15.85 -19.17
CA GLY B 157 48.11 15.54 -20.00
C GLY B 157 49.34 16.37 -19.63
N SER B 158 50.53 15.78 -19.78
CA SER B 158 51.80 16.39 -19.38
C SER B 158 52.47 17.26 -20.45
N SER B 159 52.25 17.00 -21.75
CA SER B 159 52.88 17.75 -22.85
C SER B 159 52.18 19.09 -23.14
N GLY B 160 52.93 20.06 -23.68
CA GLY B 160 52.39 21.37 -24.10
C GLY B 160 51.53 21.28 -25.36
N CYS B 161 50.59 22.22 -25.51
CA CYS B 161 49.69 22.32 -26.65
C CYS B 161 49.20 23.76 -26.85
N GLY B 162 48.90 24.17 -28.09
CA GLY B 162 48.47 25.53 -28.41
C GLY B 162 47.10 25.89 -27.82
N ARG B 163 46.87 27.17 -27.46
CA ARG B 163 45.62 27.67 -26.85
C ARG B 163 44.46 27.82 -27.84
N CYS B 164 43.23 27.69 -27.34
CA CYS B 164 42.00 27.86 -28.11
C CYS B 164 41.61 29.33 -28.34
N HIS B 165 40.64 29.54 -29.22
CA HIS B 165 40.13 30.86 -29.62
C HIS B 165 39.59 31.70 -28.44
N LYS B 166 39.95 32.99 -28.41
CA LYS B 166 39.67 33.95 -27.34
C LYS B 166 38.19 34.14 -26.99
N SER B 167 37.27 33.89 -27.92
CA SER B 167 35.82 34.06 -27.70
C SER B 167 35.26 33.10 -26.63
N CYS B 168 35.98 32.03 -26.30
CA CYS B 168 35.60 31.04 -25.28
C CYS B 168 36.31 31.25 -23.92
N THR B 169 37.05 32.36 -23.75
CA THR B 169 37.68 32.78 -22.48
C THR B 169 38.38 31.67 -21.69
N GLY B 170 39.18 30.84 -22.36
CA GLY B 170 40.06 29.87 -21.70
C GLY B 170 39.38 28.59 -21.21
N ARG B 171 38.20 28.24 -21.73
CA ARG B 171 37.47 27.00 -21.40
C ARG B 171 37.05 26.21 -22.65
N CYS B 172 37.84 25.24 -23.11
CA CYS B 172 37.68 24.67 -24.46
C CYS B 172 37.79 23.13 -24.55
N TRP B 173 37.11 22.51 -25.53
CA TRP B 173 37.32 21.11 -25.90
C TRP B 173 38.32 20.96 -27.07
N GLY B 174 38.32 21.89 -28.03
CA GLY B 174 39.24 21.95 -29.16
C GLY B 174 39.66 23.38 -29.49
N PRO B 175 40.56 23.58 -30.48
CA PRO B 175 41.09 24.90 -30.79
C PRO B 175 40.02 25.91 -31.21
N THR B 176 38.91 25.44 -31.78
CA THR B 176 37.88 26.31 -32.35
C THR B 176 36.82 26.73 -31.35
N GLU B 177 36.28 27.92 -31.58
CA GLU B 177 35.12 28.52 -30.94
C GLU B 177 33.81 27.72 -31.12
N ASN B 178 33.73 26.82 -32.10
CA ASN B 178 32.59 25.95 -32.33
C ASN B 178 32.49 24.80 -31.30
N HIS B 179 33.60 24.47 -30.62
CA HIS B 179 33.67 23.34 -29.68
C HIS B 179 34.47 23.70 -28.41
N CYS B 180 33.82 24.48 -27.55
CA CYS B 180 34.31 24.94 -26.25
C CYS B 180 33.24 24.81 -25.15
N GLN B 181 33.52 25.23 -23.91
CA GLN B 181 32.66 24.98 -22.75
C GLN B 181 31.34 25.78 -22.80
N THR B 182 30.24 25.10 -22.47
CA THR B 182 28.92 25.70 -22.14
C THR B 182 28.65 25.51 -20.64
N LEU B 183 28.22 26.55 -19.93
CA LEU B 183 27.95 26.49 -18.48
C LEU B 183 26.44 26.65 -18.23
N THR B 184 25.84 25.78 -17.42
CA THR B 184 24.40 25.85 -17.11
C THR B 184 24.06 25.78 -15.63
N ARG B 185 25.04 25.70 -14.71
CA ARG B 185 24.87 25.64 -13.25
C ARG B 185 25.55 26.78 -12.50
N THR B 186 26.79 27.15 -12.84
CA THR B 186 27.54 28.18 -12.06
C THR B 186 27.31 29.62 -12.55
N VAL B 187 26.59 29.81 -13.67
CA VAL B 187 26.32 31.14 -14.27
C VAL B 187 24.88 31.66 -14.07
N CYS B 188 23.99 30.89 -13.44
CA CYS B 188 22.57 31.23 -13.29
C CYS B 188 22.31 32.25 -12.16
N ALA B 189 21.35 33.15 -12.38
CA ALA B 189 20.87 34.10 -11.38
C ALA B 189 20.36 33.39 -10.10
N GLU B 190 20.64 33.97 -8.94
CA GLU B 190 20.39 33.38 -7.62
C GLU B 190 18.90 33.12 -7.30
N GLN B 191 17.97 33.69 -8.05
CA GLN B 191 16.53 33.48 -7.88
C GLN B 191 16.05 32.10 -8.39
N CYS B 192 16.83 31.41 -9.23
CA CYS B 192 16.50 30.08 -9.75
C CYS B 192 17.45 28.99 -9.27
N ASP B 193 16.88 27.81 -9.00
CA ASP B 193 17.60 26.57 -8.67
C ASP B 193 17.90 25.73 -9.92
N GLY B 194 18.55 24.58 -9.77
CA GLY B 194 18.86 23.67 -10.87
C GLY B 194 19.82 24.27 -11.92
N ARG B 195 19.39 24.31 -13.18
CA ARG B 195 20.18 24.80 -14.33
C ARG B 195 19.39 25.73 -15.24
N CYS B 196 20.09 26.46 -16.10
CA CYS B 196 19.53 27.49 -16.98
C CYS B 196 20.11 27.46 -18.40
N TYR B 197 19.46 28.16 -19.33
CA TYR B 197 19.89 28.37 -20.72
C TYR B 197 20.30 29.84 -21.00
N GLY B 198 20.62 30.59 -19.95
CA GLY B 198 21.09 31.97 -19.95
C GLY B 198 21.22 32.47 -18.50
N PRO B 199 22.11 33.42 -18.19
CA PRO B 199 22.33 33.83 -16.80
C PRO B 199 21.11 34.51 -16.15
N TYR B 200 20.18 35.01 -16.97
CA TYR B 200 19.00 35.76 -16.52
C TYR B 200 17.95 34.85 -15.86
N VAL B 201 17.20 35.40 -14.88
CA VAL B 201 16.14 34.65 -14.16
C VAL B 201 15.07 34.13 -15.12
N SER B 202 14.68 34.93 -16.12
CA SER B 202 13.73 34.56 -17.17
C SER B 202 14.21 33.42 -18.10
N ASP B 203 15.51 33.10 -18.09
CA ASP B 203 16.16 32.08 -18.91
C ASP B 203 16.54 30.83 -18.11
N CYS B 204 16.04 30.69 -16.88
CA CYS B 204 16.24 29.50 -16.06
C CYS B 204 15.11 28.46 -16.29
N CYS B 205 15.40 27.19 -16.01
CA CYS B 205 14.50 26.07 -16.32
C CYS B 205 13.89 25.40 -15.07
N HIS B 206 13.08 24.36 -15.28
CA HIS B 206 12.40 23.60 -14.23
C HIS B 206 13.38 22.88 -13.28
N ARG B 207 13.06 22.81 -11.98
CA ARG B 207 13.93 22.26 -10.93
C ARG B 207 14.21 20.77 -11.09
N GLU B 208 13.37 20.04 -11.81
CA GLU B 208 13.38 18.58 -11.95
C GLU B 208 13.85 18.13 -13.35
N CYS B 209 14.70 18.92 -14.00
CA CYS B 209 15.39 18.61 -15.26
C CYS B 209 16.92 18.72 -15.15
N ALA B 210 17.64 17.97 -15.98
CA ALA B 210 19.09 17.79 -15.93
C ALA B 210 19.79 18.36 -17.18
N GLY B 211 21.04 18.78 -17.02
CA GLY B 211 21.90 19.26 -18.10
C GLY B 211 21.53 20.66 -18.59
N GLY B 212 20.36 20.82 -19.20
CA GLY B 212 19.92 22.09 -19.79
C GLY B 212 18.54 22.00 -20.44
N CYS B 213 18.05 23.10 -21.01
CA CYS B 213 16.68 23.19 -21.54
C CYS B 213 16.53 24.08 -22.78
N SER B 214 15.42 23.90 -23.48
CA SER B 214 14.97 24.81 -24.54
C SER B 214 13.99 25.89 -24.03
N GLY B 215 13.28 25.61 -22.94
CA GLY B 215 12.29 26.51 -22.33
C GLY B 215 12.05 26.19 -20.84
N PRO B 216 11.18 26.92 -20.15
CA PRO B 216 10.97 26.78 -18.70
C PRO B 216 10.13 25.57 -18.27
N LYS B 217 9.54 24.82 -19.21
CA LYS B 217 8.62 23.71 -18.91
C LYS B 217 9.33 22.39 -18.56
N ASP B 218 8.70 21.57 -17.73
CA ASP B 218 9.11 20.19 -17.42
C ASP B 218 8.95 19.22 -18.60
N THR B 219 8.34 19.65 -19.71
CA THR B 219 8.23 18.93 -20.99
C THR B 219 9.15 19.49 -22.08
N ASP B 220 10.04 20.44 -21.78
CA ASP B 220 10.90 21.11 -22.78
C ASP B 220 12.40 21.18 -22.38
N CYS B 221 12.89 20.13 -21.72
CA CYS B 221 14.26 19.97 -21.24
C CYS B 221 15.00 18.77 -21.87
N PHE B 222 16.34 18.79 -21.85
CA PHE B 222 17.17 17.84 -22.59
C PHE B 222 17.23 16.42 -21.99
N ALA B 223 17.31 16.31 -20.66
CA ALA B 223 17.45 15.07 -19.90
C ALA B 223 16.94 15.29 -18.48
N CYS B 224 16.67 14.24 -17.70
CA CYS B 224 16.32 14.42 -16.28
C CYS B 224 16.68 13.27 -15.35
N MET B 225 16.79 13.60 -14.05
CA MET B 225 17.13 12.69 -12.94
C MET B 225 15.92 12.02 -12.27
N ASN B 226 14.71 12.26 -12.77
CA ASN B 226 13.45 11.71 -12.23
C ASN B 226 12.68 10.95 -13.32
N PHE B 227 11.49 10.45 -12.98
CA PHE B 227 10.63 9.66 -13.86
C PHE B 227 10.04 10.43 -15.05
N ASN B 228 9.95 9.76 -16.20
CA ASN B 228 9.34 10.27 -17.42
C ASN B 228 7.85 9.91 -17.46
N ASP B 229 6.99 10.86 -17.10
CA ASP B 229 5.54 10.73 -17.15
C ASP B 229 5.01 11.34 -18.47
N SER B 230 4.95 10.51 -19.51
CA SER B 230 4.46 10.89 -20.85
C SER B 230 5.06 12.19 -21.42
N GLY B 231 6.38 12.37 -21.31
CA GLY B 231 7.10 13.55 -21.80
C GLY B 231 7.46 14.58 -20.71
N ALA B 232 6.86 14.50 -19.52
CA ALA B 232 7.16 15.36 -18.37
C ALA B 232 8.13 14.68 -17.40
N CYS B 233 9.13 15.41 -16.93
CA CYS B 233 10.07 14.94 -15.91
C CYS B 233 9.55 15.25 -14.49
N VAL B 234 9.19 14.22 -13.71
CA VAL B 234 8.56 14.39 -12.39
C VAL B 234 9.09 13.46 -11.30
N THR B 235 9.18 13.94 -10.06
CA THR B 235 9.68 13.20 -8.90
C THR B 235 8.86 11.94 -8.58
N GLN B 236 7.54 12.04 -8.66
CA GLN B 236 6.57 10.93 -8.53
C GLN B 236 5.46 11.16 -9.56
N CYS B 237 4.76 10.10 -9.98
CA CYS B 237 3.60 10.21 -10.89
C CYS B 237 2.30 9.71 -10.24
N PRO B 238 1.12 10.09 -10.78
CA PRO B 238 -0.15 9.82 -10.13
C PRO B 238 -0.36 8.35 -9.76
N GLN B 239 -0.78 8.11 -8.52
CA GLN B 239 -0.99 6.75 -8.00
C GLN B 239 -2.46 6.30 -8.04
N THR B 240 -2.69 5.02 -7.72
CA THR B 240 -4.01 4.38 -7.70
C THR B 240 -5.03 5.10 -6.81
N PHE B 241 -4.62 5.59 -5.64
CA PHE B 241 -5.46 6.35 -4.72
C PHE B 241 -4.86 7.71 -4.38
N VAL B 242 -5.70 8.69 -4.15
CA VAL B 242 -5.33 10.03 -3.65
C VAL B 242 -6.10 10.33 -2.37
N TYR B 243 -5.44 10.99 -1.42
CA TYR B 243 -6.04 11.33 -0.14
C TYR B 243 -6.96 12.55 -0.28
N ASN B 244 -8.16 12.50 0.29
CA ASN B 244 -9.06 13.65 0.32
C ASN B 244 -8.84 14.47 1.60
N PRO B 245 -8.26 15.68 1.54
CA PRO B 245 -7.89 16.44 2.74
C PRO B 245 -9.10 16.94 3.55
N THR B 246 -10.32 16.88 3.01
CA THR B 246 -11.53 17.31 3.72
C THR B 246 -12.23 16.15 4.42
N THR B 247 -12.30 14.98 3.80
CA THR B 247 -13.01 13.81 4.35
C THR B 247 -12.12 12.82 5.10
N PHE B 248 -10.78 12.92 5.01
CA PHE B 248 -9.83 12.02 5.67
C PHE B 248 -9.99 10.56 5.23
N GLN B 249 -10.26 10.33 3.94
CA GLN B 249 -10.36 9.01 3.32
C GLN B 249 -9.60 8.97 1.99
N LEU B 250 -9.16 7.79 1.59
CA LEU B 250 -8.52 7.54 0.29
C LEU B 250 -9.59 7.30 -0.79
N GLU B 251 -9.50 8.02 -1.90
CA GLU B 251 -10.38 7.90 -3.05
C GLU B 251 -9.61 7.40 -4.28
N HIS B 252 -10.24 6.59 -5.12
CA HIS B 252 -9.59 6.06 -6.33
C HIS B 252 -9.33 7.17 -7.36
N ASN B 253 -8.16 7.13 -8.00
CA ASN B 253 -7.70 8.14 -8.94
C ASN B 253 -7.83 7.67 -10.40
N PHE B 254 -8.71 8.29 -11.18
CA PHE B 254 -8.90 7.98 -12.59
C PHE B 254 -7.69 8.32 -13.48
N ASN B 255 -6.73 9.11 -12.99
CA ASN B 255 -5.46 9.41 -13.69
C ASN B 255 -4.28 8.51 -13.27
N ALA B 256 -4.51 7.47 -12.47
CA ALA B 256 -3.44 6.63 -11.93
C ALA B 256 -2.58 5.94 -13.00
N LYS B 257 -1.26 5.87 -12.77
CA LYS B 257 -0.28 5.14 -13.58
C LYS B 257 0.63 4.28 -12.70
N TYR B 258 1.15 3.19 -13.27
CA TYR B 258 2.10 2.32 -12.60
C TYR B 258 3.52 2.79 -12.83
N THR B 259 4.38 2.76 -11.81
CA THR B 259 5.81 3.04 -11.99
C THR B 259 6.54 1.77 -12.42
N TYR B 260 7.32 1.83 -13.50
CA TYR B 260 8.08 0.70 -14.05
C TYR B 260 9.43 1.18 -14.57
N GLY B 261 10.52 0.81 -13.90
CA GLY B 261 11.86 1.33 -14.23
C GLY B 261 11.91 2.86 -14.12
N ALA B 262 12.34 3.55 -15.18
CA ALA B 262 12.40 5.01 -15.23
C ALA B 262 11.14 5.68 -15.83
N PHE B 263 10.06 4.94 -16.08
CA PHE B 263 8.85 5.45 -16.77
C PHE B 263 7.57 5.17 -15.98
N CYS B 264 6.55 5.99 -16.22
CA CYS B 264 5.18 5.77 -15.74
C CYS B 264 4.33 5.20 -16.86
N VAL B 265 3.68 4.05 -16.64
CA VAL B 265 2.99 3.27 -17.67
C VAL B 265 1.56 2.93 -17.25
N LYS B 266 0.69 2.64 -18.23
CA LYS B 266 -0.71 2.22 -17.98
C LYS B 266 -0.86 0.72 -17.70
N LYS B 267 0.04 -0.11 -18.21
CA LYS B 267 0.10 -1.58 -18.09
C LYS B 267 1.54 -2.04 -17.84
N CYS B 268 1.72 -3.15 -17.14
CA CYS B 268 3.02 -3.76 -16.84
C CYS B 268 3.20 -5.15 -17.48
N PRO B 269 4.44 -5.67 -17.59
CA PRO B 269 4.71 -7.01 -18.14
C PRO B 269 3.93 -8.14 -17.44
N HIS B 270 3.56 -9.17 -18.18
CA HIS B 270 2.71 -10.27 -17.70
C HIS B 270 3.32 -11.11 -16.56
N ASN B 271 4.64 -11.01 -16.33
CA ASN B 271 5.37 -11.75 -15.28
C ASN B 271 5.92 -10.86 -14.13
N PHE B 272 5.63 -9.55 -14.12
CA PHE B 272 5.99 -8.66 -13.00
C PHE B 272 4.85 -8.57 -11.99
N VAL B 273 5.16 -8.35 -10.71
CA VAL B 273 4.14 -8.22 -9.65
C VAL B 273 3.82 -6.75 -9.41
N VAL B 274 2.53 -6.42 -9.33
CA VAL B 274 2.04 -5.05 -9.09
C VAL B 274 1.80 -4.82 -7.59
N ASP B 275 2.46 -3.81 -7.04
CA ASP B 275 2.42 -3.47 -5.61
C ASP B 275 2.49 -1.95 -5.42
N SER B 276 1.55 -1.36 -4.67
CA SER B 276 1.57 0.07 -4.32
C SER B 276 1.73 1.01 -5.53
N SER B 277 0.97 0.76 -6.61
CA SER B 277 1.03 1.52 -7.87
C SER B 277 2.39 1.46 -8.57
N SER B 278 3.13 0.37 -8.43
CA SER B 278 4.41 0.14 -9.10
C SER B 278 4.61 -1.33 -9.48
N CYS B 279 5.49 -1.61 -10.43
CA CYS B 279 5.73 -2.97 -10.93
C CYS B 279 7.15 -3.42 -10.56
N VAL B 280 7.28 -4.51 -9.82
CA VAL B 280 8.55 -4.97 -9.23
C VAL B 280 8.92 -6.39 -9.67
N ARG B 281 10.20 -6.74 -9.60
CA ARG B 281 10.69 -8.09 -10.00
C ARG B 281 10.27 -9.20 -9.05
N ALA B 282 10.04 -8.88 -7.78
CA ALA B 282 9.58 -9.84 -6.79
C ALA B 282 8.78 -9.18 -5.67
N CYS B 283 7.81 -9.90 -5.12
CA CYS B 283 7.10 -9.44 -3.93
C CYS B 283 7.93 -9.67 -2.64
N PRO B 284 7.93 -8.75 -1.66
CA PRO B 284 8.53 -8.98 -0.34
C PRO B 284 8.00 -10.22 0.40
N SER B 285 8.84 -10.85 1.20
CA SER B 285 8.56 -12.15 1.88
C SER B 285 7.37 -12.13 2.85
N SER B 286 6.92 -10.95 3.29
CA SER B 286 5.76 -10.78 4.18
C SER B 286 4.40 -11.01 3.48
N LYS B 287 4.37 -11.03 2.14
CA LYS B 287 3.16 -11.14 1.32
C LYS B 287 3.25 -12.31 0.32
N MET B 288 2.10 -12.87 -0.04
CA MET B 288 1.96 -14.00 -0.99
C MET B 288 1.62 -13.46 -2.39
N GLU B 289 2.30 -13.96 -3.42
CA GLU B 289 2.00 -13.59 -4.80
C GLU B 289 0.72 -14.31 -5.27
N VAL B 290 -0.22 -13.54 -5.83
CA VAL B 290 -1.54 -13.97 -6.34
C VAL B 290 -1.78 -13.38 -7.73
N GLU B 291 -2.75 -13.91 -8.48
CA GLU B 291 -3.17 -13.33 -9.75
C GLU B 291 -4.71 -13.21 -9.81
N GLU B 292 -5.21 -12.03 -10.19
CA GLU B 292 -6.64 -11.74 -10.37
C GLU B 292 -6.82 -10.96 -11.69
N ASN B 293 -7.82 -11.30 -12.51
CA ASN B 293 -8.09 -10.61 -13.79
C ASN B 293 -6.90 -10.58 -14.77
N GLY B 294 -5.98 -11.55 -14.68
CA GLY B 294 -4.75 -11.61 -15.48
C GLY B 294 -3.60 -10.72 -14.99
N ILE B 295 -3.73 -10.06 -13.83
CA ILE B 295 -2.75 -9.14 -13.24
C ILE B 295 -2.15 -9.79 -11.99
N LYS B 296 -0.81 -9.89 -11.92
CA LYS B 296 -0.11 -10.40 -10.74
C LYS B 296 0.00 -9.31 -9.68
N MET B 297 -0.31 -9.65 -8.44
CA MET B 297 -0.30 -8.77 -7.27
C MET B 297 0.16 -9.56 -6.04
N CYS B 298 0.42 -8.93 -4.90
CA CYS B 298 0.65 -9.67 -3.67
C CYS B 298 0.02 -9.04 -2.43
N LYS B 299 -0.42 -9.89 -1.51
CA LYS B 299 -1.20 -9.54 -0.30
C LYS B 299 -0.64 -10.25 0.94
N PRO B 300 -0.85 -9.75 2.18
CA PRO B 300 -0.36 -10.39 3.40
C PRO B 300 -0.71 -11.88 3.47
N CYS B 301 0.27 -12.70 3.81
CA CYS B 301 0.15 -14.16 3.79
C CYS B 301 -0.40 -14.73 5.11
N THR B 302 -0.87 -15.98 5.07
CA THR B 302 -1.46 -16.72 6.21
C THR B 302 -0.40 -17.43 7.08
N ASP B 303 -0.79 -18.35 7.97
CA ASP B 303 0.12 -19.00 8.92
C ASP B 303 1.31 -19.72 8.27
N ILE B 304 1.14 -20.21 7.03
CA ILE B 304 2.17 -20.86 6.21
C ILE B 304 2.39 -20.00 4.95
N CYS B 305 3.63 -19.57 4.70
CA CYS B 305 3.98 -18.68 3.58
C CYS B 305 5.08 -19.28 2.68
N PRO B 306 5.23 -18.82 1.42
CA PRO B 306 6.31 -19.26 0.53
C PRO B 306 7.70 -19.00 1.12
N LYS B 307 8.64 -19.93 0.91
CA LYS B 307 10.00 -19.83 1.45
C LYS B 307 10.77 -18.63 0.88
N ALA B 308 11.41 -17.85 1.76
CA ALA B 308 12.24 -16.69 1.44
C ALA B 308 13.65 -17.10 0.97
N CYS B 309 13.72 -17.84 -0.14
CA CYS B 309 14.94 -18.38 -0.73
C CYS B 309 15.37 -17.55 -1.95
N ASP B 310 16.54 -16.91 -1.89
CA ASP B 310 17.05 -16.02 -2.95
C ASP B 310 17.92 -16.76 -3.98
N GLY B 311 17.98 -16.23 -5.20
CA GLY B 311 18.87 -16.71 -6.26
C GLY B 311 20.18 -15.92 -6.36
N ILE B 312 21.01 -16.25 -7.35
CA ILE B 312 22.30 -15.61 -7.56
C ILE B 312 22.14 -14.19 -8.12
N GLY B 313 22.81 -13.21 -7.52
CA GLY B 313 22.78 -11.81 -7.95
C GLY B 313 21.69 -10.95 -7.33
N THR B 314 20.85 -11.48 -6.44
CA THR B 314 19.78 -10.73 -5.77
C THR B 314 19.67 -11.07 -4.28
N GLY B 315 18.99 -10.23 -3.50
CA GLY B 315 18.72 -10.49 -2.08
C GLY B 315 20.01 -10.67 -1.26
N SER B 316 20.12 -11.76 -0.51
CA SER B 316 21.30 -12.05 0.31
C SER B 316 22.54 -12.48 -0.50
N LEU B 317 22.40 -12.79 -1.79
CA LEU B 317 23.43 -13.31 -2.68
C LEU B 317 23.86 -12.32 -3.78
N MET B 318 23.69 -11.02 -3.60
CA MET B 318 24.06 -10.00 -4.61
C MET B 318 25.54 -9.98 -4.98
N SER B 319 26.44 -10.31 -4.05
CA SER B 319 27.88 -10.41 -4.30
C SER B 319 28.30 -11.68 -5.05
N ALA B 320 27.42 -12.68 -5.17
CA ALA B 320 27.71 -13.93 -5.85
C ALA B 320 27.42 -13.85 -7.35
N GLN B 321 28.25 -14.49 -8.17
CA GLN B 321 28.04 -14.67 -9.62
C GLN B 321 27.86 -16.14 -10.03
N THR B 322 27.79 -17.08 -9.08
CA THR B 322 27.55 -18.51 -9.33
C THR B 322 27.07 -19.26 -8.10
N VAL B 323 26.38 -20.37 -8.30
CA VAL B 323 26.24 -21.37 -7.24
C VAL B 323 27.63 -21.97 -6.98
N ASP B 324 28.05 -22.08 -5.73
CA ASP B 324 29.34 -22.65 -5.34
C ASP B 324 29.29 -23.32 -3.96
N SER B 325 30.40 -23.91 -3.52
CA SER B 325 30.49 -24.66 -2.25
C SER B 325 30.23 -23.82 -0.99
N SER B 326 30.33 -22.48 -1.05
CA SER B 326 30.09 -21.58 0.07
C SER B 326 28.62 -21.14 0.22
N ASN B 327 27.76 -21.39 -0.77
CA ASN B 327 26.35 -20.93 -0.75
C ASN B 327 25.30 -21.98 -1.14
N ILE B 328 25.68 -23.14 -1.65
CA ILE B 328 24.75 -24.19 -2.11
C ILE B 328 23.86 -24.77 -0.99
N ASP B 329 24.33 -24.77 0.26
CA ASP B 329 23.51 -25.21 1.41
C ASP B 329 22.26 -24.37 1.65
N LYS B 330 22.18 -23.13 1.14
CA LYS B 330 21.01 -22.26 1.32
C LYS B 330 19.76 -22.78 0.59
N PHE B 331 19.91 -23.76 -0.32
CA PHE B 331 18.83 -24.31 -1.15
C PHE B 331 18.28 -25.67 -0.65
N ILE B 332 18.65 -26.15 0.55
CA ILE B 332 18.25 -27.48 1.08
C ILE B 332 16.73 -27.70 1.16
N ASN B 333 15.99 -26.70 1.66
CA ASN B 333 14.52 -26.71 1.74
C ASN B 333 13.99 -25.48 0.98
N CYS B 334 13.86 -25.60 -0.34
CA CYS B 334 13.56 -24.46 -1.21
C CYS B 334 12.76 -24.89 -2.45
N THR B 335 11.48 -24.53 -2.50
CA THR B 335 10.58 -24.84 -3.64
C THR B 335 10.49 -23.72 -4.65
N LYS B 336 10.83 -22.48 -4.29
CA LYS B 336 10.81 -21.31 -5.17
C LYS B 336 12.04 -20.45 -4.93
N ILE B 337 12.86 -20.26 -5.97
CA ILE B 337 14.09 -19.48 -5.87
C ILE B 337 13.87 -18.14 -6.53
N ASN B 338 14.00 -17.08 -5.74
CA ASN B 338 13.79 -15.72 -6.17
C ASN B 338 15.10 -15.10 -6.70
N GLY B 339 15.32 -15.21 -8.00
CA GLY B 339 16.54 -14.82 -8.68
C GLY B 339 16.98 -15.87 -9.70
N ASN B 340 18.23 -15.79 -10.12
CA ASN B 340 18.79 -16.66 -11.15
C ASN B 340 19.47 -17.90 -10.55
N LEU B 341 19.60 -18.96 -11.35
CA LEU B 341 20.54 -20.05 -11.08
C LEU B 341 21.65 -20.04 -12.13
N ILE B 342 22.88 -19.84 -11.70
CA ILE B 342 24.04 -19.70 -12.59
C ILE B 342 25.12 -20.68 -12.15
N PHE B 343 25.57 -21.56 -13.03
CA PHE B 343 26.57 -22.57 -12.74
C PHE B 343 27.80 -22.34 -13.60
N LEU B 344 28.80 -21.62 -13.08
CA LEU B 344 30.04 -21.33 -13.80
C LEU B 344 31.14 -22.36 -13.47
N VAL B 345 32.20 -22.41 -14.29
CA VAL B 345 33.41 -23.22 -14.06
C VAL B 345 34.05 -22.94 -12.69
N THR B 346 34.10 -21.68 -12.25
CA THR B 346 34.66 -21.30 -10.94
C THR B 346 33.77 -21.72 -9.76
N GLY B 347 32.52 -22.10 -9.99
CA GLY B 347 31.62 -22.59 -8.95
C GLY B 347 31.65 -24.12 -8.85
N ILE B 348 31.48 -24.82 -9.98
CA ILE B 348 31.48 -26.28 -10.01
C ILE B 348 32.84 -26.86 -9.63
N HIS B 349 33.92 -26.33 -10.20
CA HIS B 349 35.29 -26.83 -10.01
C HIS B 349 36.11 -26.07 -8.97
N GLY B 350 35.51 -25.11 -8.28
CA GLY B 350 36.16 -24.32 -7.25
C GLY B 350 36.88 -23.08 -7.80
N ASP B 351 37.40 -22.25 -6.90
CA ASP B 351 38.04 -20.98 -7.24
C ASP B 351 39.25 -20.74 -6.32
N PRO B 352 40.42 -21.32 -6.63
CA PRO B 352 41.58 -21.27 -5.76
C PRO B 352 41.99 -19.87 -5.31
N TYR B 353 41.80 -18.84 -6.15
CA TYR B 353 42.17 -17.46 -5.82
C TYR B 353 41.45 -16.95 -4.57
N ASN B 354 40.18 -17.35 -4.41
CA ASN B 354 39.34 -16.97 -3.27
C ASN B 354 39.18 -18.08 -2.22
N ALA B 355 39.97 -19.15 -2.32
CA ALA B 355 39.95 -20.33 -1.45
C ALA B 355 38.57 -21.03 -1.36
N ILE B 356 37.81 -21.06 -2.47
CA ILE B 356 36.50 -21.71 -2.54
C ILE B 356 36.67 -23.12 -3.09
N GLU B 357 36.24 -24.14 -2.37
CA GLU B 357 36.35 -25.54 -2.80
C GLU B 357 35.32 -25.91 -3.88
N ALA B 358 35.61 -26.94 -4.68
CA ALA B 358 34.67 -27.45 -5.67
C ALA B 358 33.40 -28.03 -5.02
N ILE B 359 32.30 -28.08 -5.77
CA ILE B 359 31.03 -28.66 -5.30
C ILE B 359 31.11 -30.20 -5.37
N ASP B 360 30.82 -30.89 -4.26
CA ASP B 360 30.64 -32.33 -4.28
C ASP B 360 29.35 -32.67 -5.05
N PRO B 361 29.37 -33.49 -6.12
CA PRO B 361 28.18 -33.77 -6.90
C PRO B 361 26.93 -34.13 -6.08
N GLU B 362 27.10 -34.70 -4.90
CA GLU B 362 25.95 -35.02 -4.03
C GLU B 362 25.25 -33.77 -3.48
N LYS B 363 25.97 -32.65 -3.30
CA LYS B 363 25.39 -31.37 -2.84
C LYS B 363 24.37 -30.79 -3.80
N LEU B 364 24.48 -31.06 -5.11
CA LEU B 364 23.52 -30.57 -6.11
C LEU B 364 22.09 -31.10 -5.90
N ASN B 365 21.91 -32.17 -5.13
CA ASN B 365 20.59 -32.70 -4.78
C ASN B 365 19.70 -31.72 -4.00
N VAL B 366 20.23 -30.63 -3.41
CA VAL B 366 19.37 -29.64 -2.74
C VAL B 366 18.38 -28.97 -3.70
N PHE B 367 18.64 -28.93 -5.01
CA PHE B 367 17.73 -28.32 -5.97
C PHE B 367 16.56 -29.21 -6.40
N ARG B 368 16.46 -30.46 -5.94
CA ARG B 368 15.37 -31.39 -6.31
C ARG B 368 14.00 -30.94 -5.81
N THR B 369 13.93 -30.12 -4.77
CA THR B 369 12.69 -29.51 -4.26
C THR B 369 12.17 -28.32 -5.07
N VAL B 370 12.95 -27.74 -5.99
CA VAL B 370 12.57 -26.50 -6.67
C VAL B 370 11.47 -26.75 -7.72
N ARG B 371 10.40 -25.96 -7.67
CA ARG B 371 9.31 -25.91 -8.65
C ARG B 371 9.37 -24.65 -9.51
N GLU B 372 9.88 -23.53 -9.01
CA GLU B 372 9.91 -22.29 -9.79
C GLU B 372 11.23 -21.54 -9.64
N ILE B 373 11.72 -21.01 -10.76
CA ILE B 373 12.84 -20.08 -10.84
C ILE B 373 12.26 -18.74 -11.31
N THR B 374 12.45 -17.64 -10.58
CA THR B 374 11.85 -16.34 -11.01
C THR B 374 12.67 -15.63 -12.09
N GLY B 375 13.97 -15.89 -12.16
CA GLY B 375 14.88 -15.34 -13.16
C GLY B 375 15.18 -16.31 -14.30
N PHE B 376 16.44 -16.42 -14.70
CA PHE B 376 16.90 -17.33 -15.74
C PHE B 376 17.81 -18.44 -15.20
N LEU B 377 17.89 -19.56 -15.92
CA LEU B 377 18.77 -20.70 -15.62
C LEU B 377 19.93 -20.74 -16.61
N ASN B 378 21.16 -20.63 -16.12
CA ASN B 378 22.36 -20.50 -16.94
C ASN B 378 23.40 -21.53 -16.56
N ILE B 379 23.54 -22.60 -17.33
CA ILE B 379 24.42 -23.73 -17.03
C ILE B 379 25.58 -23.70 -18.01
N GLN B 380 26.78 -23.39 -17.54
CA GLN B 380 28.00 -23.37 -18.36
C GLN B 380 28.98 -24.47 -17.95
N SER B 381 28.82 -25.03 -16.75
CA SER B 381 29.61 -26.12 -16.21
C SER B 381 28.73 -27.04 -15.34
N TRP B 382 28.98 -28.34 -15.35
CA TRP B 382 28.24 -29.36 -14.60
C TRP B 382 29.20 -30.53 -14.33
N PRO B 383 29.17 -31.22 -13.17
CA PRO B 383 30.19 -32.23 -12.86
C PRO B 383 30.37 -33.28 -13.98
N PRO B 384 31.61 -33.63 -14.38
CA PRO B 384 31.84 -34.60 -15.46
C PRO B 384 31.16 -35.96 -15.30
N ASN B 385 30.88 -36.39 -14.07
CA ASN B 385 30.25 -37.67 -13.78
C ASN B 385 28.72 -37.72 -14.02
N MET B 386 28.07 -36.60 -14.33
CA MET B 386 26.61 -36.50 -14.47
C MET B 386 26.19 -36.39 -15.94
N THR B 387 25.31 -37.29 -16.40
CA THR B 387 24.91 -37.34 -17.82
C THR B 387 23.58 -36.64 -18.12
N ASP B 388 22.96 -36.01 -17.13
CA ASP B 388 21.64 -35.37 -17.24
C ASP B 388 21.42 -34.25 -16.22
N PHE B 389 20.24 -33.64 -16.26
CA PHE B 389 19.77 -32.64 -15.30
C PHE B 389 18.65 -33.15 -14.39
N SER B 390 18.61 -34.43 -14.05
CA SER B 390 17.56 -35.01 -13.20
C SER B 390 17.46 -34.38 -11.81
N VAL B 391 18.48 -33.64 -11.37
CA VAL B 391 18.47 -32.81 -10.15
C VAL B 391 17.34 -31.77 -10.17
N PHE B 392 16.90 -31.31 -11.34
CA PHE B 392 15.80 -30.37 -11.51
C PHE B 392 14.52 -31.02 -12.06
N SER B 393 14.32 -32.33 -11.88
CA SER B 393 13.16 -33.04 -12.46
C SER B 393 11.81 -32.45 -12.05
N ASN B 394 11.72 -31.88 -10.86
CA ASN B 394 10.52 -31.24 -10.31
C ASN B 394 10.27 -29.79 -10.77
N LEU B 395 11.16 -29.15 -11.52
CA LEU B 395 10.95 -27.77 -12.00
C LEU B 395 9.70 -27.70 -12.86
N VAL B 396 8.80 -26.77 -12.57
CA VAL B 396 7.55 -26.52 -13.30
C VAL B 396 7.68 -25.35 -14.27
N THR B 397 8.29 -24.23 -13.86
CA THR B 397 8.40 -23.05 -14.73
C THR B 397 9.59 -22.14 -14.45
N ILE B 398 10.06 -21.43 -15.48
CA ILE B 398 11.08 -20.39 -15.38
C ILE B 398 10.39 -19.04 -15.65
N GLY B 399 10.38 -18.14 -14.67
CA GLY B 399 9.63 -16.88 -14.73
C GLY B 399 10.18 -15.87 -15.73
N GLY B 400 11.50 -15.79 -15.91
CA GLY B 400 12.14 -14.90 -16.87
C GLY B 400 11.93 -13.41 -16.59
N ARG B 401 11.79 -12.99 -15.32
CA ARG B 401 11.57 -11.57 -14.95
C ARG B 401 12.84 -10.72 -15.15
N VAL B 402 13.98 -11.39 -15.17
CA VAL B 402 15.31 -10.91 -15.58
C VAL B 402 15.90 -11.90 -16.57
N LEU B 403 16.66 -11.41 -17.55
CA LEU B 403 17.22 -12.19 -18.65
C LEU B 403 18.74 -11.99 -18.76
N TYR B 404 19.43 -12.98 -19.30
CA TYR B 404 20.85 -12.91 -19.63
C TYR B 404 20.98 -12.69 -21.13
N SER B 405 21.30 -11.48 -21.60
CA SER B 405 21.33 -11.15 -23.03
C SER B 405 20.06 -11.55 -23.81
N GLY B 406 18.89 -11.41 -23.18
CA GLY B 406 17.58 -11.80 -23.74
C GLY B 406 17.19 -13.28 -23.54
N LEU B 407 18.06 -14.10 -22.97
CA LEU B 407 17.81 -15.52 -22.73
C LEU B 407 17.23 -15.75 -21.33
N SER B 408 16.33 -16.72 -21.20
CA SER B 408 15.85 -17.22 -19.90
C SER B 408 16.32 -18.63 -19.60
N LEU B 409 16.73 -19.42 -20.60
CA LEU B 409 17.38 -20.72 -20.42
C LEU B 409 18.59 -20.82 -21.33
N LEU B 410 19.78 -21.06 -20.77
CA LEU B 410 21.04 -21.04 -21.49
C LEU B 410 21.89 -22.24 -21.09
N ILE B 411 22.24 -23.12 -22.03
CA ILE B 411 23.07 -24.32 -21.77
C ILE B 411 24.19 -24.40 -22.80
N LEU B 412 25.43 -24.14 -22.37
CA LEU B 412 26.61 -24.04 -23.23
C LEU B 412 27.59 -25.19 -23.03
N LYS B 413 27.97 -25.87 -24.12
CA LYS B 413 29.21 -26.68 -24.23
C LYS B 413 29.41 -27.81 -23.19
N GLN B 414 28.38 -28.52 -22.76
CA GLN B 414 28.56 -29.64 -21.82
C GLN B 414 28.93 -30.93 -22.58
N GLN B 415 29.95 -31.68 -22.12
CA GLN B 415 30.45 -32.87 -22.85
C GLN B 415 30.03 -34.22 -22.25
N GLY B 416 29.79 -34.32 -20.95
CA GLY B 416 29.36 -35.57 -20.31
C GLY B 416 27.85 -35.86 -20.40
N ILE B 417 27.04 -34.91 -20.90
CA ILE B 417 25.58 -35.00 -20.98
C ILE B 417 25.10 -35.80 -22.20
N THR B 418 24.11 -36.66 -22.01
CA THR B 418 23.44 -37.44 -23.07
C THR B 418 21.93 -37.19 -23.15
N SER B 419 21.27 -36.81 -22.05
CA SER B 419 19.82 -36.58 -21.98
C SER B 419 19.49 -35.51 -20.94
N LEU B 420 18.28 -34.92 -21.00
CA LEU B 420 17.89 -33.86 -20.07
C LEU B 420 17.18 -34.39 -18.82
N GLN B 421 16.24 -35.34 -18.96
CA GLN B 421 15.54 -35.98 -17.85
C GLN B 421 14.63 -35.09 -16.98
N PHE B 422 14.08 -33.99 -17.50
CA PHE B 422 13.08 -33.21 -16.75
C PHE B 422 11.72 -33.97 -16.70
N GLN B 423 10.89 -33.75 -15.68
CA GLN B 423 9.54 -34.33 -15.65
C GLN B 423 8.47 -33.24 -15.60
N SER B 424 8.60 -32.27 -14.69
CA SER B 424 7.52 -31.32 -14.38
C SER B 424 7.51 -30.04 -15.22
N LEU B 425 8.54 -29.72 -16.01
CA LEU B 425 8.62 -28.43 -16.70
C LEU B 425 7.56 -28.28 -17.80
N LYS B 426 6.68 -27.28 -17.65
CA LYS B 426 5.56 -26.98 -18.56
C LYS B 426 5.65 -25.62 -19.23
N GLU B 427 6.22 -24.62 -18.56
CA GLU B 427 6.20 -23.23 -19.05
C GLU B 427 7.51 -22.47 -18.80
N ILE B 428 7.93 -21.71 -19.80
CA ILE B 428 9.03 -20.75 -19.74
C ILE B 428 8.42 -19.40 -20.10
N SER B 429 8.15 -18.55 -19.10
CA SER B 429 7.18 -17.46 -19.22
C SER B 429 7.68 -16.23 -19.99
N ALA B 430 8.99 -16.04 -20.12
CA ALA B 430 9.62 -14.94 -20.83
C ALA B 430 11.03 -15.33 -21.30
N GLY B 431 11.51 -14.67 -22.36
CA GLY B 431 12.86 -14.87 -22.90
C GLY B 431 13.01 -16.06 -23.86
N ASN B 432 14.19 -16.13 -24.48
CA ASN B 432 14.57 -17.16 -25.46
C ASN B 432 15.37 -18.32 -24.84
N ILE B 433 15.50 -19.42 -25.59
CA ILE B 433 16.25 -20.62 -25.19
C ILE B 433 17.51 -20.76 -26.06
N TYR B 434 18.68 -20.97 -25.47
CA TYR B 434 19.94 -21.14 -26.21
C TYR B 434 20.67 -22.42 -25.80
N ILE B 435 20.63 -23.49 -26.60
CA ILE B 435 21.21 -24.79 -26.24
C ILE B 435 22.17 -25.23 -27.34
N THR B 436 23.48 -25.08 -27.14
CA THR B 436 24.47 -25.33 -28.20
C THR B 436 25.74 -26.06 -27.76
N ASP B 437 26.46 -26.65 -28.72
CA ASP B 437 27.77 -27.29 -28.56
C ASP B 437 27.76 -28.55 -27.68
N ASN B 438 26.58 -29.09 -27.34
CA ASN B 438 26.46 -30.26 -26.50
C ASN B 438 26.62 -31.52 -27.35
N SER B 439 27.85 -31.83 -27.77
CA SER B 439 28.12 -32.81 -28.83
C SER B 439 27.69 -34.25 -28.53
N ASN B 440 27.39 -34.61 -27.28
CA ASN B 440 26.86 -35.91 -26.88
C ASN B 440 25.36 -35.90 -26.45
N LEU B 441 24.72 -34.73 -26.43
CA LEU B 441 23.30 -34.61 -26.08
C LEU B 441 22.43 -35.02 -27.28
N CYS B 442 21.49 -35.96 -27.10
CA CYS B 442 20.64 -36.47 -28.19
C CYS B 442 19.19 -35.99 -28.18
N TYR B 443 18.47 -36.18 -27.07
CA TYR B 443 17.01 -36.09 -27.07
C TYR B 443 16.42 -34.71 -27.45
N TYR B 444 17.24 -33.66 -27.51
CA TYR B 444 16.88 -32.28 -27.87
C TYR B 444 16.05 -32.16 -29.17
N HIS B 445 16.20 -33.11 -30.09
CA HIS B 445 15.54 -33.11 -31.39
C HIS B 445 14.12 -33.71 -31.35
N THR B 446 13.73 -34.27 -30.20
CA THR B 446 12.42 -34.88 -29.95
C THR B 446 11.44 -33.97 -29.19
N ILE B 447 11.70 -32.67 -29.04
CA ILE B 447 10.89 -31.76 -28.19
C ILE B 447 10.19 -30.69 -29.01
N ASN B 448 8.88 -30.52 -28.83
CA ASN B 448 8.12 -29.42 -29.43
C ASN B 448 8.26 -28.13 -28.62
N TRP B 449 9.44 -27.50 -28.70
CA TRP B 449 9.86 -26.37 -27.84
C TRP B 449 8.90 -25.17 -27.82
N THR B 450 8.14 -24.94 -28.91
CA THR B 450 7.15 -23.85 -29.00
C THR B 450 6.02 -23.96 -27.97
N THR B 451 5.69 -25.17 -27.51
CA THR B 451 4.59 -25.40 -26.54
C THR B 451 4.94 -24.92 -25.12
N LEU B 452 6.21 -24.65 -24.83
CA LEU B 452 6.67 -24.15 -23.53
C LEU B 452 6.56 -22.62 -23.40
N PHE B 453 6.36 -21.89 -24.50
CA PHE B 453 6.37 -20.43 -24.50
C PHE B 453 5.00 -19.82 -24.21
N SER B 454 4.98 -18.58 -23.72
CA SER B 454 3.75 -17.81 -23.44
C SER B 454 3.42 -16.77 -24.51
N THR B 455 4.24 -16.66 -25.56
CA THR B 455 4.01 -15.76 -26.71
C THR B 455 4.78 -16.24 -27.93
N ILE B 456 4.32 -15.92 -29.14
CA ILE B 456 5.02 -16.23 -30.40
C ILE B 456 6.36 -15.48 -30.58
N ASN B 457 6.63 -14.46 -29.75
CA ASN B 457 7.87 -13.68 -29.78
C ASN B 457 9.08 -14.42 -29.13
N GLN B 458 8.83 -15.54 -28.45
CA GLN B 458 9.88 -16.39 -27.87
C GLN B 458 10.37 -17.44 -28.89
N ARG B 459 11.68 -17.69 -28.98
CA ARG B 459 12.29 -18.69 -29.86
C ARG B 459 13.42 -19.47 -29.19
N ILE B 460 13.78 -20.61 -29.79
CA ILE B 460 14.92 -21.44 -29.38
C ILE B 460 15.98 -21.51 -30.47
N VAL B 461 17.24 -21.46 -30.06
CA VAL B 461 18.42 -21.64 -30.92
C VAL B 461 19.12 -22.94 -30.55
N ILE B 462 19.27 -23.83 -31.53
CA ILE B 462 20.00 -25.11 -31.41
C ILE B 462 20.97 -25.25 -32.60
N ARG B 463 22.21 -25.67 -32.31
CA ARG B 463 23.24 -26.06 -33.29
C ARG B 463 24.38 -26.84 -32.62
N ASP B 464 25.08 -27.69 -33.36
CA ASP B 464 26.28 -28.43 -32.94
C ASP B 464 26.11 -29.45 -31.81
N ASN B 465 24.88 -29.89 -31.50
CA ASN B 465 24.67 -31.01 -30.56
C ASN B 465 24.82 -32.36 -31.30
N ARG B 466 24.66 -33.50 -30.61
CA ARG B 466 24.85 -34.83 -31.24
C ARG B 466 23.89 -35.01 -32.42
N LYS B 467 24.37 -35.45 -33.58
CA LYS B 467 23.54 -35.59 -34.79
C LYS B 467 22.35 -36.53 -34.54
N ALA B 468 21.14 -36.10 -34.84
CA ALA B 468 19.93 -36.86 -34.56
C ALA B 468 19.91 -38.25 -35.24
N GLU B 469 20.43 -38.36 -36.47
CA GLU B 469 20.51 -39.63 -37.20
C GLU B 469 21.43 -40.65 -36.49
N ASN B 470 22.53 -40.20 -35.87
CA ASN B 470 23.39 -41.05 -35.03
C ASN B 470 22.66 -41.47 -33.74
N CYS B 471 21.96 -40.55 -33.08
CA CYS B 471 21.21 -40.85 -31.86
C CYS B 471 20.14 -41.94 -32.09
N THR B 472 19.40 -41.86 -33.20
CA THR B 472 18.41 -42.88 -33.59
C THR B 472 19.10 -44.21 -33.91
N ALA B 473 20.17 -44.20 -34.69
CA ALA B 473 20.92 -45.40 -35.05
C ALA B 473 21.50 -46.14 -33.83
N GLU B 474 21.90 -45.40 -32.78
CA GLU B 474 22.41 -45.95 -31.51
C GLU B 474 21.30 -46.36 -30.53
N GLY B 475 20.02 -46.17 -30.87
CA GLY B 475 18.88 -46.57 -30.05
C GLY B 475 18.49 -45.58 -28.95
N MET B 476 19.02 -44.35 -28.99
CA MET B 476 18.77 -43.31 -28.00
C MET B 476 17.48 -42.56 -28.33
N VAL B 477 16.36 -43.25 -28.16
CA VAL B 477 14.99 -42.84 -28.54
C VAL B 477 14.06 -42.94 -27.32
N CYS B 478 12.88 -42.31 -27.41
CA CYS B 478 11.90 -42.29 -26.32
C CYS B 478 11.00 -43.54 -26.28
N ASN B 479 10.28 -43.73 -25.17
CA ASN B 479 9.28 -44.79 -24.99
C ASN B 479 8.19 -44.76 -26.08
N HIS B 480 7.76 -45.94 -26.51
CA HIS B 480 6.77 -46.16 -27.56
C HIS B 480 5.40 -45.50 -27.33
N LEU B 481 5.01 -45.16 -26.10
CA LEU B 481 3.72 -44.48 -25.82
C LEU B 481 3.70 -42.98 -26.11
N CYS B 482 4.84 -42.34 -26.40
CA CYS B 482 4.92 -40.88 -26.46
C CYS B 482 4.13 -40.24 -27.63
N SER B 483 3.40 -39.16 -27.37
CA SER B 483 2.66 -38.37 -28.36
C SER B 483 3.55 -37.35 -29.09
N SER B 484 3.01 -36.66 -30.09
CA SER B 484 3.71 -35.64 -30.88
C SER B 484 4.20 -34.39 -30.12
N ASP B 485 3.77 -34.16 -28.87
CA ASP B 485 4.27 -33.02 -28.07
C ASP B 485 5.77 -33.10 -27.79
N GLY B 486 6.33 -34.32 -27.72
CA GLY B 486 7.76 -34.54 -27.53
C GLY B 486 8.19 -35.11 -26.18
N CYS B 487 9.48 -35.43 -26.06
CA CYS B 487 10.06 -36.17 -24.94
C CYS B 487 11.54 -35.82 -24.73
N TRP B 488 12.12 -36.16 -23.56
CA TRP B 488 13.52 -35.82 -23.25
C TRP B 488 14.32 -36.89 -22.48
N GLY B 489 13.99 -38.16 -22.71
CA GLY B 489 14.69 -39.32 -22.13
C GLY B 489 14.07 -40.66 -22.55
N PRO B 490 14.76 -41.80 -22.33
CA PRO B 490 14.30 -43.12 -22.78
C PRO B 490 13.13 -43.71 -21.96
N GLY B 491 12.88 -43.21 -20.75
CA GLY B 491 11.90 -43.79 -19.81
C GLY B 491 10.43 -43.47 -20.13
N PRO B 492 9.47 -44.27 -19.64
CA PRO B 492 8.04 -44.03 -19.82
C PRO B 492 7.52 -42.78 -19.09
N ASP B 493 8.29 -42.23 -18.16
CA ASP B 493 8.03 -40.98 -17.44
C ASP B 493 8.64 -39.73 -18.11
N GLN B 494 9.41 -39.89 -19.19
CA GLN B 494 10.21 -38.82 -19.81
C GLN B 494 9.53 -38.08 -20.98
N CYS B 495 8.32 -38.50 -21.35
CA CYS B 495 7.53 -37.86 -22.40
C CYS B 495 6.58 -36.78 -21.84
N LEU B 496 6.37 -35.69 -22.59
CA LEU B 496 5.50 -34.56 -22.22
C LEU B 496 4.01 -34.92 -22.16
N SER B 497 3.52 -35.76 -23.08
CA SER B 497 2.16 -36.31 -23.08
C SER B 497 2.12 -37.61 -23.88
N CYS B 498 1.24 -38.55 -23.55
CA CYS B 498 1.21 -39.87 -24.17
C CYS B 498 -0.16 -40.23 -24.79
N ARG B 499 -0.16 -41.24 -25.66
CA ARG B 499 -1.33 -41.69 -26.46
C ARG B 499 -2.26 -42.66 -25.73
N ARG B 500 -1.93 -43.07 -24.51
CA ARG B 500 -2.71 -43.99 -23.67
C ARG B 500 -2.81 -43.48 -22.22
N PHE B 501 -3.24 -44.33 -21.30
CA PHE B 501 -3.37 -44.02 -19.88
C PHE B 501 -2.03 -43.73 -19.18
N SER B 502 -2.13 -43.21 -17.96
CA SER B 502 -1.00 -42.89 -17.08
C SER B 502 -1.33 -43.19 -15.62
N ARG B 503 -0.30 -43.43 -14.81
CA ARG B 503 -0.38 -43.56 -13.35
C ARG B 503 0.81 -42.82 -12.70
N GLY B 504 0.55 -41.89 -11.79
CA GLY B 504 1.62 -41.06 -11.22
C GLY B 504 2.35 -40.28 -12.32
N ARG B 505 3.67 -40.49 -12.46
CA ARG B 505 4.53 -39.86 -13.48
C ARG B 505 4.83 -40.75 -14.69
N ILE B 506 4.27 -41.95 -14.77
CA ILE B 506 4.61 -42.99 -15.74
C ILE B 506 3.47 -43.23 -16.72
N CYS B 507 3.73 -43.14 -18.03
CA CYS B 507 2.79 -43.55 -19.07
C CYS B 507 2.71 -45.09 -19.16
N ILE B 508 1.50 -45.65 -19.26
CA ILE B 508 1.24 -47.09 -19.21
C ILE B 508 0.38 -47.59 -20.39
N GLU B 509 0.53 -48.86 -20.76
CA GLU B 509 -0.24 -49.51 -21.83
C GLU B 509 -1.70 -49.83 -21.44
N SER B 510 -1.94 -50.24 -20.20
CA SER B 510 -3.28 -50.59 -19.69
C SER B 510 -3.41 -50.35 -18.17
N CYS B 511 -4.63 -50.13 -17.71
CA CYS B 511 -4.97 -49.86 -16.32
C CYS B 511 -5.48 -51.11 -15.59
N ASN B 512 -5.44 -51.11 -14.26
CA ASN B 512 -5.93 -52.21 -13.43
C ASN B 512 -7.46 -52.17 -13.30
N LEU B 513 -8.16 -52.44 -14.40
CA LEU B 513 -9.62 -52.35 -14.46
C LEU B 513 -10.27 -53.69 -14.10
N TYR B 514 -9.85 -54.76 -14.79
CA TYR B 514 -10.39 -56.12 -14.70
C TYR B 514 -9.44 -57.13 -14.02
N ASP B 515 -8.26 -56.68 -13.59
CA ASP B 515 -7.22 -57.49 -12.95
C ASP B 515 -6.36 -56.60 -12.02
N GLY B 516 -5.69 -57.20 -11.03
CA GLY B 516 -4.84 -56.52 -10.05
C GLY B 516 -5.39 -56.56 -8.63
N GLU B 517 -4.49 -56.43 -7.64
CA GLU B 517 -4.79 -56.42 -6.20
C GLU B 517 -5.52 -55.12 -5.76
N PHE B 518 -5.49 -54.10 -6.61
CA PHE B 518 -6.25 -52.84 -6.51
C PHE B 518 -6.95 -52.62 -7.84
N ARG B 519 -8.04 -51.83 -7.87
CA ARG B 519 -8.84 -51.60 -9.09
C ARG B 519 -9.07 -50.12 -9.35
N GLU B 520 -9.08 -49.76 -10.62
CA GLU B 520 -9.13 -48.37 -11.11
C GLU B 520 -10.32 -48.12 -12.05
N PHE B 521 -10.73 -46.86 -12.18
CA PHE B 521 -11.67 -46.42 -13.22
C PHE B 521 -10.96 -45.57 -14.29
N GLU B 522 -11.52 -45.55 -15.49
CA GLU B 522 -10.98 -44.83 -16.65
C GLU B 522 -11.23 -43.31 -16.56
N ASN B 523 -10.32 -42.50 -17.09
CA ASN B 523 -10.45 -41.05 -17.27
C ASN B 523 -9.71 -40.59 -18.55
N GLY B 524 -9.72 -39.29 -18.87
CA GLY B 524 -9.26 -38.76 -20.18
C GLY B 524 -7.82 -39.11 -20.63
N SER B 525 -6.84 -39.07 -19.73
CA SER B 525 -5.42 -39.39 -19.99
C SER B 525 -4.74 -40.05 -18.78
N ILE B 526 -5.52 -40.55 -17.82
CA ILE B 526 -5.08 -41.05 -16.52
C ILE B 526 -6.09 -42.10 -16.03
N CYS B 527 -5.69 -43.03 -15.18
CA CYS B 527 -6.61 -43.87 -14.44
C CYS B 527 -6.31 -43.83 -12.95
N VAL B 528 -7.37 -43.92 -12.14
CA VAL B 528 -7.33 -43.62 -10.70
C VAL B 528 -8.06 -44.72 -9.94
N GLU B 529 -7.60 -45.07 -8.75
CA GLU B 529 -8.21 -46.13 -7.93
C GLU B 529 -9.60 -45.74 -7.41
N CYS B 530 -10.53 -46.69 -7.29
CA CYS B 530 -11.82 -46.43 -6.61
C CYS B 530 -11.81 -46.93 -5.15
N ASP B 531 -12.93 -46.80 -4.44
CA ASP B 531 -13.10 -47.24 -3.05
C ASP B 531 -12.51 -48.65 -2.79
N PRO B 532 -11.53 -48.83 -1.87
CA PRO B 532 -10.97 -50.14 -1.53
C PRO B 532 -11.98 -51.22 -1.15
N GLN B 533 -13.21 -50.87 -0.75
CA GLN B 533 -14.26 -51.85 -0.43
C GLN B 533 -14.89 -52.49 -1.68
N CYS B 534 -14.68 -51.91 -2.86
CA CYS B 534 -15.33 -52.30 -4.10
C CYS B 534 -14.86 -53.68 -4.58
N GLU B 535 -15.79 -54.55 -5.00
CA GLU B 535 -15.48 -55.95 -5.32
C GLU B 535 -14.54 -56.08 -6.53
N LYS B 536 -13.56 -56.97 -6.42
CA LYS B 536 -12.49 -57.17 -7.40
C LYS B 536 -12.90 -58.27 -8.40
N MET B 537 -13.92 -57.97 -9.19
CA MET B 537 -14.59 -58.93 -10.08
C MET B 537 -13.73 -59.34 -11.29
N GLU B 538 -13.89 -60.58 -11.71
CA GLU B 538 -13.19 -61.23 -12.82
C GLU B 538 -13.91 -61.03 -14.18
N ASP B 539 -13.33 -61.56 -15.25
CA ASP B 539 -13.93 -61.67 -16.60
C ASP B 539 -14.40 -60.35 -17.25
N GLY B 540 -13.69 -59.24 -17.00
CA GLY B 540 -14.02 -57.93 -17.60
C GLY B 540 -15.18 -57.20 -16.93
N LEU B 541 -15.76 -57.75 -15.85
CA LEU B 541 -16.92 -57.22 -15.14
C LEU B 541 -16.53 -56.06 -14.20
N LEU B 542 -16.10 -54.94 -14.78
CA LEU B 542 -15.57 -53.78 -14.05
C LEU B 542 -16.59 -53.15 -13.07
N THR B 543 -16.14 -52.91 -11.84
CA THR B 543 -16.95 -52.28 -10.78
C THR B 543 -16.59 -50.81 -10.49
N CYS B 544 -15.40 -50.34 -10.85
CA CYS B 544 -14.97 -48.95 -10.65
C CYS B 544 -15.36 -48.05 -11.85
N HIS B 545 -16.24 -47.06 -11.65
CA HIS B 545 -16.70 -46.13 -12.71
C HIS B 545 -16.58 -44.65 -12.29
N GLY B 546 -15.91 -44.41 -11.16
CA GLY B 546 -15.72 -43.13 -10.49
C GLY B 546 -15.08 -43.38 -9.11
N PRO B 547 -14.52 -42.35 -8.46
CA PRO B 547 -13.78 -42.53 -7.21
C PRO B 547 -14.64 -42.77 -5.97
N GLY B 548 -15.94 -42.47 -6.02
CA GLY B 548 -16.81 -42.46 -4.84
C GLY B 548 -17.25 -43.83 -4.32
N PRO B 549 -17.40 -44.01 -2.98
CA PRO B 549 -18.02 -45.19 -2.36
C PRO B 549 -19.42 -45.51 -2.89
N ASP B 550 -20.13 -44.49 -3.37
CA ASP B 550 -21.46 -44.61 -3.99
C ASP B 550 -21.41 -45.10 -5.46
N ASN B 551 -20.24 -45.08 -6.09
CA ASN B 551 -20.09 -45.32 -7.52
C ASN B 551 -20.01 -46.82 -7.85
N CYS B 552 -19.43 -47.60 -6.95
CA CYS B 552 -19.13 -49.02 -7.11
C CYS B 552 -20.39 -49.88 -7.35
N THR B 553 -20.39 -50.72 -8.39
CA THR B 553 -21.57 -51.56 -8.74
C THR B 553 -21.75 -52.78 -7.83
N LYS B 554 -20.68 -53.30 -7.22
CA LYS B 554 -20.70 -54.42 -6.26
C LYS B 554 -19.55 -54.31 -5.28
N CYS B 555 -19.82 -54.41 -3.98
CA CYS B 555 -18.83 -54.33 -2.90
C CYS B 555 -18.82 -55.62 -2.06
N SER B 556 -17.66 -55.99 -1.49
CA SER B 556 -17.52 -57.16 -0.62
C SER B 556 -17.98 -56.90 0.82
N HIS B 557 -18.00 -55.64 1.26
CA HIS B 557 -18.48 -55.22 2.58
C HIS B 557 -20.01 -55.01 2.60
N PHE B 558 -20.58 -54.65 3.75
CA PHE B 558 -22.02 -54.52 3.92
C PHE B 558 -22.59 -53.32 3.15
N LYS B 559 -23.63 -53.54 2.36
CA LYS B 559 -24.31 -52.56 1.52
C LYS B 559 -25.26 -51.68 2.34
N ASP B 560 -25.29 -50.39 2.01
CA ASP B 560 -26.26 -49.41 2.47
C ASP B 560 -26.64 -48.50 1.29
N GLY B 561 -27.55 -47.54 1.49
CA GLY B 561 -27.98 -46.60 0.44
C GLY B 561 -26.84 -45.79 -0.21
N PRO B 562 -26.14 -44.90 0.53
CA PRO B 562 -25.09 -44.06 -0.06
C PRO B 562 -23.74 -44.77 -0.28
N ASN B 563 -23.46 -45.91 0.36
CA ASN B 563 -22.13 -46.53 0.39
C ASN B 563 -22.13 -47.99 0.91
N CYS B 564 -20.94 -48.59 1.04
CA CYS B 564 -20.75 -49.84 1.77
C CYS B 564 -19.84 -49.61 2.99
N VAL B 565 -20.00 -50.43 4.04
CA VAL B 565 -19.26 -50.35 5.31
C VAL B 565 -18.83 -51.73 5.80
N GLU B 566 -17.68 -51.82 6.47
CA GLU B 566 -17.20 -53.07 7.10
C GLU B 566 -18.01 -53.48 8.33
N LYS B 567 -18.72 -52.53 8.95
CA LYS B 567 -19.63 -52.69 10.09
C LYS B 567 -20.74 -51.64 10.01
N CYS B 568 -21.98 -52.04 10.24
CA CYS B 568 -23.16 -51.15 10.19
C CYS B 568 -23.42 -50.42 11.53
N PRO B 569 -24.14 -49.29 11.54
CA PRO B 569 -24.39 -48.47 12.74
C PRO B 569 -24.97 -49.23 13.94
N ASP B 570 -24.51 -48.86 15.14
CA ASP B 570 -24.95 -49.43 16.42
C ASP B 570 -26.33 -48.91 16.84
N ILE B 579 -30.68 -46.35 15.86
CA ILE B 579 -31.11 -47.75 15.86
C ILE B 579 -30.05 -48.65 15.22
N PHE B 580 -29.84 -49.87 15.75
CA PHE B 580 -28.91 -50.84 15.17
C PHE B 580 -29.42 -51.30 13.80
N LYS B 581 -28.54 -51.43 12.80
CA LYS B 581 -28.89 -52.03 11.49
C LYS B 581 -28.20 -53.39 11.30
N TYR B 582 -28.97 -54.41 10.90
CA TYR B 582 -28.55 -55.81 10.77
C TYR B 582 -28.48 -56.23 9.30
N ALA B 583 -27.48 -57.05 8.95
CA ALA B 583 -27.29 -57.52 7.58
C ALA B 583 -28.26 -58.65 7.19
N ASP B 584 -28.78 -58.60 5.97
CA ASP B 584 -29.57 -59.67 5.34
C ASP B 584 -28.71 -60.70 4.55
N PRO B 585 -29.30 -61.76 3.98
CA PRO B 585 -28.57 -62.78 3.21
C PRO B 585 -27.86 -62.26 1.94
N ASP B 586 -28.16 -61.05 1.48
CA ASP B 586 -27.49 -60.37 0.35
C ASP B 586 -26.43 -59.35 0.83
N ARG B 587 -26.10 -59.38 2.14
CA ARG B 587 -25.15 -58.49 2.83
C ARG B 587 -25.56 -57.02 2.79
N GLU B 588 -26.86 -56.70 2.80
CA GLU B 588 -27.37 -55.33 2.98
C GLU B 588 -27.93 -55.14 4.39
N CYS B 589 -27.67 -53.97 5.00
CA CYS B 589 -28.07 -53.67 6.37
C CYS B 589 -29.43 -52.94 6.47
N HIS B 590 -30.31 -53.42 7.36
CA HIS B 590 -31.66 -52.89 7.59
C HIS B 590 -31.91 -52.55 9.07
N PRO B 591 -32.67 -51.49 9.41
CA PRO B 591 -32.97 -51.14 10.80
C PRO B 591 -33.70 -52.24 11.59
N CYS B 592 -33.31 -52.41 12.86
CA CYS B 592 -33.94 -53.27 13.85
C CYS B 592 -35.06 -52.52 14.63
N HIS B 593 -35.53 -53.11 15.73
CA HIS B 593 -36.50 -52.48 16.64
C HIS B 593 -35.98 -51.13 17.18
N PRO B 594 -36.81 -50.07 17.29
CA PRO B 594 -36.38 -48.76 17.76
C PRO B 594 -35.61 -48.71 19.09
N ASN B 595 -35.83 -49.66 20.01
CA ASN B 595 -35.17 -49.66 21.32
C ASN B 595 -33.88 -50.51 21.36
N CYS B 596 -33.54 -51.20 20.26
CA CYS B 596 -32.38 -52.09 20.18
C CYS B 596 -31.17 -51.41 19.50
N THR B 597 -30.01 -51.40 20.17
CA THR B 597 -28.77 -50.78 19.65
C THR B 597 -27.53 -51.70 19.70
N GLN B 598 -27.58 -52.78 20.48
CA GLN B 598 -26.43 -53.60 20.87
C GLN B 598 -26.07 -54.69 19.84
N GLY B 599 -27.02 -55.11 19.02
CA GLY B 599 -26.92 -56.18 18.02
C GLY B 599 -28.31 -56.69 17.64
N CYS B 600 -28.51 -57.27 16.46
CA CYS B 600 -29.85 -57.71 16.02
C CYS B 600 -29.82 -58.59 14.75
N ASN B 601 -30.90 -59.34 14.51
CA ASN B 601 -31.15 -60.07 13.25
C ASN B 601 -32.58 -59.95 12.69
N GLY B 602 -33.34 -58.91 13.02
CA GLY B 602 -34.72 -58.75 12.56
C GLY B 602 -35.40 -57.43 12.95
N PRO B 603 -36.61 -57.16 12.45
CA PRO B 603 -37.28 -55.87 12.62
C PRO B 603 -37.99 -55.64 13.97
N THR B 604 -38.13 -56.63 14.84
CA THR B 604 -38.95 -56.51 16.08
C THR B 604 -38.18 -56.84 17.36
N SER B 605 -38.81 -56.68 18.53
CA SER B 605 -38.15 -56.66 19.84
C SER B 605 -37.43 -57.95 20.24
N HIS B 606 -37.98 -59.13 19.91
CA HIS B 606 -37.35 -60.42 20.21
C HIS B 606 -36.15 -60.76 19.29
N ASP B 607 -35.88 -59.94 18.28
CA ASP B 607 -34.76 -60.09 17.34
C ASP B 607 -33.47 -59.40 17.82
N CYS B 608 -33.52 -58.66 18.94
CA CYS B 608 -32.37 -57.95 19.51
C CYS B 608 -31.38 -58.92 20.18
N ILE B 609 -30.09 -58.80 19.87
CA ILE B 609 -29.00 -59.71 20.26
C ILE B 609 -27.93 -58.95 21.05
N TYR B 610 -27.43 -59.56 22.13
CA TYR B 610 -26.38 -59.01 22.99
C TYR B 610 -25.13 -59.90 22.96
N SER C 1 -37.89 43.86 6.67
CA SER C 1 -39.11 44.04 5.87
C SER C 1 -39.05 43.28 4.54
N HIS C 2 -38.06 42.42 4.34
CA HIS C 2 -37.84 41.58 3.14
C HIS C 2 -38.49 40.19 3.22
N LEU C 3 -39.14 39.88 4.34
CA LEU C 3 -39.68 38.56 4.66
C LEU C 3 -41.21 38.59 4.81
N VAL C 4 -41.85 37.47 4.49
CA VAL C 4 -43.28 37.22 4.74
C VAL C 4 -43.46 35.90 5.49
N LYS C 5 -44.63 35.65 6.06
CA LYS C 5 -44.87 34.42 6.84
C LYS C 5 -45.08 33.22 5.90
N CYS C 6 -44.58 32.05 6.28
CA CYS C 6 -44.79 30.82 5.52
C CYS C 6 -46.29 30.50 5.45
N ALA C 7 -46.79 30.03 4.30
CA ALA C 7 -48.17 29.54 4.19
C ALA C 7 -48.38 28.27 5.04
N GLU C 8 -49.62 27.95 5.41
CA GLU C 8 -49.93 26.84 6.30
C GLU C 8 -49.30 25.50 5.87
N LYS C 9 -49.25 25.25 4.56
CA LYS C 9 -48.62 24.05 3.96
C LYS C 9 -47.10 23.97 4.14
N GLU C 10 -46.45 25.09 4.45
CA GLU C 10 -45.01 25.20 4.71
C GLU C 10 -44.69 25.42 6.20
N LYS C 11 -45.64 25.82 7.05
CA LYS C 11 -45.34 26.16 8.46
C LYS C 11 -44.73 25.02 9.28
N THR C 12 -44.93 23.76 8.90
CA THR C 12 -44.28 22.60 9.54
C THR C 12 -42.80 22.44 9.20
N PHE C 13 -42.23 23.28 8.33
CA PHE C 13 -40.82 23.28 7.97
C PHE C 13 -39.91 23.45 9.19
N CYS C 14 -40.17 24.46 10.03
CA CYS C 14 -39.34 24.79 11.18
C CYS C 14 -39.83 24.03 12.42
N VAL C 15 -38.92 23.39 13.16
CA VAL C 15 -39.32 22.32 14.10
C VAL C 15 -39.67 22.76 15.53
N ASN C 16 -38.71 23.21 16.34
CA ASN C 16 -38.87 23.38 17.79
C ASN C 16 -39.45 24.75 18.18
N GLY C 17 -40.62 25.08 17.66
CA GLY C 17 -41.36 26.31 17.98
C GLY C 17 -40.89 27.55 17.22
N GLY C 18 -39.93 27.42 16.30
CA GLY C 18 -39.42 28.55 15.53
C GLY C 18 -40.45 29.09 14.54
N GLU C 19 -40.46 30.38 14.31
CA GLU C 19 -41.40 31.02 13.39
C GLU C 19 -40.86 30.99 11.95
N CYS C 20 -41.63 30.44 11.01
CA CYS C 20 -41.20 30.23 9.63
C CYS C 20 -41.43 31.45 8.73
N PHE C 21 -40.41 31.89 8.01
CA PHE C 21 -40.49 32.96 7.02
C PHE C 21 -40.01 32.55 5.63
N MET C 22 -40.57 33.19 4.61
CA MET C 22 -40.17 33.09 3.22
C MET C 22 -39.58 34.42 2.78
N VAL C 23 -38.49 34.39 2.02
CA VAL C 23 -37.85 35.57 1.45
C VAL C 23 -38.62 36.05 0.21
N LYS C 24 -38.94 37.35 0.10
CA LYS C 24 -39.74 37.92 -1.01
C LYS C 24 -39.13 37.79 -2.42
N ASP C 25 -37.89 37.32 -2.53
CA ASP C 25 -37.19 37.08 -3.80
C ASP C 25 -37.85 35.96 -4.65
N LEU C 26 -37.59 35.94 -5.96
CA LEU C 26 -38.17 35.03 -6.95
C LEU C 26 -38.35 33.60 -6.40
N PRO C 29 -37.83 29.80 -7.16
CA PRO C 29 -36.53 30.19 -6.66
C PRO C 29 -36.60 31.01 -5.36
N SER C 30 -37.71 30.92 -4.60
CA SER C 30 -37.80 31.53 -3.26
C SER C 30 -36.99 30.73 -2.22
N ARG C 31 -36.68 31.36 -1.09
CA ARG C 31 -35.89 30.78 0.01
C ARG C 31 -36.66 30.80 1.32
N TYR C 32 -36.41 29.83 2.19
CA TYR C 32 -37.03 29.77 3.50
C TYR C 32 -35.99 29.87 4.62
N LEU C 33 -36.37 30.50 5.72
CA LEU C 33 -35.59 30.60 6.94
C LEU C 33 -36.53 30.59 8.13
N CYS C 34 -36.06 30.35 9.35
CA CYS C 34 -36.91 30.57 10.50
C CYS C 34 -36.18 31.17 11.69
N LYS C 35 -36.95 31.80 12.57
CA LYS C 35 -36.47 32.51 13.75
C LYS C 35 -36.63 31.62 14.98
N CYS C 36 -35.52 31.14 15.53
CA CYS C 36 -35.52 30.18 16.64
C CYS C 36 -35.69 30.84 18.01
N PRO C 37 -36.28 30.16 19.01
CA PRO C 37 -36.18 30.56 20.40
C PRO C 37 -34.73 30.50 20.88
N ASN C 38 -34.36 31.20 21.94
CA ASN C 38 -32.98 31.25 22.44
C ASN C 38 -32.33 29.87 22.69
N GLU C 39 -33.11 28.85 23.04
CA GLU C 39 -32.61 27.50 23.31
C GLU C 39 -32.21 26.70 22.06
N PHE C 40 -32.62 27.09 20.85
CA PHE C 40 -32.45 26.28 19.65
C PHE C 40 -31.70 26.99 18.53
N THR C 41 -31.01 26.21 17.70
CA THR C 41 -30.31 26.68 16.51
C THR C 41 -30.38 25.64 15.39
N GLY C 42 -29.67 25.85 14.28
CA GLY C 42 -29.75 25.02 13.08
C GLY C 42 -30.72 25.62 12.07
N ASP C 43 -30.65 25.21 10.82
CA ASP C 43 -31.46 25.78 9.73
C ASP C 43 -32.97 25.61 9.93
N ARG C 44 -33.44 24.58 10.65
CA ARG C 44 -34.84 24.33 11.01
C ARG C 44 -35.10 24.38 12.53
N CYS C 45 -34.22 25.01 13.31
CA CYS C 45 -34.22 25.00 14.77
C CYS C 45 -34.16 23.62 15.44
N GLN C 46 -33.59 22.59 14.79
CA GLN C 46 -33.58 21.22 15.28
C GLN C 46 -32.53 20.90 16.37
N ASN C 47 -31.49 21.72 16.55
CA ASN C 47 -30.42 21.49 17.53
C ASN C 47 -30.56 22.39 18.77
N TYR C 48 -30.11 21.96 19.94
CA TYR C 48 -29.97 22.85 21.10
C TYR C 48 -28.75 23.77 21.01
N VAL C 49 -28.89 24.99 21.52
CA VAL C 49 -27.77 25.92 21.74
C VAL C 49 -27.01 25.51 23.00
N MET C 50 -25.67 25.54 22.97
CA MET C 50 -24.79 25.12 24.07
C MET C 50 -23.92 26.25 24.63
N ALA C 51 -23.62 26.16 25.92
CA ALA C 51 -22.70 27.04 26.65
C ALA C 51 -21.65 26.23 27.44
N SER C 52 -20.44 26.75 27.61
CA SER C 52 -19.29 26.10 28.28
C SER C 52 -18.78 24.83 27.58
N SER D 1 54.35 -0.46 -23.97
CA SER D 1 53.17 -0.88 -23.21
C SER D 1 53.20 -0.40 -21.75
N HIS D 2 52.04 0.04 -21.26
CA HIS D 2 51.83 0.42 -19.85
C HIS D 2 51.58 -0.78 -18.93
N LEU D 3 51.72 -2.00 -19.44
CA LEU D 3 51.38 -3.25 -18.74
C LEU D 3 52.60 -4.14 -18.53
N VAL D 4 52.58 -4.91 -17.45
CA VAL D 4 53.62 -5.88 -17.08
C VAL D 4 52.95 -7.17 -16.57
N LYS D 5 53.63 -8.32 -16.62
CA LYS D 5 53.02 -9.60 -16.23
C LYS D 5 52.85 -9.73 -14.70
N CYS D 6 51.77 -10.37 -14.27
CA CYS D 6 51.51 -10.63 -12.85
C CYS D 6 52.56 -11.60 -12.25
N ALA D 7 52.93 -11.39 -10.99
CA ALA D 7 53.77 -12.32 -10.23
C ALA D 7 53.02 -13.62 -9.91
N GLU D 8 53.75 -14.71 -9.68
CA GLU D 8 53.19 -16.06 -9.46
C GLU D 8 52.19 -16.11 -8.29
N LYS D 9 52.35 -15.26 -7.27
CA LYS D 9 51.44 -15.17 -6.12
C LYS D 9 50.00 -14.74 -6.49
N GLU D 10 49.80 -14.12 -7.65
CA GLU D 10 48.50 -13.73 -8.22
C GLU D 10 47.99 -14.74 -9.28
N LYS D 11 48.61 -15.92 -9.41
CA LYS D 11 48.15 -16.98 -10.30
C LYS D 11 46.70 -17.37 -9.99
N THR D 12 45.93 -17.75 -11.00
CA THR D 12 44.48 -18.01 -10.95
C THR D 12 43.58 -16.79 -10.71
N PHE D 13 44.14 -15.56 -10.62
CA PHE D 13 43.34 -14.33 -10.73
C PHE D 13 42.52 -14.31 -12.02
N CYS D 14 43.10 -14.65 -13.16
CA CYS D 14 42.40 -14.87 -14.41
C CYS D 14 42.39 -16.38 -14.73
N VAL D 15 41.23 -16.88 -15.12
CA VAL D 15 40.92 -18.32 -15.23
C VAL D 15 40.71 -18.72 -16.71
N ASN D 16 40.54 -20.01 -17.01
CA ASN D 16 40.24 -20.54 -18.36
C ASN D 16 41.26 -20.18 -19.46
N GLY D 17 42.54 -20.13 -19.11
CA GLY D 17 43.63 -19.88 -20.06
C GLY D 17 43.98 -18.41 -20.28
N GLY D 18 43.34 -17.47 -19.58
CA GLY D 18 43.67 -16.05 -19.68
C GLY D 18 45.01 -15.69 -19.05
N GLU D 19 45.66 -14.64 -19.51
CA GLU D 19 46.98 -14.20 -19.03
C GLU D 19 46.83 -12.94 -18.17
N CYS D 20 47.21 -13.00 -16.90
CA CYS D 20 47.12 -11.85 -16.00
C CYS D 20 48.19 -10.80 -16.31
N PHE D 21 47.81 -9.52 -16.30
CA PHE D 21 48.74 -8.39 -16.34
C PHE D 21 48.36 -7.33 -15.30
N MET D 22 49.34 -6.50 -14.95
CA MET D 22 49.22 -5.37 -14.05
C MET D 22 49.45 -4.06 -14.82
N VAL D 23 48.68 -3.03 -14.53
CA VAL D 23 48.93 -1.67 -15.01
C VAL D 23 50.11 -1.07 -14.22
N LYS D 24 51.05 -0.41 -14.90
CA LYS D 24 52.30 0.13 -14.32
C LYS D 24 52.11 1.34 -13.38
N ASP D 25 50.92 1.94 -13.38
CA ASP D 25 50.52 3.08 -12.52
C ASP D 25 50.40 2.72 -11.02
N LEU D 26 50.53 3.71 -10.14
CA LEU D 26 50.14 3.63 -8.74
C LEU D 26 48.63 3.88 -8.57
N PRO D 29 47.06 2.71 -5.95
CA PRO D 29 47.22 1.28 -6.06
C PRO D 29 47.45 0.83 -7.52
N SER D 30 48.11 -0.31 -7.72
CA SER D 30 48.14 -0.98 -9.02
C SER D 30 46.77 -1.57 -9.38
N ARG D 31 46.54 -1.82 -10.68
CA ARG D 31 45.29 -2.37 -11.23
C ARG D 31 45.58 -3.64 -12.03
N TYR D 32 44.63 -4.57 -12.07
CA TYR D 32 44.81 -5.90 -12.68
C TYR D 32 43.80 -6.15 -13.81
N LEU D 33 44.23 -6.88 -14.84
CA LEU D 33 43.45 -7.23 -16.01
C LEU D 33 43.89 -8.57 -16.58
N CYS D 34 43.17 -9.14 -17.55
CA CYS D 34 43.75 -10.17 -18.40
C CYS D 34 43.36 -10.10 -19.87
N LYS D 35 44.26 -10.57 -20.74
CA LYS D 35 43.96 -11.01 -22.10
C LYS D 35 43.47 -12.45 -22.06
N CYS D 36 42.51 -12.87 -22.88
CA CYS D 36 42.12 -14.29 -22.99
C CYS D 36 41.67 -14.74 -24.39
N PRO D 37 41.60 -16.07 -24.63
CA PRO D 37 41.20 -16.61 -25.92
C PRO D 37 39.78 -16.19 -26.30
N ASN D 38 39.47 -16.22 -27.59
CA ASN D 38 38.19 -15.77 -28.14
C ASN D 38 36.94 -16.44 -27.51
N GLU D 39 37.09 -17.60 -26.87
CA GLU D 39 35.94 -18.35 -26.33
C GLU D 39 35.62 -17.96 -24.89
N PHE D 40 36.27 -16.97 -24.31
CA PHE D 40 35.94 -16.49 -22.96
C PHE D 40 35.95 -14.96 -22.84
N THR D 41 35.16 -14.42 -21.91
CA THR D 41 35.09 -12.99 -21.59
C THR D 41 34.72 -12.77 -20.12
N GLY D 42 34.50 -11.53 -19.71
CA GLY D 42 34.32 -11.13 -18.32
C GLY D 42 35.64 -10.66 -17.69
N ASP D 43 35.57 -9.97 -16.55
CA ASP D 43 36.77 -9.36 -15.95
C ASP D 43 37.90 -10.36 -15.67
N ARG D 44 37.60 -11.60 -15.25
CA ARG D 44 38.56 -12.69 -15.02
C ARG D 44 38.54 -13.76 -16.13
N CYS D 45 37.87 -13.52 -17.25
CA CYS D 45 37.64 -14.51 -18.31
C CYS D 45 36.95 -15.80 -17.81
N GLN D 46 36.00 -15.66 -16.89
CA GLN D 46 35.24 -16.74 -16.29
C GLN D 46 33.99 -17.20 -17.09
N ASN D 47 33.47 -16.39 -18.03
CA ASN D 47 32.25 -16.67 -18.81
C ASN D 47 32.56 -17.03 -20.26
N TYR D 48 31.74 -17.84 -20.92
CA TYR D 48 31.84 -18.08 -22.37
C TYR D 48 31.34 -16.90 -23.20
N VAL D 49 32.00 -16.64 -24.34
CA VAL D 49 31.53 -15.75 -25.40
C VAL D 49 30.44 -16.49 -26.19
N MET D 50 29.27 -15.86 -26.38
CA MET D 50 28.09 -16.47 -27.01
C MET D 50 27.76 -15.81 -28.35
N ALA D 51 27.39 -16.60 -29.37
CA ALA D 51 27.06 -16.08 -30.69
C ALA D 51 26.12 -17.00 -31.51
N SER D 52 25.45 -16.42 -32.51
CA SER D 52 24.62 -17.07 -33.54
C SER D 52 23.56 -18.03 -32.98
C1 NAG E . -6.81 -16.16 36.39
C2 NAG E . -8.07 -15.37 36.01
C3 NAG E . -8.28 -15.34 34.49
C4 NAG E . -7.01 -14.93 33.74
C5 NAG E . -5.86 -15.78 34.24
C6 NAG E . -4.52 -15.41 33.63
C7 NAG E . -9.77 -17.11 36.56
C8 NAG E . -10.72 -17.55 37.64
N2 NAG E . -9.21 -15.91 36.74
O3 NAG E . -9.35 -14.45 34.21
O4 NAG E . -7.19 -15.13 32.33
O5 NAG E . -5.73 -15.60 35.66
O6 NAG E . -3.48 -16.24 34.14
O7 NAG E . -9.52 -17.83 35.61
H1 NAG E . -6.92 -17.23 36.20
H2 NAG E . -7.92 -14.34 36.34
H3 NAG E . -8.57 -16.34 34.17
H4 NAG E . -6.81 -13.87 33.93
H5 NAG E . -6.08 -16.83 34.03
H61 NAG E . -4.58 -15.54 32.55
H62 NAG E . -4.31 -14.37 33.86
H81 NAG E . -10.90 -18.62 37.54
H82 NAG E . -11.65 -17.00 37.54
H83 NAG E . -10.28 -17.35 38.62
HN2 NAG E . -9.61 -15.32 37.46
HO3 NAG E . -9.50 -14.42 33.26
HO6 NAG E . -2.64 -15.98 33.75
C1 NAG E . -6.65 -14.10 31.46
C2 NAG E . -6.32 -14.65 30.08
C3 NAG E . -5.74 -13.58 29.17
C4 NAG E . -6.61 -12.32 29.12
C5 NAG E . -6.97 -11.91 30.54
C6 NAG E . -8.00 -10.80 30.58
C7 NAG E . -5.75 -17.05 29.98
C8 NAG E . -4.68 -18.06 30.29
N2 NAG E . -5.41 -15.78 30.18
O3 NAG E . -5.57 -14.12 27.86
O4 NAG E . -5.87 -11.27 28.49
O5 NAG E . -7.56 -13.03 31.26
O6 NAG E . -8.31 -10.43 31.92
O7 NAG E . -6.85 -17.39 29.57
H1 NAG E . -5.73 -13.70 31.91
H2 NAG E . -7.25 -15.00 29.62
H3 NAG E . -4.76 -13.30 29.56
H4 NAG E . -7.52 -12.53 28.56
H5 NAG E . -6.08 -11.59 31.07
H61 NAG E . -7.58 -9.92 30.06
H62 NAG E . -8.90 -11.12 30.07
H81 NAG E . -5.06 -19.06 30.09
H82 NAG E . -4.40 -17.98 31.34
H83 NAG E . -3.81 -17.86 29.67
HN2 NAG E . -4.45 -15.58 30.44
HO3 NAG E . -6.19 -13.70 27.27
HO6 NAG E . -8.95 -9.73 31.92
C1 BMA E . -6.49 -10.67 27.31
C2 BMA E . -5.69 -9.42 26.87
C3 BMA E . -6.34 -8.80 25.64
C4 BMA E . -6.50 -9.81 24.48
C5 BMA E . -7.23 -11.09 24.96
C6 BMA E . -7.21 -12.22 23.93
O2 BMA E . -4.33 -9.80 26.53
O3 BMA E . -5.54 -7.68 25.20
O4 BMA E . -7.27 -9.17 23.43
O5 BMA E . -6.57 -11.62 26.19
O6 BMA E . -7.91 -11.79 22.74
H1 BMA E . -7.50 -10.35 27.56
H2 BMA E . -5.67 -8.71 27.68
H3 BMA E . -7.33 -8.43 25.92
H4 BMA E . -5.51 -10.07 24.11
H5 BMA E . -8.26 -10.84 25.20
H61 BMA E . -6.19 -12.47 23.67
H62 BMA E . -7.71 -13.10 24.34
HO2 BMA E . -3.90 -10.20 27.30
HO3 BMA E . -5.49 -7.02 25.90
HO4 BMA E . -7.67 -9.85 22.89
HO6 BMA E . -7.50 -12.18 21.97
C1 NAG F . -3.43 -27.38 36.40
C2 NAG F . -3.58 -26.91 34.93
C3 NAG F . -2.21 -26.32 34.54
C4 NAG F . -1.85 -25.14 35.44
C5 NAG F . -1.85 -25.55 36.92
C6 NAG F . -1.68 -24.36 37.87
C7 NAG F . -4.84 -27.88 33.07
C8 NAG F . -5.03 -29.09 32.13
N2 NAG F . -3.97 -28.02 34.05
O3 NAG F . -2.18 -25.87 33.16
O4 NAG F . -0.47 -24.69 35.12
O5 NAG F . -3.12 -26.23 37.25
O6 NAG F . -1.82 -24.83 39.23
O7 NAG F . -5.46 -26.84 32.88
H1 NAG F . -2.61 -28.09 36.47
H2 NAG F . -4.33 -26.13 34.87
H3 NAG F . -1.44 -27.10 34.65
H4 NAG F . -2.54 -24.32 35.28
H5 NAG F . -1.02 -26.25 37.08
H61 NAG F . -0.69 -23.92 37.74
H62 NAG F . -2.45 -23.62 37.67
H81 NAG F . -4.92 -28.76 31.09
H82 NAG F . -6.02 -29.52 32.28
H83 NAG F . -4.26 -29.83 32.35
HN2 NAG F . -3.54 -28.92 34.19
HO3 NAG F . -2.17 -24.90 33.14
HO6 NAG F . -1.71 -24.10 39.83
C1 NAG F . -0.22 -23.34 34.57
C2 NAG F . 1.30 -23.15 34.63
C3 NAG F . 1.76 -21.88 33.93
C4 NAG F . 1.19 -21.77 32.52
C5 NAG F . -0.33 -21.88 32.63
C6 NAG F . -1.02 -21.84 31.29
C7 NAG F . 2.36 -24.15 36.61
C8 NAG F . 2.54 -24.02 38.09
N2 NAG F . 1.70 -23.16 36.01
O3 NAG F . 3.17 -21.86 33.90
O4 NAG F . 1.52 -20.52 31.91
O5 NAG F . -0.68 -23.15 33.23
O6 NAG F . -2.44 -21.97 31.45
O7 NAG F . 2.79 -25.12 35.99
H1 NAG F . -0.70 -22.61 35.21
H2 NAG F . 1.77 -24.00 34.13
H3 NAG F . 1.42 -21.02 34.51
H4 NAG F . 1.57 -22.59 31.91
H5 NAG F . -0.71 -21.08 33.26
H61 NAG F . -0.81 -20.89 30.81
H62 NAG F . -0.66 -22.66 30.67
H81 NAG F . 3.09 -24.88 38.47
H82 NAG F . 3.10 -23.11 38.31
H83 NAG F . 1.56 -23.98 38.57
HN2 NAG F . 1.48 -22.34 36.57
HO3 NAG F . 3.48 -22.03 33.00
HO6 NAG F . -2.86 -21.94 30.59
C1 BMA F . 2.47 -20.54 30.80
C2 BMA F . 2.56 -19.15 30.14
C3 BMA F . 3.61 -19.12 29.02
C4 BMA F . 4.98 -19.70 29.48
C5 BMA F . 4.83 -21.01 30.27
C6 BMA F . 6.13 -21.49 30.94
O2 BMA F . 2.93 -18.17 31.14
O3 BMA F . 3.69 -17.70 28.57
O4 BMA F . 5.77 -20.02 28.32
O5 BMA F . 3.79 -20.88 31.33
O6 BMA F . 6.74 -20.39 31.72
H1 BMA F . 2.16 -21.28 30.06
H2 BMA F . 1.59 -18.89 29.73
H3 BMA F . 3.24 -19.73 28.20
H4 BMA F . 5.49 -18.96 30.08
H5 BMA F . 4.51 -21.79 29.58
H61 BMA F . 5.90 -22.32 31.60
H62 BMA F . 6.83 -21.81 30.17
HO2 BMA F . 2.29 -18.17 31.85
HO4 BMA F . 5.32 -19.69 27.53
C1 MAN F . 4.81 -17.21 27.74
C2 MAN F . 4.57 -15.73 27.39
C3 MAN F . 3.41 -15.59 26.39
C4 MAN F . 3.60 -16.45 25.14
C5 MAN F . 3.84 -17.93 25.52
C6 MAN F . 4.20 -18.83 24.33
O2 MAN F . 5.78 -15.17 26.81
O3 MAN F . 3.30 -14.19 26.00
O4 MAN F . 2.39 -16.35 24.35
O5 MAN F . 4.94 -18.03 26.51
O6 MAN F . 3.12 -18.87 23.40
H1 MAN F . 5.73 -17.30 28.31
H2 MAN F . 4.33 -15.19 28.30
H3 MAN F . 2.49 -15.88 26.89
H4 MAN F . 4.45 -16.09 24.56
H5 MAN F . 2.92 -18.32 25.98
H61 MAN F . 5.09 -18.42 23.83
H62 MAN F . 4.42 -19.83 24.69
HO2 MAN F . 6.50 -15.26 27.42
HO3 MAN F . 3.14 -13.66 26.78
HO4 MAN F . 2.30 -17.13 23.80
HO6 MAN F . 3.45 -18.94 22.50
C1 MAN F . 6.53 -20.46 33.17
C2 MAN F . 7.05 -19.16 33.81
C3 MAN F . 8.57 -19.08 33.70
C4 MAN F . 9.27 -20.34 34.25
C5 MAN F . 8.70 -21.63 33.62
C6 MAN F . 9.20 -22.91 34.29
O2 MAN F . 6.68 -19.10 35.21
O3 MAN F . 9.04 -17.91 34.42
O4 MAN F . 10.68 -20.23 33.94
O5 MAN F . 7.23 -21.63 33.73
O6 MAN F . 10.64 -23.02 34.17
H1 MAN F . 5.46 -20.55 33.37
H2 MAN F . 6.61 -18.31 33.29
H3 MAN F . 8.85 -18.96 32.65
H4 MAN F . 9.14 -20.38 35.34
H5 MAN F . 8.97 -21.65 32.57
H61 MAN F . 8.93 -22.90 35.35
H62 MAN F . 8.74 -23.78 33.82
HO2 MAN F . 5.72 -19.15 35.29
HO3 MAN F . 8.64 -17.13 34.04
HO4 MAN F . 11.08 -21.10 33.97
HO6 MAN F . 11.00 -23.41 34.96
C1 NAG G . -9.87 7.66 39.80
C2 NAG G . -9.41 7.72 41.26
C3 NAG G . -7.98 8.20 41.36
C4 NAG G . -7.04 7.38 40.49
C5 NAG G . -7.64 7.21 39.10
C6 NAG G . -6.89 6.23 38.23
C7 NAG G . -11.21 8.11 42.89
C8 NAG G . -12.52 8.84 42.94
N2 NAG G . -10.32 8.57 42.00
O3 NAG G . -7.57 8.16 42.72
O4 NAG G . -5.77 8.03 40.36
O5 NAG G . -8.99 6.71 39.22
O6 NAG G . -6.89 4.93 38.81
O7 NAG G . -10.96 7.15 43.61
H1 NAG G . -9.76 8.64 39.32
H2 NAG G . -9.48 6.71 41.67
H3 NAG G . -7.93 9.24 41.03
H4 NAG G . -6.89 6.40 40.94
H5 NAG G . -7.66 8.18 38.60
H61 NAG G . -7.36 6.18 37.25
H62 NAG G . -5.86 6.58 38.11
H81 NAG G . -13.15 8.38 43.70
H82 NAG G . -12.34 9.89 43.19
H83 NAG G . -13.01 8.78 41.97
HN2 NAG G . -10.29 9.56 41.82
HO3 NAG G . -6.61 8.15 42.77
HO6 NAG G . -6.40 4.32 38.23
C1 NAG G . -4.65 7.50 41.14
C2 NAG G . -3.34 7.68 40.38
C3 NAG G . -2.17 7.07 41.16
C4 NAG G . -2.09 7.62 42.57
C5 NAG G . -3.47 7.49 43.22
C6 NAG G . -3.54 8.15 44.58
C7 NAG G . -3.47 7.85 37.93
C8 NAG G . -3.52 7.07 36.65
N2 NAG G . -3.42 7.12 39.05
O3 NAG G . -0.96 7.33 40.44
O4 NAG G . -1.14 6.88 43.34
O5 NAG G . -4.46 8.14 42.40
O6 NAG G . -3.28 9.55 44.49
O7 NAG G . -3.48 9.07 37.94
H1 NAG G . -4.81 6.43 41.31
H2 NAG G . -3.15 8.76 40.29
H3 NAG G . -2.31 5.99 41.21
H4 NAG G . -1.80 8.67 42.55
H5 NAG G . -3.72 6.43 43.32
H61 NAG G . -4.53 8.00 45.00
H62 NAG G . -2.80 7.69 45.24
H81 NAG G . -3.55 7.75 35.81
H82 NAG G . -4.40 6.43 36.65
H83 NAG G . -2.63 6.44 36.57
HN2 NAG G . -3.44 6.11 38.96
HO3 NAG G . -0.38 7.86 40.99
HO6 NAG G . -3.32 9.94 45.36
C1 BMA G . 0.05 7.63 43.73
C2 BMA G . 0.76 6.95 44.92
C3 BMA G . 2.06 7.70 45.25
C4 BMA G . 2.98 7.84 44.03
C5 BMA G . 2.24 8.45 42.83
C6 BMA G . 3.04 8.41 41.52
O2 BMA G . 1.09 5.57 44.60
O3 BMA G . 2.75 7.01 46.33
O4 BMA G . 4.08 8.70 44.40
O5 BMA G . 0.98 7.71 42.59
O6 BMA G . 4.25 9.18 41.67
H1 BMA G . -0.23 8.64 44.02
H2 BMA G . 0.10 6.96 45.79
H3 BMA G . 1.79 8.70 45.60
H4 BMA G . 3.37 6.85 43.75
H5 BMA G . 1.99 9.49 43.06
H61 BMA G . 2.44 8.83 40.72
H62 BMA G . 3.30 7.38 41.29
HO2 BMA G . 0.28 5.10 44.39
HO3 BMA G . 2.96 6.12 46.04
HO4 BMA G . 4.48 9.07 43.62
HO6 BMA G . 4.95 8.77 41.16
C1 NAG H . 2.27 25.87 6.31
C2 NAG H . 1.55 27.21 6.43
C3 NAG H . 2.22 28.14 7.45
C4 NAG H . 2.39 27.45 8.80
C5 NAG H . 3.09 26.13 8.55
C6 NAG H . 3.25 25.30 9.81
C7 NAG H . 0.36 28.00 4.42
C8 NAG H . 0.50 28.80 3.16
N2 NAG H . 1.47 27.87 5.14
O3 NAG H . 1.45 29.33 7.56
O4 NAG H . 3.14 28.27 9.70
O5 NAG H . 2.32 25.34 7.62
O6 NAG H . 3.92 24.07 9.52
O7 NAG H . -0.71 27.51 4.76
H1 NAG H . 3.27 25.99 5.87
H2 NAG H . 0.53 27.01 6.77
H3 NAG H . 3.21 28.41 7.07
H4 NAG H . 1.40 27.26 9.23
H5 NAG H . 4.08 26.31 8.12
H61 NAG H . 3.84 25.86 10.53
H62 NAG H . 2.27 25.09 10.22
H81 NAG H . -0.47 28.85 2.65
H82 NAG H . 0.83 29.82 3.40
H83 NAG H . 1.24 28.33 2.51
HN2 NAG H . 2.33 28.25 4.76
HO3 NAG H . 0.56 29.10 7.86
HO6 NAG H . 4.00 23.55 10.32
C1 NAG H . 2.38 29.21 10.56
C2 NAG H . 2.62 28.96 12.05
C3 NAG H . 1.76 29.90 12.90
C4 NAG H . 1.97 31.36 12.50
C5 NAG H . 1.83 31.48 11.00
C6 NAG H . 2.18 32.86 10.49
C7 NAG H . 3.31 26.74 12.85
C8 NAG H . 2.81 25.39 13.29
N2 NAG H . 2.37 27.60 12.46
O3 NAG H . 2.07 29.69 14.27
O4 NAG H . 1.00 32.16 13.17
O5 NAG H . 2.72 30.56 10.34
O6 NAG H . 2.03 32.95 9.08
O7 NAG H . 4.50 27.02 12.85
H1 NAG H . 1.31 29.08 10.35
H2 NAG H . 3.67 29.18 12.26
H3 NAG H . 0.72 29.65 12.73
H4 NAG H . 2.97 31.67 12.81
H5 NAG H . 0.80 31.26 10.71
H61 NAG H . 1.53 33.60 10.96
H62 NAG H . 3.22 33.09 10.75
H81 NAG H . 3.65 24.77 13.59
H82 NAG H . 2.14 25.52 14.14
H83 NAG H . 2.27 24.91 12.47
HN2 NAG H . 1.40 27.28 12.44
HO3 NAG H . 1.93 30.51 14.75
HO6 NAG H . 2.26 33.83 8.78
C1 BMA H . 1.49 33.26 14.00
C2 BMA H . 0.29 33.91 14.73
C3 BMA H . 0.74 35.03 15.68
C4 BMA H . 1.81 34.52 16.67
C5 BMA H . 2.98 33.84 15.93
C6 BMA H . 3.99 33.14 16.84
O2 BMA H . -0.40 32.90 15.51
O3 BMA H . -0.46 35.50 16.42
O4 BMA H . 2.35 35.63 17.42
O5 BMA H . 2.45 32.81 15.01
O6 BMA H . 3.27 32.18 17.71
H1 BMA H . 1.97 34.01 13.36
H2 BMA H . -0.39 34.33 13.99
H3 BMA H . 1.15 35.86 15.10
H4 BMA H . 1.36 33.81 17.36
H5 BMA H . 3.50 34.59 15.35
H61 BMA H . 4.72 32.61 16.24
H62 BMA H . 4.49 33.89 17.46
HO2 BMA H . -0.69 32.20 14.93
HO4 BMA H . 3.00 35.32 18.04
C1 MAN H . -0.50 36.92 16.75
C2 MAN H . -1.28 37.08 18.08
C3 MAN H . -2.77 36.80 17.86
C4 MAN H . -3.35 37.70 16.77
C5 MAN H . -2.57 37.55 15.45
C6 MAN H . -3.04 38.62 14.43
O2 MAN H . -1.11 38.43 18.59
O3 MAN H . -3.48 37.03 19.11
O4 MAN H . -4.73 37.32 16.57
O5 MAN H . -1.11 37.71 15.67
O6 MAN H . -2.30 38.48 13.20
H1 MAN H . 0.52 37.26 16.90
H2 MAN H . -0.88 36.38 18.81
H3 MAN H . -2.89 35.75 17.57
H4 MAN H . -3.31 38.74 17.09
H5 MAN H . -2.76 36.56 15.03
H61 MAN H . -4.10 38.49 14.23
H62 MAN H . -2.86 39.61 14.84
HO2 MAN H . -0.18 38.60 18.72
HO3 MAN H . -3.36 37.94 19.37
HO4 MAN H . -5.12 37.87 15.88
HO6 MAN H . -1.82 39.29 13.01
C1 MAN H . 3.93 30.88 17.82
C2 MAN H . 3.00 29.89 18.53
C3 MAN H . 2.84 30.27 20.01
C4 MAN H . 4.20 30.39 20.73
C5 MAN H . 5.14 31.36 20.00
C6 MAN H . 6.56 31.32 20.55
O2 MAN H . 3.54 28.55 18.45
O3 MAN H . 2.04 29.25 20.67
O4 MAN H . 3.93 30.88 22.07
O5 MAN H . 5.21 31.03 18.55
O6 MAN H . 6.59 31.73 21.92
H1 MAN H . 4.15 30.51 16.82
H2 MAN H . 2.02 29.91 18.06
H3 MAN H . 2.32 31.22 20.08
H4 MAN H . 4.67 29.41 20.80
H5 MAN H . 4.75 32.38 20.10
H61 MAN H . 7.20 31.99 19.96
H62 MAN H . 6.95 30.30 20.47
HO2 MAN H . 3.65 28.30 17.53
HO3 MAN H . 2.49 28.40 20.60
HO4 MAN H . 4.73 31.27 22.43
HO6 MAN H . 7.26 31.24 22.40
C1 NAG I . -28.97 -11.09 11.98
C2 NAG I . -30.14 -11.27 11.00
C3 NAG I . -31.14 -12.26 11.60
C4 NAG I . -30.46 -13.59 11.86
C5 NAG I . -29.12 -13.37 12.57
C6 NAG I . -28.28 -14.63 12.61
C7 NAG I . -30.78 -9.50 9.43
C8 NAG I . -31.86 -8.50 9.11
N2 NAG I . -30.83 -10.05 10.64
O3 NAG I . -32.23 -12.41 10.70
O4 NAG I . -31.33 -14.38 12.68
O5 NAG I . -28.35 -12.36 11.90
O6 NAG I . -27.06 -14.40 13.30
O7 NAG I . -29.92 -9.79 8.60
H1 NAG I . -29.35 -10.90 12.99
H2 NAG I . -29.74 -11.70 10.08
H3 NAG I . -31.51 -11.85 12.54
H4 NAG I . -30.28 -14.11 10.92
H5 NAG I . -29.32 -13.05 13.60
H61 NAG I . -28.83 -15.41 13.11
H62 NAG I . -28.06 -14.93 11.59
H81 NAG I . -32.31 -8.75 8.15
H82 NAG I . -32.61 -8.53 9.89
H83 NAG I . -31.41 -7.50 9.06
HN2 NAG I . -31.37 -9.58 11.35
HO3 NAG I . -32.21 -13.29 10.31
HO6 NAG I . -26.54 -15.21 13.31
C1 NAG I . -31.68 -15.63 12.02
C2 NAG I . -32.33 -16.62 13.01
C3 NAG I . -32.62 -17.94 12.28
C4 NAG I . -33.42 -17.75 10.98
C5 NAG I . -32.83 -16.65 10.08
C6 NAG I . -33.75 -16.22 8.93
C7 NAG I . -31.83 -16.62 15.41
C8 NAG I . -30.78 -16.93 16.49
N2 NAG I . -31.46 -16.85 14.16
O3 NAG I . -33.34 -18.85 13.17
O4 NAG I . -33.32 -19.05 10.28
O5 NAG I . -32.57 -15.44 10.89
O6 NAG I . -33.62 -17.13 7.82
O7 NAG I . -32.93 -16.16 15.70
H1 NAG I . -30.75 -16.08 11.66
H2 NAG I . -33.27 -16.19 13.36
H3 NAG I . -31.67 -18.40 12.04
H4 NAG I . -34.46 -17.53 11.21
H5 NAG I . -31.89 -17.01 9.66
H61 NAG I . -34.79 -16.22 9.28
H62 NAG I . -33.49 -15.22 8.60
H81 NAG I . -31.18 -16.69 17.47
H82 NAG I . -29.89 -16.33 16.32
H83 NAG I . -30.52 -17.98 16.45
HN2 NAG I . -30.53 -17.22 14.00
HO3 NAG I . -33.61 -19.62 12.68
HO6 NAG I . -34.20 -16.85 7.11
C1 BMA I . -34.55 -19.83 10.12
C2 BMA I . -34.18 -21.15 9.45
C3 BMA I . -35.40 -22.08 9.37
C4 BMA I . -35.96 -22.35 10.78
C5 BMA I . -36.28 -21.04 11.52
C6 BMA I . -36.55 -21.26 13.01
O2 BMA I . -33.13 -21.82 10.21
O3 BMA I . -34.99 -23.37 8.77
O4 BMA I . -37.17 -23.12 10.65
O5 BMA I . -35.13 -20.11 11.44
O6 BMA I . -35.27 -21.58 13.68
H1 BMA I . -35.27 -19.28 9.50
H2 BMA I . -33.81 -20.96 8.44
H3 BMA I . -36.16 -21.63 8.76
H4 BMA I . -35.23 -22.92 11.36
H5 BMA I . -37.15 -20.58 11.06
H61 BMA I . -37.26 -22.08 13.14
H62 BMA I . -36.97 -20.34 13.44
HO2 BMA I . -32.36 -21.25 10.27
HO4 BMA I . -37.81 -22.63 10.13
C1 MAN I . -35.33 -23.50 7.36
C2 MAN I . -35.21 -24.99 6.95
C3 MAN I . -33.75 -25.43 6.93
C4 MAN I . -32.88 -24.53 6.03
C5 MAN I . -33.02 -23.05 6.41
C6 MAN I . -32.38 -22.12 5.37
O2 MAN I . -35.77 -25.18 5.62
O3 MAN I . -33.67 -26.80 6.48
O4 MAN I . -31.50 -24.94 6.21
O5 MAN I . -34.45 -22.66 6.52
O6 MAN I . -30.97 -22.40 5.24
H1 MAN I . -36.36 -23.18 7.22
H2 MAN I . -35.76 -25.59 7.66
H3 MAN I . -33.36 -25.38 7.95
H4 MAN I . -33.17 -24.68 4.99
H5 MAN I . -32.54 -22.88 7.37
H61 MAN I . -32.86 -22.26 4.41
H62 MAN I . -32.50 -21.08 5.69
HO2 MAN I . -36.69 -24.91 5.62
HO3 MAN I . -34.16 -27.36 7.07
HO4 MAN I . -30.92 -24.25 5.89
HO6 MAN I . -30.71 -22.30 4.33
C1 MAN I . -35.40 -21.77 15.12
C2 MAN I . -34.01 -21.61 15.78
C3 MAN I . -33.08 -22.75 15.36
C4 MAN I . -33.71 -24.13 15.64
C5 MAN I . -35.10 -24.25 15.00
C6 MAN I . -35.85 -25.53 15.41
O2 MAN I . -34.14 -21.63 17.23
O3 MAN I . -31.83 -22.63 16.09
O4 MAN I . -32.82 -25.13 15.08
O5 MAN I . -35.95 -23.10 15.40
O6 MAN I . -35.13 -26.69 14.94
H1 MAN I . -36.08 -21.02 15.52
H2 MAN I . -33.58 -20.66 15.47
H3 MAN I . -32.88 -22.67 14.29
H4 MAN I . -33.79 -24.28 16.72
H5 MAN I . -34.99 -24.24 13.91
H61 MAN I . -35.93 -25.57 16.50
H62 MAN I . -36.84 -25.52 14.96
HO2 MAN I . -34.73 -20.91 17.50
HO3 MAN I . -31.42 -21.78 15.88
HO4 MAN I . -33.31 -25.93 14.91
HO6 MAN I . -35.25 -27.40 15.57
C1 NAG J . -46.03 5.90 28.46
C2 NAG J . -46.91 6.30 27.28
C3 NAG J . -48.33 6.61 27.76
C4 NAG J . -48.91 5.44 28.54
C5 NAG J . -47.92 5.01 29.62
C6 NAG J . -48.32 3.75 30.33
C7 NAG J . -45.72 7.39 25.42
C8 NAG J . -44.89 8.58 25.06
N2 NAG J . -46.31 7.44 26.61
O3 NAG J . -49.14 6.90 26.63
O4 NAG J . -50.17 5.78 29.14
O5 NAG J . -46.65 4.74 28.98
O6 NAG J . -47.36 3.41 31.34
O7 NAG J . -45.83 6.43 24.67
H1 NAG J . -45.98 6.69 29.21
H2 NAG J . -46.95 5.47 26.58
H3 NAG J . -48.30 7.47 28.40
H4 NAG J . -49.08 4.61 27.86
H5 NAG J . -47.79 5.82 30.33
H61 NAG J . -49.28 3.91 30.81
H62 NAG J . -48.40 2.93 29.62
H81 NAG J . -44.45 8.44 24.07
H82 NAG J . -44.09 8.70 25.80
H83 NAG J . -45.52 9.47 25.05
HN2 NAG J . -46.35 8.33 27.08
HO3 NAG J . -50.03 7.10 26.91
HO6 NAG J . -47.64 2.60 31.78
C1 NAG J . -50.23 6.75 30.23
C2 NAG J . -51.50 7.62 30.09
C3 NAG J . -51.58 8.61 31.27
C4 NAG J . -51.52 7.87 32.61
C5 NAG J . -50.25 7.02 32.71
C6 NAG J . -50.15 6.19 34.00
C7 NAG J . -52.31 8.21 27.85
C8 NAG J . -52.08 9.08 26.60
N2 NAG J . -51.44 8.38 28.84
O3 NAG J . -52.81 9.39 31.21
O4 NAG J . -51.51 8.86 33.67
O5 NAG J . -50.22 6.10 31.56
O6 NAG J . -49.83 7.06 35.09
O7 NAG J . -53.25 7.42 27.92
H1 NAG J . -49.36 7.39 30.16
H2 NAG J . -52.37 6.98 30.10
H3 NAG J . -50.73 9.29 31.21
H4 NAG J . -52.40 7.24 32.73
H5 NAG J . -49.38 7.68 32.66
H61 NAG J . -51.10 5.69 34.18
H62 NAG J . -49.36 5.44 33.88
H81 NAG J . -52.85 8.87 25.85
H82 NAG J . -52.12 10.14 26.88
H83 NAG J . -51.09 8.86 26.18
HN2 NAG J . -50.71 9.05 28.71
HO3 NAG J . -52.85 9.85 30.37
HO4 NAG J . -50.93 8.58 34.38
HO6 NAG J . -50.13 6.66 35.91
C1 NAG K . -2.77 40.97 3.12
C2 NAG K . -2.59 41.28 4.61
C3 NAG K . -1.13 41.70 4.87
C4 NAG K . -0.17 40.59 4.45
C5 NAG K . -0.58 40.05 3.09
C6 NAG K . 0.11 38.75 2.71
C7 NAG K . -3.70 43.51 4.64
C8 NAG K . -4.95 44.23 5.04
N2 NAG K . -3.61 42.24 5.02
O3 NAG K . -0.97 42.01 6.25
O4 NAG K . 1.17 41.08 4.29
O5 NAG K . -1.99 39.79 3.10
O6 NAG K . -0.20 37.71 3.64
O7 NAG K . -2.82 44.06 3.98
H1 NAG K . -2.38 41.76 2.46
H2 NAG K . -2.77 40.36 5.16
H3 NAG K . -0.91 42.58 4.29
H4 NAG K . -0.18 39.78 5.19
H5 NAG K . -0.36 40.80 2.33
H61 NAG K . -0.22 38.46 1.71
H62 NAG K . 1.19 38.91 2.70
H81 NAG K . -4.92 45.26 4.67
H82 NAG K . -5.03 44.22 6.13
H83 NAG K . -5.82 43.71 4.61
HN2 NAG K . -4.32 41.90 5.65
HO3 NAG K . -0.32 41.41 6.64
HO6 NAG K . 0.25 36.91 3.37
C1 NAG K . 2.10 40.94 5.38
C2 NAG K . 3.60 41.04 5.02
C3 NAG K . 4.35 40.15 6.03
C4 NAG K . 3.96 40.47 7.48
C5 NAG K . 2.46 40.26 7.70
C6 NAG K . 1.98 40.58 9.11
C7 NAG K . 4.04 41.36 2.63
C8 NAG K . 4.29 40.70 1.28
N2 NAG K . 3.85 40.55 3.66
O3 NAG K . 5.79 40.28 5.87
O4 NAG K . 4.71 39.56 8.36
O5 NAG K . 1.72 41.14 6.77
O6 NAG K . 0.54 40.49 9.15
O7 NAG K . 4.00 42.58 2.74
H1 NAG K . 2.06 39.85 5.42
H2 NAG K . 3.95 42.07 5.11
H3 NAG K . 4.08 39.11 5.83
H4 NAG K . 4.22 41.50 7.72
H5 NAG K . 2.21 39.22 7.47
H61 NAG K . 2.41 39.87 9.81
H62 NAG K . 2.28 41.59 9.38
H81 NAG K . 4.43 41.46 0.53
H82 NAG K . 5.18 40.07 1.35
H83 NAG K . 3.43 40.07 1.02
HN2 NAG K . 3.87 39.55 3.50
HO3 NAG K . 6.23 40.01 6.68
HO6 NAG K . 0.23 40.69 10.04
C1 BMA K . 5.72 40.18 9.24
C2 BMA K . 6.34 39.08 10.12
C3 BMA K . 7.50 39.63 10.96
C4 BMA K . 8.56 40.31 10.06
C5 BMA K . 7.90 41.39 9.18
C6 BMA K . 8.85 42.00 8.14
O2 BMA K . 6.86 38.01 9.29
O3 BMA K . 8.09 38.49 11.72
O4 BMA K . 9.57 40.95 10.88
O5 BMA K . 6.76 40.80 8.44
O6 BMA K . 9.35 40.92 7.27
H1 BMA K . 5.23 40.92 9.87
H2 BMA K . 5.59 38.67 10.80
H3 BMA K . 7.11 40.36 11.67
H4 BMA K . 9.02 39.56 9.42
H5 BMA K . 7.53 42.19 9.82
H61 BMA K . 8.31 42.72 7.54
H62 BMA K . 9.68 42.47 8.65
HO2 BMA K . 6.14 37.65 8.76
HO4 BMA K . 9.16 41.61 11.43
C1 MAN K . 8.62 38.81 13.05
C2 MAN K . 9.38 37.59 13.60
C3 MAN K . 8.43 36.48 14.06
C4 MAN K . 7.35 36.99 15.03
C5 MAN K . 6.58 38.18 14.40
C6 MAN K . 5.61 38.85 15.38
O2 MAN K . 10.19 38.00 14.74
O3 MAN K . 9.21 35.44 14.71
O4 MAN K . 6.43 35.90 15.28
O5 MAN K . 7.53 39.21 13.95
O6 MAN K . 4.61 37.90 15.83
H1 MAN K . 9.31 39.64 12.95
H2 MAN K . 10.03 37.20 12.83
H3 MAN K . 7.94 36.05 13.18
H4 MAN K . 7.81 37.31 15.95
H5 MAN K . 6.02 37.81 13.54
H61 MAN K . 6.17 39.23 16.25
H62 MAN K . 5.12 39.68 14.89
HO2 MAN K . 10.79 38.69 14.48
HO3 MAN K . 9.85 35.08 14.10
HO4 MAN K . 5.59 36.25 15.58
HO6 MAN K . 4.39 38.09 16.74
C1 MAN K . 10.49 41.29 6.44
C2 MAN K . 10.02 42.08 5.19
C3 MAN K . 9.27 41.18 4.21
C4 MAN K . 10.07 39.92 3.85
C5 MAN K . 10.49 39.15 5.12
C6 MAN K . 11.43 37.98 4.81
O2 MAN K . 11.18 42.65 4.52
O3 MAN K . 8.98 41.94 3.01
O4 MAN K . 9.23 39.10 3.01
O5 MAN K . 11.21 40.06 6.03
O6 MAN K . 10.77 37.01 3.97
H1 MAN K . 11.16 41.91 7.02
H2 MAN K . 9.37 42.90 5.51
H3 MAN K . 8.32 40.88 4.67
H4 MAN K . 10.96 40.22 3.29
H5 MAN K . 9.60 38.77 5.61
H61 MAN K . 11.73 37.51 5.74
H62 MAN K . 12.32 38.35 4.30
HO2 MAN K . 11.66 43.21 5.12
HO3 MAN K . 8.44 42.70 3.24
HO4 MAN K . 9.51 38.19 3.07
HO6 MAN K . 11.42 36.59 3.40
C1 NAG L . 23.94 18.29 -28.56
C2 NAG L . 23.77 17.52 -29.87
C3 NAG L . 22.67 18.11 -30.77
C4 NAG L . 21.39 18.46 -30.02
C5 NAG L . 21.77 19.24 -28.76
C6 NAG L . 20.59 19.58 -27.87
C7 NAG L . 25.51 16.81 -31.49
C8 NAG L . 26.95 17.02 -31.88
N2 NAG L . 25.08 17.55 -30.46
O3 NAG L . 22.35 17.20 -31.81
O4 NAG L . 20.54 19.26 -30.85
O5 NAG L . 22.65 18.40 -27.99
O6 NAG L . 19.90 18.41 -27.44
O7 NAG L . 24.78 16.03 -32.09
H1 NAG L . 24.36 19.28 -28.76
H2 NAG L . 23.51 16.48 -29.63
H3 NAG L . 23.07 19.02 -31.22
H4 NAG L . 20.87 17.55 -29.73
H5 NAG L . 22.29 20.15 -29.04
H61 NAG L . 20.96 20.12 -27.00
H62 NAG L . 19.91 20.22 -28.42
H81 NAG L . 27.04 17.94 -32.43
H82 NAG L . 27.56 17.07 -30.97
H83 NAG L . 27.28 16.19 -32.49
HN2 NAG L . 25.76 18.18 -30.05
HO3 NAG L . 22.91 16.43 -31.76
HO6 NAG L . 19.16 18.66 -26.88
C1 NAG L . 19.27 18.66 -31.30
C2 NAG L . 18.07 19.60 -31.17
C3 NAG L . 16.79 18.84 -31.51
C4 NAG L . 16.87 18.33 -32.95
C5 NAG L . 18.13 17.49 -33.06
C6 NAG L . 18.39 17.03 -34.48
C7 NAG L . 18.10 21.55 -29.66
C8 NAG L . 17.78 22.02 -28.28
N2 NAG L . 17.92 20.25 -29.88
O3 NAG L . 15.64 19.63 -31.31
O4 NAG L . 15.70 17.58 -33.25
O5 NAG L . 19.29 18.25 -32.65
O6 NAG L . 18.58 18.13 -35.36
O7 NAG L . 18.50 22.31 -30.54
H1 NAG L . 19.07 17.78 -30.67
H2 NAG L . 18.19 20.38 -31.92
H3 NAG L . 16.73 17.97 -30.84
H4 NAG L . 16.94 19.19 -33.62
H5 NAG L . 18.04 16.61 -32.42
H61 NAG L . 17.54 16.45 -34.82
H62 NAG L . 19.29 16.40 -34.50
H81 NAG L . 17.96 23.09 -28.22
H82 NAG L . 16.73 21.82 -28.07
H83 NAG L . 18.41 21.51 -27.56
HN2 NAG L . 17.66 19.66 -29.10
HO3 NAG L . 15.32 19.94 -32.17
HO6 NAG L . 18.75 17.82 -36.25
C1 BMA L . 14.87 18.13 -34.34
C2 BMA L . 13.99 17.00 -34.91
C3 BMA L . 13.18 17.55 -36.08
C4 BMA L . 12.30 18.72 -35.64
C5 BMA L . 13.14 19.84 -34.98
C6 BMA L . 12.26 20.93 -34.34
O2 BMA L . 13.09 16.50 -33.89
O3 BMA L . 12.33 16.46 -36.64
O4 BMA L . 11.66 19.26 -36.81
O5 BMA L . 14.01 19.25 -33.93
O6 BMA L . 12.94 22.23 -34.33
H1 BMA L . 15.53 18.47 -35.13
H2 BMA L . 14.64 16.18 -35.26
H3 BMA L . 13.86 17.89 -36.85
H4 BMA L . 11.55 18.38 -34.94
H5 BMA L . 13.78 20.30 -35.74
H61 BMA L . 12.03 20.63 -33.32
H62 BMA L . 11.34 21.00 -34.91
HO2 BMA L . 13.60 16.16 -33.14
HO4 BMA L . 11.10 20.00 -36.57
C1 MAN L . 12.80 15.99 -37.94
C2 MAN L . 11.71 15.15 -38.64
C3 MAN L . 11.57 13.76 -37.99
C4 MAN L . 12.91 13.03 -37.87
C5 MAN L . 13.94 13.90 -37.12
C6 MAN L . 15.35 13.31 -37.10
O2 MAN L . 12.06 14.97 -40.04
O3 MAN L . 10.66 12.96 -38.80
O4 MAN L . 12.67 11.82 -37.12
O5 MAN L . 14.05 15.22 -37.78
O6 MAN L . 15.36 12.04 -36.40
H1 MAN L . 13.02 16.86 -38.57
H2 MAN L . 10.76 15.68 -38.58
H3 MAN L . 11.14 13.89 -37.00
H4 MAN L . 13.29 12.79 -38.86
H5 MAN L . 13.60 14.04 -36.10
H61 MAN L . 15.69 13.15 -38.13
H62 MAN L . 16.02 14.00 -36.61
HO2 MAN L . 12.15 15.82 -40.46
HO3 MAN L . 11.02 12.87 -39.69
HO4 MAN L . 13.49 11.53 -36.71
HO6 MAN L . 16.00 11.46 -36.81
C1 MAN L . 13.97 22.46 -33.31
C2 MAN L . 13.35 22.59 -31.90
C3 MAN L . 12.53 23.87 -31.75
C4 MAN L . 13.36 25.12 -32.13
C5 MAN L . 13.97 24.96 -33.53
C6 MAN L . 14.93 26.10 -33.88
O2 MAN L . 14.41 22.61 -30.90
O3 MAN L . 12.11 23.99 -30.38
O4 MAN L . 12.48 26.26 -32.09
O5 MAN L . 14.72 23.68 -33.63
O6 MAN L . 15.61 25.79 -35.11
H1 MAN L . 14.66 21.61 -33.32
H2 MAN L . 12.71 21.72 -31.71
H3 MAN L . 11.66 23.81 -32.40
H4 MAN L . 14.16 25.24 -31.40
H5 MAN L . 13.15 24.95 -34.27
H61 MAN L . 14.37 27.03 -33.99
H62 MAN L . 15.66 26.22 -33.08
HO2 MAN L . 14.94 21.81 -30.96
HO3 MAN L . 11.59 24.79 -30.26
HO4 MAN L . 12.97 27.06 -32.32
HO6 MAN L . 16.21 26.50 -35.34
C1 NAG M . 10.29 10.68 -22.34
C2 NAG M . 11.63 10.92 -23.05
C3 NAG M . 11.39 11.27 -24.53
C4 NAG M . 10.62 10.15 -25.21
C5 NAG M . 9.36 9.90 -24.40
C6 NAG M . 8.54 8.74 -24.91
C7 NAG M . 12.18 13.21 -22.27
C8 NAG M . 13.20 14.03 -21.54
N2 NAG M . 12.44 11.89 -22.35
O3 NAG M . 12.64 11.50 -25.17
O4 NAG M . 10.29 10.50 -26.57
O5 NAG M . 9.70 9.60 -23.04
O6 NAG M . 9.31 7.53 -24.89
O7 NAG M . 11.16 13.71 -22.74
H1 NAG M . 9.66 11.58 -22.35
H2 NAG M . 12.18 9.97 -23.03
H3 NAG M . 10.81 12.19 -24.57
H4 NAG M . 11.23 9.25 -25.22
H5 NAG M . 8.74 10.80 -24.42
H61 NAG M . 8.24 8.94 -25.94
H62 NAG M . 7.66 8.62 -24.29
H81 NAG M . 12.89 15.07 -21.53
H82 NAG M . 13.30 13.66 -20.52
H83 NAG M . 14.16 13.94 -22.04
HN2 NAG M . 13.27 11.56 -21.89
HO3 NAG M . 12.49 11.72 -26.09
HO6 NAG M . 8.77 6.80 -25.22
C1 NAG M . 11.22 9.98 -27.59
C2 NAG M . 10.58 9.14 -28.70
C3 NAG M . 11.67 8.49 -29.56
C4 NAG M . 12.62 9.55 -30.13
C5 NAG M . 13.07 10.46 -29.01
C6 NAG M . 13.86 11.66 -29.49
C7 NAG M . 8.35 8.14 -28.39
C8 NAG M . 7.62 6.91 -27.98
N2 NAG M . 9.68 8.12 -28.22
O3 NAG M . 11.05 7.74 -30.60
O4 NAG M . 13.76 8.91 -30.72
O5 NAG M . 11.91 10.98 -28.32
O6 NAG M . 14.23 12.49 -28.40
O7 NAG M . 7.77 9.11 -28.88
H1 NAG M . 11.96 9.36 -27.08
H2 NAG M . 10.01 9.82 -29.34
H3 NAG M . 12.24 7.81 -28.93
H4 NAG M . 12.11 10.13 -30.89
H5 NAG M . 13.68 9.89 -28.30
H61 NAG M . 14.76 11.31 -30.01
H62 NAG M . 13.24 12.23 -30.19
H81 NAG M . 6.55 7.03 -28.17
H82 NAG M . 7.78 6.74 -26.91
H83 NAG M . 7.99 6.05 -28.55
HN2 NAG M . 10.07 7.34 -27.71
HO3 NAG M . 11.64 7.70 -31.35
HO6 NAG M . 14.74 13.24 -28.73
C1 BMA M . 13.99 9.10 -32.19
C2 BMA M . 15.08 8.18 -32.68
C3 BMA M . 15.30 8.31 -34.18
C4 BMA M . 14.00 8.10 -34.93
C5 BMA M . 12.88 8.96 -34.38
C6 BMA M . 11.53 8.50 -34.91
O2 BMA M . 14.76 6.83 -32.33
O3 BMA M . 16.29 7.35 -34.62
O4 BMA M . 14.13 8.45 -36.30
O5 BMA M . 12.79 8.87 -32.95
O6 BMA M . 10.44 9.32 -34.46
H1 BMA M . 14.30 10.13 -32.35
H2 BMA M . 16.01 8.45 -32.18
H3 BMA M . 15.67 9.31 -34.40
H4 BMA M . 13.70 7.05 -34.86
H5 BMA M . 13.04 10.00 -34.66
H61 BMA M . 11.56 8.54 -35.99
H62 BMA M . 11.37 7.48 -34.59
HO2 BMA M . 13.92 6.59 -32.73
HO4 BMA M . 13.31 8.27 -36.76
C1 MAN M . 17.15 7.70 -35.75
C2 MAN M . 17.89 6.45 -36.28
C3 MAN M . 19.04 6.05 -35.35
C4 MAN M . 19.99 7.24 -35.09
C5 MAN M . 19.19 8.40 -34.49
C6 MAN M . 20.05 9.65 -34.22
O2 MAN M . 18.43 6.73 -37.60
O3 MAN M . 19.80 4.97 -35.95
O4 MAN M . 21.02 6.81 -34.18
O5 MAN M . 18.10 8.77 -35.41
O6 MAN M . 21.11 9.29 -33.33
H1 MAN M . 16.51 8.07 -36.55
H2 MAN M . 17.19 5.62 -36.35
H3 MAN M . 18.64 5.71 -34.40
H4 MAN M . 20.45 7.55 -36.03
H5 MAN M . 18.75 8.07 -33.54
H61 MAN M . 20.47 10.01 -35.16
H62 MAN M . 19.43 10.42 -33.77
HO2 MAN M . 17.73 6.98 -38.18
HO3 MAN M . 20.50 4.70 -35.36
HO4 MAN M . 21.32 7.56 -33.66
HO6 MAN M . 21.90 9.80 -33.54
C1 MAN M . 9.21 9.20 -35.28
C2 MAN M . 8.50 10.56 -35.21
C3 MAN M . 7.81 10.78 -33.87
C4 MAN M . 6.89 9.60 -33.51
C5 MAN M . 7.68 8.29 -33.51
C6 MAN M . 6.80 7.06 -33.26
O2 MAN M . 7.51 10.65 -36.27
O3 MAN M . 7.03 12.00 -33.94
O4 MAN M . 6.30 9.85 -32.21
O5 MAN M . 8.36 8.10 -34.81
O6 MAN M . 7.60 5.87 -33.35
H1 MAN M . 9.51 9.01 -36.31
H2 MAN M . 9.24 11.35 -35.36
H3 MAN M . 8.56 10.88 -33.09
H4 MAN M . 6.09 9.53 -34.25
H5 MAN M . 8.44 8.34 -32.72
H61 MAN M . 6.36 7.13 -32.25
H62 MAN M . 6.00 7.02 -33.99
HO2 MAN M . 7.93 10.52 -37.12
HO3 MAN M . 6.59 12.15 -33.11
HO4 MAN M . 5.72 9.12 -31.97
HO6 MAN M . 7.05 5.09 -33.20
C1 NAG N . 14.01 -29.21 6.11
C2 NAG N . 14.89 -28.90 7.32
C3 NAG N . 14.68 -29.93 8.43
C4 NAG N . 13.21 -29.99 8.79
C5 NAG N . 12.46 -30.38 7.52
C6 NAG N . 10.97 -30.51 7.71
C7 NAG N . 16.99 -27.69 6.87
C8 NAG N . 18.45 -27.86 6.57
N2 NAG N . 16.29 -28.83 6.94
O3 NAG N . 15.48 -29.60 9.56
O4 NAG N . 12.93 -30.91 9.86
O5 NAG N . 12.66 -29.34 6.54
O6 NAG N . 10.32 -30.85 6.49
O7 NAG N . 16.48 -26.59 7.04
H1 NAG N . 14.36 -30.10 5.58
H2 NAG N . 14.60 -27.93 7.71
H3 NAG N . 14.99 -30.91 8.06
H4 NAG N . 12.88 -29.00 9.09
H5 NAG N . 12.86 -31.32 7.13
H61 NAG N . 10.76 -31.28 8.45
H62 NAG N . 10.57 -29.56 8.06
H81 NAG N . 19.03 -27.60 7.46
H82 NAG N . 18.66 -28.88 6.28
H83 NAG N . 18.73 -27.18 5.75
HN2 NAG N . 16.75 -29.70 6.71
HO3 NAG N . 15.33 -30.25 10.25
HO6 NAG N . 9.38 -30.93 6.64
C1 NAG N . 13.29 -32.32 9.89
C2 NAG N . 13.53 -32.70 11.35
C3 NAG N . 13.77 -34.20 11.51
C4 NAG N . 12.65 -34.99 10.87
C5 NAG N . 12.51 -34.55 9.42
C6 NAG N . 11.38 -35.23 8.69
C7 NAG N . 14.51 -30.96 12.81
C8 NAG N . 15.78 -30.27 13.19
N2 NAG N . 14.64 -31.95 11.91
O3 NAG N . 13.88 -34.51 12.90
O4 NAG N . 12.93 -36.40 10.94
O5 NAG N . 12.26 -33.13 9.36
O6 NAG N . 10.13 -34.94 9.31
O7 NAG N . 13.42 -30.65 13.28
H1 NAG N . 14.21 -32.47 9.31
H2 NAG N . 12.64 -32.44 11.91
H3 NAG N . 14.71 -34.46 11.02
H4 NAG N . 11.72 -34.80 11.40
H5 NAG N . 13.45 -34.76 8.90
H61 NAG N . 11.37 -34.88 7.66
H62 NAG N . 11.54 -36.31 8.70
H81 NAG N . 15.56 -29.50 13.92
H82 NAG N . 16.22 -29.82 12.30
H83 NAG N . 16.47 -30.99 13.62
HN2 NAG N . 15.57 -32.18 11.59
HO3 NAG N . 13.12 -35.01 13.18
HO6 NAG N . 9.42 -35.38 8.82
C1 BMA N . 11.97 -37.21 11.69
C2 BMA N . 12.03 -38.69 11.26
C3 BMA N . 11.02 -39.51 12.06
C4 BMA N . 11.25 -39.33 13.57
C5 BMA N . 11.22 -37.85 13.97
C6 BMA N . 11.54 -37.65 15.46
O2 BMA N . 13.36 -39.23 11.47
O3 BMA N . 11.16 -40.95 11.73
O4 BMA N . 10.20 -40.03 14.28
O5 BMA N . 12.20 -37.11 13.15
O6 BMA N . 11.26 -36.26 15.83
H1 BMA N . 10.97 -36.83 11.49
H2 BMA N . 11.78 -38.75 10.20
H3 BMA N . 10.01 -39.19 11.81
H4 BMA N . 12.21 -39.76 13.85
H5 BMA N . 10.22 -37.45 13.78
H61 BMA N . 10.94 -38.31 16.05
H62 BMA N . 12.60 -37.86 15.63
HO2 BMA N . 14.00 -38.72 10.96
HO3 BMA N . 11.01 -41.07 10.79
HO4 BMA N . 9.34 -39.67 14.04
C1 MAN N . 11.03 -36.10 17.25
C2 MAN N . 10.48 -34.68 17.53
C3 MAN N . 11.58 -33.61 17.38
C4 MAN N . 12.83 -33.94 18.21
C5 MAN N . 13.36 -35.35 17.84
C6 MAN N . 14.54 -35.80 18.70
O2 MAN N . 9.94 -34.61 18.86
O3 MAN N . 11.05 -32.32 17.81
O4 MAN N . 13.84 -32.95 17.90
O5 MAN N . 12.27 -36.34 18.01
O6 MAN N . 15.66 -34.93 18.50
H1 MAN N . 10.28 -36.83 17.57
H2 MAN N . 9.69 -34.47 16.81
H3 MAN N . 11.86 -33.55 16.33
H4 MAN N . 12.58 -33.92 19.26
H5 MAN N . 13.67 -35.35 16.79
H61 MAN N . 14.25 -35.78 19.75
H62 MAN N . 14.82 -36.82 18.44
HO2 MAN N . 9.25 -35.27 18.97
HO3 MAN N . 10.29 -32.10 17.25
HO4 MAN N . 14.71 -33.33 18.04
HO6 MAN N . 16.17 -34.86 19.31
C1 NAG O . 33.25 -40.84 -12.34
C2 NAG O . 34.04 -40.69 -13.65
C3 NAG O . 35.09 -41.78 -13.75
C4 NAG O . 36.01 -41.80 -12.53
C5 NAG O . 35.24 -41.54 -11.25
C6 NAG O . 36.13 -41.12 -10.10
C7 NAG O . 32.87 -39.66 -15.57
C8 NAG O . 31.90 -39.91 -16.67
N2 NAG O . 33.16 -40.71 -14.80
O3 NAG O . 35.84 -41.58 -14.93
O4 NAG O . 36.62 -43.09 -12.45
O5 NAG O . 34.27 -40.48 -11.42
O6 NAG O . 35.38 -40.91 -8.91
O7 NAG O . 33.38 -38.56 -15.38
H1 NAG O . 32.95 -41.88 -12.20
H2 NAG O . 34.54 -39.72 -13.64
H3 NAG O . 34.59 -42.75 -13.81
H4 NAG O . 36.79 -41.04 -12.65
H5 NAG O . 34.71 -42.45 -10.96
H61 NAG O . 36.87 -41.90 -9.92
H62 NAG O . 36.64 -40.19 -10.38
H81 NAG O . 31.75 -38.98 -17.23
H82 NAG O . 30.95 -40.24 -16.26
H83 NAG O . 32.29 -40.68 -17.34
HN2 NAG O . 32.73 -41.61 -15.04
HO3 NAG O . 36.77 -41.44 -14.72
HO6 NAG O . 35.97 -40.64 -8.21
C1 NAG O . 38.06 -43.15 -12.59
C2 NAG O . 38.50 -44.62 -12.37
C3 NAG O . 40.02 -44.78 -12.61
C4 NAG O . 40.40 -44.25 -14.00
C5 NAG O . 39.97 -42.79 -14.17
C6 NAG O . 40.24 -42.22 -15.57
C7 NAG O . 37.22 -45.96 -10.77
C8 NAG O . 36.98 -46.28 -9.29
N2 NAG O . 38.17 -45.06 -11.02
O3 NAG O . 40.41 -46.17 -12.50
O4 NAG O . 41.84 -44.36 -14.12
O5 NAG O . 38.51 -42.70 -13.92
O6 NAG O . 41.66 -42.08 -15.75
O7 NAG O . 36.57 -46.51 -11.65
H1 NAG O . 38.52 -42.52 -11.84
H2 NAG O . 37.97 -45.24 -13.09
H3 NAG O . 40.54 -44.20 -11.86
H4 NAG O . 39.92 -44.86 -14.77
H5 NAG O . 40.48 -42.17 -13.43
H61 NAG O . 39.85 -42.90 -16.31
H62 NAG O . 39.76 -41.25 -15.67
H81 NAG O . 36.19 -47.02 -9.19
H82 NAG O . 36.69 -45.37 -8.75
H83 NAG O . 37.90 -46.67 -8.85
HN2 NAG O . 38.68 -44.68 -10.24
HO3 NAG O . 40.17 -46.51 -11.63
HO4 NAG O . 42.17 -43.64 -14.66
HO6 NAG O . 41.87 -42.13 -16.68
C1 NAG P . 3.77 -28.60 -31.78
C2 NAG P . 2.75 -29.59 -32.36
C3 NAG P . 1.91 -28.90 -33.44
C4 NAG P . 1.22 -27.66 -32.88
C5 NAG P . 2.24 -26.82 -32.13
C6 NAG P . 1.61 -25.68 -31.35
C7 NAG P . 4.20 -30.89 -33.86
C8 NAG P . 4.71 -32.26 -34.19
N2 NAG P . 3.39 -30.80 -32.81
O3 NAG P . 0.96 -29.82 -33.95
O4 NAG P . 0.64 -26.91 -33.96
O5 NAG P . 2.94 -27.63 -31.16
O6 NAG P . 0.70 -26.16 -30.37
O7 NAG P . 4.54 -29.91 -34.53
H1 NAG P . 4.38 -28.17 -32.57
H2 NAG P . 2.07 -29.86 -31.54
H3 NAG P . 2.57 -28.60 -34.25
H4 NAG P . 0.42 -27.97 -32.19
H5 NAG P . 2.96 -26.40 -32.84
H61 NAG P . 1.09 -25.03 -32.04
H62 NAG P . 2.40 -25.11 -30.86
H81 NAG P . 5.36 -32.23 -35.06
H82 NAG P . 3.86 -32.92 -34.39
H83 NAG P . 5.27 -32.66 -33.33
HN2 NAG P . 3.21 -31.65 -32.28
HO3 NAG P . 0.39 -29.38 -34.58
HO6 NAG P . 0.32 -25.42 -29.89
C1 NAG P . -0.81 -27.12 -34.15
C2 NAG P . -1.56 -25.81 -34.43
C3 NAG P . -3.06 -26.10 -34.56
C4 NAG P . -3.33 -27.16 -35.61
C5 NAG P . -2.46 -28.38 -35.28
C6 NAG P . -2.53 -29.50 -36.28
C7 NAG P . -0.57 -23.73 -33.57
C8 NAG P . -0.52 -22.80 -32.40
N2 NAG P . -1.29 -24.84 -33.40
O3 NAG P . -3.75 -24.89 -34.86
O4 NAG P . -4.73 -27.48 -35.59
O5 NAG P . -1.09 -27.95 -35.26
O6 NAG P . -2.08 -29.08 -37.57
O7 NAG P . 0.02 -23.49 -34.61
H1 NAG P . -1.22 -27.57 -33.25
H2 NAG P . -1.20 -25.41 -35.39
H3 NAG P . -3.42 -26.46 -33.60
H4 NAG P . -3.06 -26.78 -36.59
H5 NAG P . -2.74 -28.75 -34.30
H61 NAG P . -1.89 -30.32 -35.95
H62 NAG P . -3.55 -29.86 -36.36
H81 NAG P . 0.10 -21.93 -32.65
H82 NAG P . -1.53 -22.46 -32.15
H83 NAG P . -0.09 -23.31 -31.54
HN2 NAG P . -1.69 -25.00 -32.48
HO3 NAG P . -3.95 -24.86 -35.80
HO6 NAG P . -2.73 -28.47 -37.95
C1 BMA P . -5.50 -27.62 -36.83
C2 BMA P . -5.93 -26.31 -37.51
C3 BMA P . -6.79 -26.62 -38.74
C4 BMA P . -6.07 -27.56 -39.71
C5 BMA P . -5.58 -28.85 -39.00
C6 BMA P . -4.73 -29.73 -39.91
O2 BMA P . -4.77 -25.55 -37.95
O3 BMA P . -7.11 -25.37 -39.42
O4 BMA P . -6.99 -27.93 -40.77
O5 BMA P . -4.79 -28.50 -37.80
O6 BMA P . -4.34 -30.91 -39.17
H1 BMA P . -6.42 -28.14 -36.57
H2 BMA P . -6.50 -25.70 -36.81
H3 BMA P . -7.71 -27.08 -38.41
H4 BMA P . -5.20 -27.06 -40.15
H5 BMA P . -6.46 -29.42 -38.68
H61 BMA P . -5.30 -30.02 -40.78
H62 BMA P . -3.84 -29.18 -40.21
HO2 BMA P . -4.20 -26.12 -38.48
HO3 BMA P . -7.64 -25.56 -40.19
HO4 BMA P . -6.56 -28.52 -41.39
HO6 BMA P . -3.79 -31.47 -39.74
C1 NAG Q . -10.04 -36.80 -14.55
C2 NAG Q . -9.65 -36.35 -13.15
C3 NAG Q . -10.08 -34.90 -12.93
C4 NAG Q . -9.43 -33.99 -13.96
C5 NAG Q . -9.60 -34.61 -15.35
C6 NAG Q . -8.75 -33.91 -16.40
C7 NAG Q . -9.47 -37.97 -11.31
C8 NAG Q . -10.24 -38.98 -10.51
N2 NAG Q . -10.21 -37.18 -12.10
O3 NAG Q . -9.74 -34.50 -11.61
O4 NAG Q . -10.04 -32.71 -13.91
O5 NAG Q . -9.20 -35.99 -15.35
O6 NAG Q . -8.95 -34.48 -17.68
O7 NAG Q . -8.27 -37.86 -11.23
H1 NAG Q . -11.08 -36.57 -14.75
H2 NAG Q . -8.56 -36.40 -13.07
H3 NAG Q . -11.17 -34.84 -13.05
H4 NAG Q . -8.37 -33.91 -13.74
H5 NAG Q . -10.65 -34.54 -15.65
H61 NAG Q . -9.03 -32.85 -16.43
H62 NAG Q . -7.70 -33.99 -16.13
H81 NAG Q . -9.54 -39.56 -9.90
H82 NAG Q . -10.95 -38.47 -9.86
H83 NAG Q . -10.77 -39.64 -11.18
HN2 NAG Q . -11.21 -37.16 -11.96
HO3 NAG Q . -9.50 -33.57 -11.61
HO6 NAG Q . -8.41 -34.02 -18.33
C1 NAG Q . -9.22 -31.65 -13.30
C2 NAG Q . -9.58 -30.27 -13.85
C3 NAG Q . -8.70 -29.18 -13.23
C4 NAG Q . -8.65 -29.27 -11.71
C5 NAG Q . -8.36 -30.71 -11.31
C6 NAG Q . -8.40 -30.97 -9.81
C7 NAG Q . -10.48 -30.27 -16.14
C8 NAG Q . -10.14 -30.42 -17.59
N2 NAG Q . -9.45 -30.30 -15.30
O3 NAG Q . -9.20 -27.92 -13.65
O4 NAG Q . -7.61 -28.43 -11.20
O5 NAG Q . -9.38 -31.55 -11.89
O6 NAG Q . -7.33 -30.33 -9.14
O7 NAG Q . -11.65 -30.16 -15.77
H1 NAG Q . -8.17 -31.85 -13.51
H2 NAG Q . -10.62 -30.06 -13.60
H3 NAG Q . -7.69 -29.29 -13.62
H4 NAG Q . -9.61 -28.95 -11.30
H5 NAG Q . -7.39 -31.01 -11.69
H61 NAG Q . -9.35 -30.58 -9.42
H62 NAG Q . -8.35 -32.04 -9.64
H81 NAG Q . -11.04 -30.38 -18.19
H82 NAG Q . -9.48 -29.59 -17.88
H83 NAG Q . -9.63 -31.37 -17.76
HN2 NAG Q . -8.52 -30.34 -15.69
HO3 NAG Q . -9.17 -27.85 -14.61
HO6 NAG Q . -7.54 -29.40 -9.00
C1 BMA Q . -7.94 -27.06 -10.82
C2 BMA Q . -8.74 -27.00 -9.50
C3 BMA Q . -8.90 -25.56 -9.00
C4 BMA Q . -7.56 -24.80 -8.95
C5 BMA Q . -6.84 -24.88 -10.31
C6 BMA Q . -5.44 -24.26 -10.31
O2 BMA Q . -8.08 -27.78 -8.48
O3 BMA Q . -9.49 -25.59 -7.68
O4 BMA Q . -7.85 -23.42 -8.64
O5 BMA Q . -6.70 -26.30 -10.67
O6 BMA Q . -5.54 -22.85 -10.03
H1 BMA Q . -8.54 -26.61 -11.61
H2 BMA Q . -9.74 -27.42 -9.68
H3 BMA Q . -9.57 -25.02 -9.67
H4 BMA Q . -6.92 -25.23 -8.18
H5 BMA Q . -7.45 -24.38 -11.07
H61 BMA Q . -4.83 -24.75 -9.55
H62 BMA Q . -4.98 -24.40 -11.29
HO2 BMA Q . -8.66 -27.88 -7.73
HO3 BMA Q . -9.59 -24.70 -7.34
HO4 BMA Q . -7.16 -22.85 -9.00
HO6 BMA Q . -4.75 -22.57 -9.54
C1 NAG R . -19.69 -42.68 -11.19
C2 NAG R . -21.12 -42.16 -11.14
C3 NAG R . -21.42 -41.16 -12.26
C4 NAG R . -20.36 -40.06 -12.27
C5 NAG R . -19.02 -40.76 -12.48
C6 NAG R . -17.85 -39.84 -12.60
C7 NAG R . -22.70 -43.72 -10.09
C8 NAG R . -23.30 -45.09 -10.21
N2 NAG R . -22.02 -43.30 -11.15
O3 NAG R . -22.72 -40.63 -12.09
O4 NAG R . -20.58 -39.10 -13.30
O5 NAG R . -18.81 -41.57 -11.31
O6 NAG R . -16.64 -40.57 -12.84
O7 NAG R . -22.82 -43.05 -9.07
H1 NAG R . -19.53 -43.42 -11.97
H2 NAG R . -21.26 -41.64 -10.19
H3 NAG R . -21.38 -41.69 -13.21
H4 NAG R . -20.36 -39.56 -11.30
H5 NAG R . -19.09 -41.40 -13.36
H61 NAG R . -18.01 -39.15 -13.43
H62 NAG R . -17.74 -39.26 -11.68
H81 NAG R . -23.84 -45.33 -9.28
H82 NAG R . -24.01 -45.10 -11.04
H83 NAG R . -22.52 -45.82 -10.38
HN2 NAG R . -22.13 -43.80 -12.02
HO3 NAG R . -23.03 -40.27 -12.93
HO6 NAG R . -16.80 -41.50 -12.67
C1 NAG R . -21.42 -37.92 -12.98
C2 NAG R . -20.65 -36.74 -12.39
C3 NAG R . -21.59 -35.59 -12.05
C4 NAG R . -22.43 -35.18 -13.26
C5 NAG R . -23.08 -36.43 -13.84
C6 NAG R . -23.80 -36.15 -15.14
C7 NAG R . -18.56 -37.02 -11.12
C8 NAG R . -17.99 -37.47 -9.80
N2 NAG R . -19.89 -37.04 -11.20
O3 NAG R . -20.84 -34.49 -11.57
O4 NAG R . -23.43 -34.26 -12.84
O5 NAG R . -22.07 -37.41 -14.13
O6 NAG R . -24.40 -37.33 -15.67
O7 NAG R . -17.84 -36.66 -12.04
H1 NAG R . -22.17 -38.23 -12.26
H2 NAG R . -19.94 -36.38 -13.15
H3 NAG R . -22.26 -35.93 -11.26
H4 NAG R . -21.79 -34.71 -13.99
H5 NAG R . -23.79 -36.84 -13.13
H61 NAG R . -24.57 -35.41 -14.97
H62 NAG R . -23.09 -35.76 -15.87
H81 NAG R . -16.90 -37.41 -9.84
H82 NAG R . -18.29 -38.50 -9.60
H83 NAG R . -18.35 -36.83 -9.01
HN2 NAG R . -20.41 -37.28 -10.36
HO3 NAG R . -20.87 -33.78 -12.21
HO6 NAG R . -24.86 -37.12 -16.48
C1 BMA R . -23.39 -32.93 -13.45
C2 BMA R . -24.72 -32.22 -13.18
C3 BMA R . -24.71 -30.86 -13.88
C4 BMA R . -23.53 -30.00 -13.40
C5 BMA R . -22.19 -30.74 -13.53
C6 BMA R . -21.04 -30.00 -12.84
O2 BMA R . -24.91 -32.02 -11.75
O3 BMA R . -25.98 -30.14 -13.60
O4 BMA R . -23.48 -28.81 -14.23
O5 BMA R . -22.28 -32.11 -12.93
O6 BMA R . -21.41 -29.70 -11.45
H1 BMA R . -23.26 -33.04 -14.52
H2 BMA R . -25.54 -32.82 -13.56
H3 BMA R . -24.63 -31.01 -14.96
H4 BMA R . -23.69 -29.71 -12.37
H5 BMA R . -21.95 -30.85 -14.58
H61 BMA R . -20.14 -30.62 -12.86
H62 BMA R . -20.84 -29.07 -13.37
HO2 BMA R . -24.91 -32.87 -11.31
HO4 BMA R . -22.74 -28.25 -13.94
C1 MAN R . -26.98 -30.26 -14.67
C2 MAN R . -28.08 -29.19 -14.47
C3 MAN R . -29.02 -29.54 -13.30
C4 MAN R . -29.59 -30.97 -13.42
C5 MAN R . -28.44 -31.99 -13.54
C6 MAN R . -28.92 -33.43 -13.78
O2 MAN R . -28.89 -29.08 -15.67
O3 MAN R . -30.10 -28.58 -13.28
O4 MAN R . -30.36 -31.23 -12.22
O5 MAN R . -27.56 -31.62 -14.67
O6 MAN R . -29.68 -33.89 -12.65
H1 MAN R . -26.50 -30.09 -15.63
H2 MAN R . -27.61 -28.23 -14.27
H3 MAN R . -28.45 -29.46 -12.38
H4 MAN R . -30.23 -31.03 -14.30
H5 MAN R . -27.85 -31.97 -12.62
H61 MAN R . -29.55 -33.46 -14.67
H62 MAN R . -28.05 -34.07 -13.93
HO2 MAN R . -28.32 -28.87 -16.42
HO3 MAN R . -29.76 -27.70 -13.15
HO4 MAN R . -30.36 -32.17 -12.04
HO6 MAN R . -30.35 -34.50 -12.95
C1 MAN R . -20.30 -29.20 -10.65
C2 MAN R . -20.75 -29.16 -9.17
C3 MAN R . -21.83 -28.09 -8.97
C4 MAN R . -21.38 -26.71 -9.45
C5 MAN R . -20.90 -26.75 -10.92
C6 MAN R . -20.22 -25.45 -11.37
O2 MAN R . -19.62 -28.86 -8.31
O3 MAN R . -22.15 -28.03 -7.55
O4 MAN R . -22.51 -25.81 -9.34
O5 MAN R . -19.91 -27.85 -11.10
O6 MAN R . -21.11 -24.32 -11.22
H1 MAN R . -19.44 -29.87 -10.75
H2 MAN R . -21.15 -30.13 -8.90
H3 MAN R . -22.73 -28.39 -9.52
H4 MAN R . -20.57 -26.35 -8.82
H5 MAN R . -21.76 -26.94 -11.56
H61 MAN R . -19.33 -25.28 -10.76
H62 MAN R . -19.92 -25.54 -12.42
HO2 MAN R . -18.94 -29.52 -8.43
HO3 MAN R . -22.47 -28.88 -7.26
HO4 MAN R . -22.36 -25.03 -9.89
HO6 MAN R . -20.62 -23.56 -10.92
C1 NAG S . -35.01 17.52 46.25
C2 NAG S . -35.41 18.71 45.33
C3 NAG S . -36.81 19.23 45.70
C4 NAG S . -37.84 18.08 45.75
C5 NAG S . -37.36 16.96 46.69
C6 NAG S . -38.31 15.75 46.76
C7 NAG S . -33.33 19.86 44.70
C8 NAG S . -32.48 21.13 44.82
N2 NAG S . -34.45 19.81 45.41
O3 NAG S . -37.28 20.21 44.73
O4 NAG S . -39.08 18.64 46.24
O5 NAG S . -36.06 16.49 46.19
O6 NAG S . -39.52 16.13 47.42
O7 NAG S . -32.99 18.91 43.99
H1 NAG S . -34.89 17.86 47.28
H2 NAG S . -35.44 18.35 44.31
H3 NAG S . -36.77 19.70 46.69
H4 NAG S . -37.99 17.69 44.76
H5 NAG S . -37.24 17.37 47.69
H61 NAG S . -38.54 15.42 45.74
H62 NAG S . -37.82 14.95 47.30
H81 NAG S . -31.59 21.03 44.20
H82 NAG S . -33.07 21.99 44.50
H83 NAG S . -32.18 21.27 45.86
HN2 NAG S . -34.65 20.59 46.03
HO3 NAG S . -36.65 20.94 44.69
HO4 NAG S . -39.53 17.98 46.77
HO6 NAG S . -40.24 15.58 47.12
C1 NAG T . 27.47 -41.52 -37.06
C2 NAG T . 28.98 -41.68 -36.70
C3 NAG T . 29.77 -42.18 -37.93
C4 NAG T . 29.15 -43.46 -38.50
C5 NAG T . 27.66 -43.28 -38.82
C6 NAG T . 26.95 -44.58 -39.25
C7 NAG T . 30.11 -40.23 -35.05
C8 NAG T . 30.59 -38.81 -34.73
N2 NAG T . 29.54 -40.40 -36.24
O3 NAG T . 31.15 -42.43 -37.59
O4 NAG T . 29.87 -43.78 -39.70
O5 NAG T . 26.96 -42.77 -37.62
O6 NAG T . 25.57 -44.30 -39.54
O7 NAG T . 30.20 -41.14 -34.24
H1 NAG T . 27.35 -40.72 -37.78
H2 NAG T . 29.08 -42.41 -35.90
H3 NAG T . 29.73 -41.40 -38.70
H4 NAG T . 29.27 -44.27 -37.78
H5 NAG T . 27.56 -42.54 -39.63
H61 NAG T . 27.44 -44.98 -40.13
H62 NAG T . 27.01 -45.29 -38.43
H81 NAG T . 31.03 -38.79 -33.74
H82 NAG T . 31.34 -38.52 -35.46
H83 NAG T . 29.75 -38.12 -34.77
HN2 NAG T . 29.50 -39.60 -36.87
HO3 NAG T . 31.55 -41.63 -37.24
HO4 NAG T . 29.52 -44.58 -40.09
HO6 NAG T . 25.13 -45.11 -39.79
#